data_5V3O
#
_entry.id   5V3O
#
_cell.length_a   111.029
_cell.length_b   126.886
_cell.length_c   172.487
_cell.angle_alpha   90.00
_cell.angle_beta   90.00
_cell.angle_gamma   90.00
#
_symmetry.space_group_name_H-M   'P 21 21 21'
#
loop_
_entity.id
_entity.type
_entity.pdbx_description
1 polymer 'DNA damage-binding protein 1'
2 polymer 'Protein cereblon'
3 non-polymer (3S)-3-[4-({4-[(morpholin-4-yl)methyl]phenyl}methoxy)-1-oxo-1,3-dihydro-2H-isoindol-2-yl]piperidine-2,6-dione
4 non-polymer 'ZINC ION'
#
loop_
_entity_poly.entity_id
_entity_poly.type
_entity_poly.pdbx_seq_one_letter_code
_entity_poly.pdbx_strand_id
1 'polypeptide(L)'
;MSYNYVVTAQKPTAVNGCVTGHFTSAEDLNLLIAKNTRLEIYVVTAEGLRPVKEVGMYGKIAVMELFRPKGESKDLLFIL
TAKYNACILEYKQSGESIDIITRAHGNVQDRIGRPSETGIIGIIDPECRMIGLRLYDGLFKVIPLDRDNKELKAFNIRLE
ELHVIDVKFLYGCQAPTICFVYQDPQGRHVKTYEVSLREKEFNKGPWKQENVEAEASMVIAVPEPFGGAIIIGQESITYH
NGDKYLAIAPPIIKQSTIVCHNRVDPNGSRYLLGDMEGRLFMLLLEKEEQMDGTVTLKDLRVELLGETSIAECLTYLDNG
VVFVGSRLGDSQLVKLNVDSNEQGSYVVAMETFTNLGPIVDMCVVDLERQGQGQLVTCSGAFKEGSLRIIRNGIGIHEHA
SIDLPGIKGLWPLRSDPNRETDDTLVLSFVGQTRVLMLNGEEVEETELMGFVDDQQTFFCGNVAHQQLIQITSASVRLVS
QEPKALVSEWKEPQAKNISVASCNSSQVVVAVGRALYYLQIHPQELRQISHTEMEHEVACLDITPLGDSNGLSPLCAIGL
WTDISARILKLPSFELLHKEMLGGEIIPRSILMTTFESSHYLLCALGDGALFYFGLNIETGLLSDRKKVTLGTQPTVLRT
FRSLSTTNVFACSDRPTVIYSSNHKLVFSNVNLKEVNYMCPLNSDGYPDSLALANNSTLTIGTIDEIQKLHIRTVPLYES
PRKICYQEVSQCFGVLSSRIEVQDTSGGTTALRPSASTQALSSSVSSSKLFSSSTAPHETSFGEEVEVHNLLIIDQHTFE
VLHAHQFLQNEYALSLVSCKLGKDPNTYFIVGTAMVYPEEAEPKQGRIVVFQYSDGKLQTVAEKEVKGAVYSMVEFNGKL
LASINSTVRLYEWTTEKELRTECNHYNNIMALYLKTKGDFILVGDLMRSVLLLAYKPMEGNFEEIARDFNPNWMSAVEIL
DDDNFLGAENAFNLFVCQKDSAATTDEERQHLQEVGLFHLGEFVNVFCHGSLVMQNLGETSTPTQGSVLFGTVNGMIGLV
TSLSESWYNLLLDMQNRLNKVIKSVGKIEHSFWRSFHTERKTEPATGFIDGDLIESFLDISRPKMQEVVANLQYDDGSGM
KREATADDLIKVVEELTRIH
;
A
2 'polypeptide(L)'
;GSMEAKKPNIINFDTSLPTSHTYLGADMEEFHGRTLHDDDSCQVIPVLPQVMMILIPGQTLPLQLFHPQEVSMVRNLIQK
DRTFAVLAYSNVQEREAQFGTTAEIYAYREEQDFGIEIVKVKAIGRQRFKVLELRTQSDGIQQAKVQILPECVLPSTMSA
VQLESLNKCQIFPSKPVSREDQCSYKWWQKYQKRKFHCANLTSWPRWLYSLYDAETLMDRIKKQLREWDENLKDDSLPSN
PIDFSYRVAACLPIDDVLRIQLLKIGSAIQRLRCELDIMNKCTSLCCKQCQETEITTKNEIFSLSLCGPMAAYVNPHGYV
HETLTVYKACNLNLIGRPSTEHSWFPGYAWTVAQCKICASHIGWKFTATKKDMSPQKFWGLTRSALLPTIPDTEDEISPD
KVILCL
;
C
#
# COMPACT_ATOMS: atom_id res chain seq x y z
N SER A 2 15.38 16.02 -7.22
CA SER A 2 13.88 15.88 -7.31
C SER A 2 13.25 16.31 -5.98
N TYR A 3 12.07 16.92 -6.11
CA TYR A 3 11.41 17.61 -5.03
C TYR A 3 9.94 17.23 -5.06
N ASN A 4 9.58 16.27 -4.23
CA ASN A 4 8.25 15.71 -4.25
C ASN A 4 7.40 16.10 -3.05
N TYR A 5 6.08 16.03 -3.27
CA TYR A 5 5.05 16.40 -2.29
C TYR A 5 4.08 15.21 -2.18
N VAL A 6 4.01 14.57 -1.00
CA VAL A 6 3.05 13.47 -0.76
C VAL A 6 1.94 13.91 0.18
N VAL A 7 0.73 13.58 -0.22
CA VAL A 7 -0.47 13.94 0.50
C VAL A 7 -1.48 12.79 0.51
N THR A 8 -2.29 12.75 1.56
CA THR A 8 -3.33 11.77 1.69
C THR A 8 -4.59 12.24 0.99
N ALA A 9 -5.02 11.48 0.00
CA ALA A 9 -6.31 11.70 -0.65
C ALA A 9 -7.41 11.05 0.14
N GLN A 10 -7.08 9.95 0.81
CA GLN A 10 -8.08 9.13 1.49
C GLN A 10 -7.42 8.38 2.63
N LYS A 11 -7.76 8.73 3.87
CA LYS A 11 -7.12 8.13 5.06
C LYS A 11 -7.33 6.62 5.05
N PRO A 12 -6.47 5.86 5.73
CA PRO A 12 -6.68 4.42 5.77
C PRO A 12 -8.02 4.08 6.38
N THR A 13 -8.67 3.06 5.81
CA THR A 13 -10.00 2.63 6.21
C THR A 13 -10.00 1.28 6.92
N ALA A 14 -8.95 0.50 6.77
CA ALA A 14 -8.90 -0.84 7.38
C ALA A 14 -8.74 -0.75 8.89
N VAL A 15 -9.59 -1.46 9.62
CA VAL A 15 -9.54 -1.45 11.10
C VAL A 15 -8.51 -2.46 11.50
N ASN A 16 -7.66 -2.10 12.46
CA ASN A 16 -6.70 -3.05 13.01
C ASN A 16 -6.67 -3.12 14.54
N GLY A 17 -7.64 -2.48 15.19
CA GLY A 17 -7.79 -2.58 16.64
C GLY A 17 -9.13 -2.00 17.03
N CYS A 18 -9.74 -2.58 18.04
CA CYS A 18 -11.04 -2.09 18.50
C CYS A 18 -11.14 -2.48 19.95
N VAL A 19 -11.19 -1.49 20.83
CA VAL A 19 -11.28 -1.73 22.26
C VAL A 19 -12.51 -0.97 22.78
N THR A 20 -13.11 -1.43 23.89
CA THR A 20 -14.13 -0.62 24.62
C THR A 20 -13.71 -0.29 26.03
N GLY A 21 -14.40 0.70 26.60
CA GLY A 21 -14.13 1.17 27.96
C GLY A 21 -14.74 2.54 28.23
N HIS A 22 -14.23 3.21 29.26
CA HIS A 22 -14.80 4.45 29.78
C HIS A 22 -13.77 5.57 29.75
N PHE A 23 -13.61 6.11 28.55
CA PHE A 23 -12.51 6.99 28.16
C PHE A 23 -12.91 8.46 28.20
N THR A 24 -14.11 8.78 27.67
CA THR A 24 -14.58 10.17 27.54
C THR A 24 -15.15 10.69 28.86
N SER A 25 -16.01 9.87 29.46
CA SER A 25 -16.42 10.01 30.86
C SER A 25 -16.41 8.61 31.49
N ALA A 26 -16.55 8.54 32.81
CA ALA A 26 -16.75 7.26 33.51
C ALA A 26 -18.16 6.75 33.31
N GLU A 27 -19.10 7.68 33.13
CA GLU A 27 -20.52 7.38 32.90
C GLU A 27 -20.86 7.01 31.42
N ASP A 28 -19.95 7.34 30.48
CA ASP A 28 -20.09 6.97 29.04
C ASP A 28 -19.41 5.64 28.70
N LEU A 29 -20.03 4.85 27.82
CA LEU A 29 -19.38 3.69 27.20
C LEU A 29 -18.83 4.07 25.81
N ASN A 30 -17.51 3.91 25.65
CA ASN A 30 -16.83 4.25 24.42
C ASN A 30 -16.38 3.04 23.64
N LEU A 31 -16.35 3.20 22.31
CA LEU A 31 -15.69 2.28 21.38
C LEU A 31 -14.54 3.05 20.72
N LEU A 32 -13.30 2.61 20.97
CA LEU A 32 -12.13 3.20 20.32
C LEU A 32 -11.69 2.29 19.17
N ILE A 33 -11.36 2.88 18.02
CA ILE A 33 -11.01 2.11 16.82
C ILE A 33 -9.70 2.62 16.28
N ALA A 34 -8.84 1.69 15.93
CA ALA A 34 -7.55 2.01 15.33
C ALA A 34 -7.55 1.66 13.82
N LYS A 35 -7.24 2.68 13.01
CA LYS A 35 -7.10 2.54 11.56
C LYS A 35 -5.71 2.98 11.18
N ASN A 36 -4.73 2.18 11.58
CA ASN A 36 -3.32 2.44 11.36
C ASN A 36 -2.81 3.68 12.11
N THR A 37 -2.83 4.85 11.45
CA THR A 37 -2.35 6.10 12.06
C THR A 37 -3.50 6.94 12.65
N ARG A 38 -4.74 6.47 12.51
CA ARG A 38 -5.91 7.21 12.92
C ARG A 38 -6.50 6.54 14.12
N LEU A 39 -7.05 7.37 15.02
CA LEU A 39 -7.78 6.89 16.19
C LEU A 39 -9.16 7.54 16.22
N GLU A 40 -10.21 6.75 15.99
CA GLU A 40 -11.60 7.22 16.08
C GLU A 40 -12.05 6.91 17.48
N ILE A 41 -12.82 7.83 18.08
CA ILE A 41 -13.47 7.65 19.38
C ILE A 41 -14.97 7.88 19.27
N TYR A 42 -15.76 6.83 19.50
CA TYR A 42 -17.23 6.96 19.57
C TYR A 42 -17.75 6.81 21.01
N VAL A 43 -19.01 7.20 21.19
CA VAL A 43 -19.82 6.85 22.36
C VAL A 43 -20.89 5.90 21.88
N VAL A 44 -21.01 4.76 22.54
CA VAL A 44 -22.07 3.80 22.24
C VAL A 44 -23.41 4.38 22.71
N THR A 45 -24.42 4.28 21.84
CA THR A 45 -25.80 4.65 22.19
C THR A 45 -26.74 3.46 21.92
N ALA A 46 -27.99 3.61 22.32
CA ALA A 46 -29.05 2.72 21.85
C ALA A 46 -29.22 2.86 20.33
N GLU A 47 -29.31 4.11 19.86
CA GLU A 47 -29.45 4.43 18.43
C GLU A 47 -28.30 3.90 17.52
N GLY A 48 -27.09 3.71 18.08
CA GLY A 48 -25.93 3.18 17.35
C GLY A 48 -24.60 3.65 17.90
N LEU A 49 -23.75 4.23 17.06
CA LEU A 49 -22.43 4.78 17.47
C LEU A 49 -22.34 6.28 17.22
N ARG A 50 -22.28 7.08 18.30
CA ARG A 50 -22.09 8.54 18.17
C ARG A 50 -20.60 8.90 18.09
N PRO A 51 -20.17 9.48 16.95
CA PRO A 51 -18.78 9.87 16.83
C PRO A 51 -18.52 11.12 17.64
N VAL A 52 -17.30 11.29 18.11
CA VAL A 52 -16.98 12.28 19.13
C VAL A 52 -15.66 13.00 18.87
N LYS A 53 -14.60 12.22 18.69
CA LYS A 53 -13.28 12.77 18.45
C LYS A 53 -12.46 11.79 17.61
N GLU A 54 -11.90 12.31 16.53
CA GLU A 54 -11.00 11.56 15.66
C GLU A 54 -9.66 12.32 15.55
N VAL A 55 -8.55 11.59 15.64
CA VAL A 55 -7.21 12.18 15.60
C VAL A 55 -6.27 11.25 14.86
N GLY A 56 -5.26 11.86 14.24
CA GLY A 56 -4.12 11.15 13.73
C GLY A 56 -3.02 11.07 14.78
N MET A 57 -2.10 10.13 14.53
CA MET A 57 -0.82 10.03 15.21
C MET A 57 0.29 10.03 14.18
N TYR A 58 1.49 10.33 14.67
CA TYR A 58 2.70 10.26 13.88
C TYR A 58 3.32 8.90 14.17
N GLY A 59 2.56 7.86 13.83
CA GLY A 59 2.87 6.52 14.27
C GLY A 59 1.85 5.53 13.76
N LYS A 60 2.28 4.28 13.61
CA LYS A 60 1.39 3.17 13.30
C LYS A 60 0.95 2.55 14.62
N ILE A 61 -0.31 2.67 14.96
CA ILE A 61 -0.80 2.12 16.22
C ILE A 61 -0.61 0.62 16.19
N ALA A 62 0.23 0.10 17.09
CA ALA A 62 0.52 -1.34 17.20
C ALA A 62 -0.07 -1.99 18.48
N VAL A 63 -0.21 -1.21 19.54
CA VAL A 63 -0.89 -1.62 20.77
C VAL A 63 -1.88 -0.52 21.15
N MET A 64 -3.03 -0.92 21.64
CA MET A 64 -4.06 0.01 22.06
C MET A 64 -4.87 -0.63 23.17
N GLU A 65 -4.62 -0.20 24.41
CA GLU A 65 -5.32 -0.75 25.57
C GLU A 65 -5.79 0.32 26.52
N LEU A 66 -7.04 0.22 26.99
CA LEU A 66 -7.59 1.11 28.00
C LEU A 66 -7.35 0.53 29.38
N PHE A 67 -7.03 1.40 30.34
CA PHE A 67 -6.79 0.99 31.72
C PHE A 67 -7.18 2.14 32.65
N ARG A 68 -7.47 1.81 33.90
CA ARG A 68 -7.81 2.82 34.92
C ARG A 68 -6.91 2.61 36.14
N PRO A 69 -5.84 3.43 36.28
CA PRO A 69 -4.98 3.28 37.46
C PRO A 69 -5.67 3.78 38.72
N LYS A 70 -5.15 3.38 39.89
CA LYS A 70 -5.82 3.61 41.17
C LYS A 70 -6.07 5.09 41.40
N GLY A 71 -7.34 5.46 41.57
CA GLY A 71 -7.74 6.84 41.86
C GLY A 71 -7.69 7.79 40.67
N GLU A 72 -8.35 7.38 39.60
CA GLU A 72 -8.52 8.19 38.40
C GLU A 72 -10.02 8.15 38.07
N SER A 73 -10.60 9.30 37.78
CA SER A 73 -12.05 9.38 37.56
C SER A 73 -12.50 8.46 36.42
N LYS A 74 -11.71 8.45 35.34
CA LYS A 74 -12.02 7.73 34.09
C LYS A 74 -10.80 6.99 33.54
N ASP A 75 -11.02 6.17 32.50
CA ASP A 75 -9.96 5.37 31.85
C ASP A 75 -8.97 6.21 31.05
N LEU A 76 -7.72 5.75 31.07
CA LEU A 76 -6.64 6.30 30.26
C LEU A 76 -6.32 5.26 29.22
N LEU A 77 -5.78 5.74 28.11
CA LEU A 77 -5.49 4.90 26.96
C LEU A 77 -3.98 4.73 26.83
N PHE A 78 -3.52 3.49 26.72
CA PHE A 78 -2.12 3.22 26.37
C PHE A 78 -2.02 2.85 24.90
N ILE A 79 -1.10 3.51 24.20
CA ILE A 79 -0.81 3.21 22.81
C ILE A 79 0.70 3.06 22.64
N LEU A 80 1.08 2.08 21.82
CA LEU A 80 2.47 1.90 21.42
C LEU A 80 2.50 1.81 19.90
N THR A 81 3.39 2.56 19.26
CA THR A 81 3.49 2.51 17.80
C THR A 81 4.49 1.45 17.35
N ALA A 82 4.54 1.25 16.04
CA ALA A 82 5.49 0.34 15.41
C ALA A 82 6.94 0.77 15.54
N LYS A 83 7.18 2.08 15.68
CA LYS A 83 8.54 2.55 15.95
C LYS A 83 8.88 2.64 17.45
N TYR A 84 8.07 1.97 18.27
CA TYR A 84 8.27 1.88 19.72
C TYR A 84 8.08 3.22 20.45
N ASN A 85 7.18 4.06 19.91
CA ASN A 85 6.65 5.24 20.61
C ASN A 85 5.55 4.82 21.58
N ALA A 86 5.82 4.89 22.87
CA ALA A 86 4.81 4.60 23.88
C ALA A 86 4.23 5.90 24.35
N CYS A 87 2.92 5.91 24.59
CA CYS A 87 2.28 7.05 25.24
C CYS A 87 1.10 6.62 26.08
N ILE A 88 0.83 7.39 27.14
CA ILE A 88 -0.42 7.31 27.89
C ILE A 88 -1.24 8.56 27.59
N LEU A 89 -2.49 8.37 27.17
CA LEU A 89 -3.33 9.47 26.70
C LEU A 89 -4.58 9.63 27.54
N GLU A 90 -5.02 10.88 27.66
CA GLU A 90 -6.26 11.25 28.34
C GLU A 90 -7.15 12.16 27.48
N TYR A 91 -8.46 11.93 27.59
CA TYR A 91 -9.49 12.71 26.90
C TYR A 91 -9.81 13.96 27.72
N LYS A 92 -9.70 15.13 27.10
CA LYS A 92 -9.87 16.42 27.77
C LYS A 92 -10.88 17.30 27.07
N GLN A 93 -12.07 17.40 27.67
CA GLN A 93 -13.06 18.36 27.22
C GLN A 93 -12.88 19.63 28.04
N SER A 94 -12.51 20.70 27.36
CA SER A 94 -12.39 22.02 27.95
C SER A 94 -13.39 22.89 27.22
N GLY A 95 -14.56 23.06 27.83
CA GLY A 95 -15.65 23.84 27.27
C GLY A 95 -16.29 23.13 26.10
N GLU A 96 -16.33 23.80 24.96
CA GLU A 96 -16.92 23.26 23.73
C GLU A 96 -15.86 22.64 22.79
N SER A 97 -14.61 22.52 23.25
CA SER A 97 -13.56 21.85 22.47
C SER A 97 -13.04 20.57 23.16
N ILE A 98 -12.60 19.61 22.33
CA ILE A 98 -12.17 18.28 22.76
C ILE A 98 -10.69 18.16 22.39
N ASP A 99 -9.91 17.52 23.26
CA ASP A 99 -8.45 17.36 23.09
C ASP A 99 -7.92 16.10 23.74
N ILE A 100 -6.91 15.48 23.12
CA ILE A 100 -6.31 14.26 23.63
C ILE A 100 -4.90 14.59 24.14
N ILE A 101 -4.84 14.80 25.44
CA ILE A 101 -3.62 15.25 26.09
C ILE A 101 -2.78 14.02 26.43
N THR A 102 -1.47 14.24 26.53
CA THR A 102 -0.48 13.19 26.72
C THR A 102 0.08 13.23 28.13
N ARG A 103 -0.42 12.32 28.95
CA ARG A 103 0.02 12.21 30.34
C ARG A 103 1.45 11.69 30.48
N ALA A 104 1.89 10.86 29.55
CA ALA A 104 3.22 10.28 29.60
C ALA A 104 3.63 9.81 28.21
N HIS A 105 4.93 9.78 27.96
CA HIS A 105 5.43 9.32 26.68
C HIS A 105 6.93 9.05 26.73
N GLY A 106 7.33 7.98 26.06
CA GLY A 106 8.73 7.71 25.82
C GLY A 106 8.93 6.61 24.82
N ASN A 107 10.11 6.56 24.23
CA ASN A 107 10.42 5.53 23.22
C ASN A 107 11.04 4.27 23.83
N VAL A 108 10.26 3.19 23.87
CA VAL A 108 10.64 1.96 24.59
C VAL A 108 11.55 0.98 23.84
N GLN A 109 12.19 1.45 22.77
CA GLN A 109 13.11 0.64 21.96
C GLN A 109 14.37 0.20 22.72
N ASP A 110 14.96 -0.93 22.30
CA ASP A 110 16.32 -1.36 22.73
C ASP A 110 17.33 -1.36 21.56
N ARG A 111 18.52 -0.78 21.78
CA ARG A 111 19.59 -0.67 20.76
C ARG A 111 19.91 -2.01 20.07
N ILE A 112 20.22 -3.02 20.88
CA ILE A 112 20.40 -4.40 20.43
C ILE A 112 19.11 -5.17 20.70
N GLY A 113 18.46 -5.69 19.64
CA GLY A 113 17.26 -6.53 19.79
C GLY A 113 16.73 -7.19 18.50
N ARG A 114 16.50 -8.51 18.56
CA ARG A 114 15.86 -9.27 17.45
C ARG A 114 14.34 -9.26 17.67
N PRO A 115 13.58 -8.53 16.81
CA PRO A 115 12.14 -8.43 17.04
C PRO A 115 11.43 -9.77 16.89
N SER A 116 10.51 -10.06 17.80
CA SER A 116 9.90 -11.38 17.89
C SER A 116 9.08 -11.78 16.66
N GLU A 117 9.03 -13.08 16.37
CA GLU A 117 8.32 -13.59 15.19
C GLU A 117 6.82 -13.50 15.34
N THR A 118 6.33 -13.41 16.58
CA THR A 118 4.90 -13.17 16.83
C THR A 118 4.58 -11.68 17.06
N GLY A 119 5.47 -10.82 16.61
CA GLY A 119 5.26 -9.37 16.65
C GLY A 119 5.29 -8.73 18.02
N ILE A 120 4.88 -7.47 18.05
CA ILE A 120 4.73 -6.73 19.28
C ILE A 120 3.55 -7.30 20.03
N ILE A 121 3.71 -7.53 21.33
CA ILE A 121 2.59 -7.86 22.21
C ILE A 121 2.66 -6.94 23.39
N GLY A 122 1.51 -6.34 23.74
CA GLY A 122 1.41 -5.34 24.83
C GLY A 122 0.24 -5.61 25.75
N ILE A 123 0.50 -5.64 27.06
CA ILE A 123 -0.47 -6.11 28.06
C ILE A 123 -0.35 -5.34 29.37
N ILE A 124 -1.48 -5.19 30.06
CA ILE A 124 -1.53 -4.46 31.33
C ILE A 124 -2.17 -5.36 32.38
N ASP A 125 -1.60 -5.42 33.58
CA ASP A 125 -2.15 -6.26 34.66
C ASP A 125 -3.46 -5.65 35.18
N PRO A 126 -4.38 -6.47 35.73
CA PRO A 126 -5.70 -5.97 36.10
C PRO A 126 -5.73 -5.02 37.31
N GLU A 127 -4.68 -5.01 38.13
CA GLU A 127 -4.50 -3.98 39.16
C GLU A 127 -4.00 -2.63 38.62
N CYS A 128 -3.47 -2.63 37.39
CA CYS A 128 -2.82 -1.46 36.75
C CYS A 128 -1.53 -1.01 37.46
N ARG A 129 -0.78 -1.99 37.97
CA ARG A 129 0.56 -1.74 38.47
C ARG A 129 1.56 -1.51 37.36
N MET A 130 1.41 -2.22 36.24
CA MET A 130 2.42 -2.17 35.18
C MET A 130 1.89 -2.52 33.79
N ILE A 131 2.74 -2.22 32.81
CA ILE A 131 2.55 -2.58 31.41
C ILE A 131 3.67 -3.53 30.97
N GLY A 132 3.30 -4.70 30.49
CA GLY A 132 4.24 -5.64 29.85
C GLY A 132 4.31 -5.49 28.32
N LEU A 133 5.53 -5.44 27.78
CA LEU A 133 5.75 -5.39 26.34
C LEU A 133 6.73 -6.49 25.92
N ARG A 134 6.24 -7.44 25.14
CA ARG A 134 7.10 -8.40 24.49
C ARG A 134 7.52 -7.86 23.12
N LEU A 135 8.63 -7.14 23.09
CA LEU A 135 9.12 -6.56 21.86
C LEU A 135 10.13 -7.46 21.15
N TYR A 136 11.04 -8.02 21.93
CA TYR A 136 12.14 -8.83 21.40
C TYR A 136 12.20 -10.23 22.02
N ASP A 137 12.85 -11.14 21.30
CA ASP A 137 13.13 -12.48 21.80
C ASP A 137 14.09 -12.41 22.97
N GLY A 138 13.82 -13.23 23.98
CA GLY A 138 14.67 -13.29 25.17
C GLY A 138 14.53 -12.15 26.16
N LEU A 139 13.52 -11.29 25.98
CA LEU A 139 13.31 -10.10 26.84
C LEU A 139 11.81 -9.83 27.10
N PHE A 140 11.53 -9.28 28.28
CA PHE A 140 10.18 -8.85 28.68
C PHE A 140 10.26 -7.46 29.31
N LYS A 141 9.90 -6.44 28.55
CA LYS A 141 9.97 -5.06 29.04
C LYS A 141 8.83 -4.74 30.00
N VAL A 142 9.13 -4.03 31.08
CA VAL A 142 8.14 -3.68 32.09
C VAL A 142 8.20 -2.19 32.34
N ILE A 143 7.05 -1.54 32.22
CA ILE A 143 6.88 -0.12 32.53
C ILE A 143 6.02 -0.03 33.79
N PRO A 144 6.62 0.31 34.96
CA PRO A 144 5.78 0.42 36.15
C PRO A 144 4.88 1.64 36.07
N LEU A 145 3.67 1.53 36.62
CA LEU A 145 2.70 2.65 36.61
C LEU A 145 2.63 3.37 37.95
N ASP A 146 3.81 3.72 38.44
CA ASP A 146 3.96 4.70 39.51
C ASP A 146 3.62 6.04 38.85
N ARG A 147 2.68 6.78 39.43
CA ARG A 147 2.13 8.02 38.82
C ARG A 147 3.17 9.10 38.51
N ASP A 148 4.29 9.09 39.23
CA ASP A 148 5.42 9.96 38.93
C ASP A 148 6.17 9.66 37.60
N ASN A 149 5.93 8.48 37.01
CA ASN A 149 6.64 8.03 35.78
C ASN A 149 6.10 8.64 34.46
N LYS A 150 6.31 9.94 34.31
CA LYS A 150 5.85 10.67 33.13
C LYS A 150 6.71 10.38 31.88
N GLU A 151 7.96 9.94 32.06
CA GLU A 151 8.87 9.62 30.93
C GLU A 151 8.84 8.14 30.47
N LEU A 152 7.98 7.34 31.11
CA LEU A 152 7.81 5.91 30.80
C LEU A 152 9.15 5.16 30.82
N LYS A 153 9.98 5.53 31.81
CA LYS A 153 11.21 4.81 32.09
C LYS A 153 10.79 3.39 32.51
N ALA A 154 11.60 2.39 32.13
CA ALA A 154 11.18 1.00 32.18
C ALA A 154 12.38 0.06 32.22
N PHE A 155 12.19 -1.12 32.82
CA PHE A 155 13.25 -2.16 32.87
C PHE A 155 12.92 -3.39 32.01
N ASN A 156 13.96 -4.18 31.75
CA ASN A 156 13.83 -5.45 31.07
C ASN A 156 14.02 -6.60 32.07
N ILE A 157 13.52 -7.77 31.70
CA ILE A 157 13.77 -9.03 32.41
C ILE A 157 14.09 -10.06 31.34
N ARG A 158 15.18 -10.79 31.50
CA ARG A 158 15.50 -11.88 30.58
C ARG A 158 14.47 -13.01 30.78
N LEU A 159 13.85 -13.45 29.69
CA LEU A 159 13.13 -14.73 29.62
C LEU A 159 14.12 -15.79 29.16
N GLU A 160 14.00 -16.99 29.71
CA GLU A 160 14.69 -18.14 29.13
C GLU A 160 14.12 -18.47 27.75
N GLU A 161 12.80 -18.43 27.63
CA GLU A 161 12.09 -19.01 26.50
C GLU A 161 12.12 -18.03 25.34
N LEU A 162 12.86 -18.39 24.29
CA LEU A 162 13.10 -17.49 23.15
C LEU A 162 11.98 -17.44 22.11
N HIS A 163 10.98 -18.33 22.18
CA HIS A 163 9.91 -18.36 21.16
C HIS A 163 8.50 -18.32 21.74
N VAL A 164 8.17 -17.19 22.37
CA VAL A 164 6.86 -16.97 22.99
C VAL A 164 5.78 -16.66 21.94
N ILE A 165 4.64 -17.35 22.03
CA ILE A 165 3.54 -17.18 21.07
C ILE A 165 2.59 -16.04 21.48
N ASP A 166 1.77 -16.24 22.51
CA ASP A 166 0.89 -15.19 23.07
C ASP A 166 1.18 -15.06 24.58
N VAL A 167 0.65 -14.02 25.21
CA VAL A 167 0.84 -13.81 26.66
C VAL A 167 -0.22 -12.85 27.19
N LYS A 168 -0.71 -13.15 28.38
CA LYS A 168 -1.60 -12.27 29.11
C LYS A 168 -1.13 -12.08 30.53
N PHE A 169 -1.77 -11.15 31.23
CA PHE A 169 -1.71 -11.06 32.69
C PHE A 169 -2.97 -11.76 33.20
N LEU A 170 -2.83 -12.53 34.28
CA LEU A 170 -3.95 -13.25 34.90
C LEU A 170 -4.65 -12.40 35.96
N TYR A 171 -5.85 -12.85 36.33
CA TYR A 171 -6.64 -12.19 37.37
C TYR A 171 -6.53 -12.98 38.67
N GLY A 172 -6.89 -12.32 39.77
CA GLY A 172 -7.03 -12.97 41.08
C GLY A 172 -5.76 -13.62 41.59
N CYS A 173 -4.72 -12.81 41.79
CA CYS A 173 -3.43 -13.27 42.28
C CYS A 173 -2.87 -12.39 43.40
N GLN A 174 -2.17 -13.00 44.35
CA GLN A 174 -1.47 -12.29 45.44
C GLN A 174 -0.43 -11.30 44.90
N ALA A 175 0.15 -11.63 43.75
CA ALA A 175 1.05 -10.73 42.99
C ALA A 175 0.79 -10.82 41.47
N PRO A 176 1.07 -9.72 40.72
CA PRO A 176 1.05 -9.69 39.25
C PRO A 176 1.75 -10.87 38.59
N THR A 177 1.00 -11.58 37.74
CA THR A 177 1.40 -12.88 37.22
C THR A 177 1.05 -12.96 35.76
N ILE A 178 2.02 -13.33 34.93
CA ILE A 178 1.86 -13.45 33.46
C ILE A 178 1.88 -14.92 32.99
N CYS A 179 1.01 -15.24 32.04
CA CYS A 179 0.82 -16.60 31.53
C CYS A 179 1.05 -16.63 30.05
N PHE A 180 1.78 -17.63 29.53
CA PHE A 180 2.16 -17.64 28.10
C PHE A 180 2.55 -18.97 27.47
N VAL A 181 2.10 -19.17 26.23
CA VAL A 181 2.52 -20.31 25.41
C VAL A 181 3.87 -19.99 24.77
N TYR A 182 4.75 -20.98 24.70
CA TYR A 182 6.06 -20.83 24.06
C TYR A 182 6.42 -22.08 23.27
N GLN A 183 7.56 -22.06 22.58
CA GLN A 183 8.03 -23.24 21.88
C GLN A 183 9.55 -23.40 21.95
N ASP A 184 9.97 -24.60 22.35
CA ASP A 184 11.38 -25.05 22.32
C ASP A 184 11.46 -26.32 21.43
N PRO A 185 12.68 -26.83 21.15
CA PRO A 185 12.75 -28.02 20.28
C PRO A 185 12.12 -29.33 20.83
N GLN A 186 11.62 -29.33 22.07
CA GLN A 186 10.80 -30.42 22.61
C GLN A 186 9.34 -30.31 22.14
N GLY A 187 8.71 -29.15 22.36
CA GLY A 187 7.32 -28.92 21.90
C GLY A 187 6.75 -27.53 22.24
N ARG A 188 5.41 -27.43 22.31
CA ARG A 188 4.71 -26.21 22.75
C ARG A 188 4.10 -26.38 24.13
N HIS A 189 4.53 -25.55 25.08
CA HIS A 189 4.09 -25.63 26.48
C HIS A 189 3.58 -24.28 26.98
N VAL A 190 2.81 -24.31 28.07
CA VAL A 190 2.42 -23.07 28.78
C VAL A 190 3.13 -23.03 30.15
N LYS A 191 3.50 -21.82 30.55
CA LYS A 191 4.26 -21.53 31.77
C LYS A 191 3.65 -20.28 32.38
N THR A 192 3.98 -19.99 33.64
CA THR A 192 3.71 -18.67 34.23
C THR A 192 4.90 -18.18 35.04
N TYR A 193 5.08 -16.86 35.14
CA TYR A 193 5.93 -16.25 36.17
C TYR A 193 5.14 -15.23 36.95
N GLU A 194 5.69 -14.79 38.08
CA GLU A 194 5.22 -13.59 38.75
C GLU A 194 6.20 -12.45 38.45
N VAL A 195 5.76 -11.22 38.73
CA VAL A 195 6.55 -10.01 38.40
C VAL A 195 6.73 -9.09 39.61
N SER A 196 7.97 -8.99 40.09
CA SER A 196 8.32 -8.09 41.18
C SER A 196 9.07 -6.88 40.62
N LEU A 197 8.41 -5.73 40.69
CA LEU A 197 9.03 -4.43 40.36
C LEU A 197 10.11 -4.15 41.40
N ARG A 198 9.76 -4.49 42.62
CA ARG A 198 10.61 -4.40 43.81
C ARG A 198 11.99 -5.04 43.59
N GLU A 199 12.02 -6.18 42.88
CA GLU A 199 13.25 -6.91 42.53
C GLU A 199 13.71 -6.80 41.07
N LYS A 200 12.85 -6.28 40.18
CA LYS A 200 13.10 -6.19 38.73
C LYS A 200 13.50 -7.54 38.18
N GLU A 201 12.65 -8.54 38.47
CA GLU A 201 12.96 -9.91 38.18
C GLU A 201 11.71 -10.77 38.21
N PHE A 202 11.74 -11.88 37.47
CA PHE A 202 10.73 -12.92 37.55
C PHE A 202 10.98 -13.82 38.76
N ASN A 203 9.92 -14.04 39.55
CA ASN A 203 9.81 -15.23 40.39
C ASN A 203 8.99 -16.28 39.61
N LYS A 204 9.26 -17.56 39.87
CA LYS A 204 8.48 -18.64 39.27
C LYS A 204 7.06 -18.62 39.87
N GLY A 205 6.08 -19.00 39.06
CA GLY A 205 4.67 -18.76 39.37
C GLY A 205 3.77 -19.97 39.47
N PRO A 206 2.49 -19.73 39.83
CA PRO A 206 1.48 -20.72 40.21
C PRO A 206 1.46 -22.08 39.50
N TRP A 207 1.65 -22.12 38.18
CA TRP A 207 1.47 -23.39 37.44
C TRP A 207 2.19 -23.49 36.09
N LYS A 208 2.05 -24.65 35.44
CA LYS A 208 2.72 -24.95 34.17
C LYS A 208 2.03 -26.09 33.41
N GLN A 209 2.55 -26.38 32.21
CA GLN A 209 2.12 -27.50 31.37
C GLN A 209 3.07 -27.66 30.18
N ASN A 211 3.63 -30.11 27.42
CA ASN A 211 3.24 -30.31 26.02
C ASN A 211 1.73 -30.11 25.82
N VAL A 212 1.32 -28.86 25.55
CA VAL A 212 -0.05 -28.52 25.06
C VAL A 212 -0.06 -28.68 23.55
N GLU A 213 -1.25 -28.53 22.96
CA GLU A 213 -1.47 -28.82 21.52
C GLU A 213 -0.37 -28.28 20.61
N ALA A 214 0.01 -29.10 19.62
CA ALA A 214 1.02 -28.75 18.62
C ALA A 214 0.92 -27.32 18.12
N GLU A 215 -0.30 -26.91 17.77
CA GLU A 215 -0.58 -25.64 17.12
C GLU A 215 -1.46 -24.73 18.01
N ALA A 216 -1.15 -24.65 19.30
CA ALA A 216 -1.81 -23.70 20.22
C ALA A 216 -1.24 -22.27 20.00
N SER A 217 -2.12 -21.28 19.91
CA SER A 217 -1.71 -19.91 19.52
C SER A 217 -2.25 -18.76 20.39
N MET A 218 -3.50 -18.83 20.83
CA MET A 218 -4.13 -17.75 21.59
C MET A 218 -4.17 -18.04 23.08
N VAL A 219 -4.23 -16.98 23.89
CA VAL A 219 -4.30 -17.09 25.35
C VAL A 219 -5.37 -16.13 25.82
N ILE A 220 -6.18 -16.54 26.79
CA ILE A 220 -7.24 -15.68 27.33
C ILE A 220 -7.19 -15.70 28.85
N ALA A 221 -6.98 -14.52 29.44
CA ALA A 221 -7.03 -14.37 30.90
C ALA A 221 -8.49 -14.40 31.31
N VAL A 222 -8.83 -15.33 32.20
CA VAL A 222 -10.20 -15.45 32.68
C VAL A 222 -10.32 -14.52 33.87
N PRO A 223 -11.46 -13.81 34.01
CA PRO A 223 -11.62 -12.88 35.12
C PRO A 223 -11.91 -13.58 36.46
N GLU A 224 -12.12 -12.75 37.49
CA GLU A 224 -11.99 -13.19 38.89
C GLU A 224 -13.05 -14.14 39.48
N PRO A 225 -14.25 -14.20 38.89
CA PRO A 225 -15.19 -15.24 39.32
C PRO A 225 -14.61 -16.67 39.35
N PHE A 226 -13.89 -17.08 38.30
CA PHE A 226 -13.12 -18.33 38.32
C PHE A 226 -11.65 -17.97 38.52
N GLY A 227 -11.06 -17.33 37.51
CA GLY A 227 -9.61 -17.19 37.36
C GLY A 227 -9.12 -18.17 36.31
N GLY A 228 -7.83 -18.10 35.98
CA GLY A 228 -7.16 -19.06 35.08
C GLY A 228 -6.98 -18.60 33.65
N ALA A 229 -6.70 -19.55 32.75
CA ALA A 229 -6.44 -19.24 31.33
C ALA A 229 -7.01 -20.26 30.31
N ILE A 230 -7.69 -19.74 29.29
CA ILE A 230 -8.15 -20.51 28.12
C ILE A 230 -7.11 -20.44 27.00
N ILE A 231 -6.88 -21.55 26.31
CA ILE A 231 -5.83 -21.63 25.30
C ILE A 231 -6.46 -22.23 24.05
N ILE A 232 -6.55 -21.44 22.99
CA ILE A 232 -7.16 -21.88 21.73
C ILE A 232 -6.09 -22.34 20.74
N GLY A 233 -6.42 -23.37 19.96
CA GLY A 233 -5.56 -23.87 18.86
C GLY A 233 -6.37 -24.15 17.62
N GLN A 234 -5.89 -25.10 16.81
CA GLN A 234 -6.58 -25.53 15.57
C GLN A 234 -7.76 -26.41 15.93
N GLU A 235 -7.45 -27.43 16.73
CA GLU A 235 -8.36 -28.52 17.05
C GLU A 235 -8.92 -28.44 18.49
N SER A 236 -8.20 -27.81 19.41
CA SER A 236 -8.59 -27.82 20.84
C SER A 236 -8.87 -26.44 21.44
N ILE A 237 -9.57 -26.46 22.58
CA ILE A 237 -9.80 -25.29 23.42
C ILE A 237 -9.66 -25.80 24.86
N THR A 238 -8.65 -25.30 25.55
CA THR A 238 -8.20 -25.87 26.80
C THR A 238 -8.25 -24.81 27.89
N TYR A 239 -8.97 -25.08 28.97
CA TYR A 239 -8.88 -24.26 30.16
C TYR A 239 -7.74 -24.79 31.03
N HIS A 240 -7.13 -23.90 31.83
CA HIS A 240 -6.05 -24.26 32.77
C HIS A 240 -6.14 -23.45 34.06
N ASN A 241 -5.80 -24.09 35.17
CA ASN A 241 -5.67 -23.45 36.49
C ASN A 241 -4.86 -24.34 37.43
N GLY A 242 -4.59 -23.86 38.64
CA GLY A 242 -3.77 -24.56 39.65
C GLY A 242 -3.80 -26.08 39.60
N ASP A 243 -4.94 -26.65 39.98
CA ASP A 243 -5.22 -28.07 39.80
C ASP A 243 -6.40 -28.39 38.88
N LYS A 244 -7.23 -27.40 38.54
CA LYS A 244 -8.38 -27.62 37.62
C LYS A 244 -7.89 -27.59 36.17
N TYR A 245 -8.54 -28.39 35.32
CA TYR A 245 -8.15 -28.54 33.92
C TYR A 245 -9.32 -29.16 33.15
N LEU A 246 -9.76 -28.48 32.09
CA LEU A 246 -10.75 -29.00 31.13
C LEU A 246 -10.14 -29.00 29.73
N ALA A 247 -10.83 -29.65 28.80
CA ALA A 247 -10.41 -29.70 27.41
C ALA A 247 -11.58 -30.13 26.53
N ILE A 248 -11.68 -29.53 25.35
CA ILE A 248 -12.67 -29.92 24.33
C ILE A 248 -12.03 -29.86 22.93
N ALA A 249 -12.69 -30.51 21.98
CA ALA A 249 -12.29 -30.44 20.58
C ALA A 249 -13.54 -30.56 19.71
N PRO A 250 -14.47 -29.59 19.84
CA PRO A 250 -15.74 -29.69 19.13
C PRO A 250 -15.57 -29.80 17.61
N PRO A 251 -16.54 -30.43 16.93
CA PRO A 251 -16.39 -30.61 15.49
C PRO A 251 -16.42 -29.28 14.71
N ILE A 252 -17.08 -28.28 15.31
CA ILE A 252 -17.55 -27.09 14.61
C ILE A 252 -16.44 -26.10 14.20
N ILE A 253 -15.35 -26.04 14.97
CA ILE A 253 -14.21 -25.13 14.67
C ILE A 253 -13.06 -25.72 13.79
N LYS A 254 -12.90 -27.03 13.80
CA LYS A 254 -11.96 -27.76 12.93
C LYS A 254 -12.41 -27.60 11.48
N GLN A 255 -11.91 -26.57 10.83
CA GLN A 255 -12.47 -26.04 9.58
C GLN A 255 -11.59 -24.88 9.14
N SER A 256 -11.51 -23.90 10.03
CA SER A 256 -10.57 -22.76 9.91
C SER A 256 -10.16 -22.33 11.32
N THR A 257 -8.99 -21.73 11.40
CA THR A 257 -8.34 -21.36 12.66
C THR A 257 -9.02 -20.17 13.34
N ILE A 258 -8.99 -20.13 14.66
CA ILE A 258 -9.47 -18.99 15.44
C ILE A 258 -8.34 -17.97 15.55
N VAL A 259 -8.66 -16.71 15.32
CA VAL A 259 -7.64 -15.64 15.25
C VAL A 259 -7.91 -14.42 16.10
N CYS A 260 -9.17 -14.17 16.47
CA CYS A 260 -9.51 -13.11 17.40
C CYS A 260 -10.61 -13.52 18.37
N HIS A 261 -10.52 -13.01 19.59
CA HIS A 261 -11.49 -13.28 20.65
C HIS A 261 -11.93 -11.99 21.31
N ASN A 262 -12.98 -12.06 22.11
CA ASN A 262 -13.39 -10.93 22.95
C ASN A 262 -14.34 -11.35 24.06
N ARG A 263 -14.18 -10.76 25.24
CA ARG A 263 -15.01 -11.10 26.41
C ARG A 263 -16.37 -10.39 26.45
N VAL A 264 -17.45 -11.17 26.52
CA VAL A 264 -18.81 -10.64 26.38
C VAL A 264 -19.34 -10.01 27.65
N ASP A 265 -19.05 -10.60 28.81
CA ASP A 265 -19.48 -10.04 30.12
C ASP A 265 -18.37 -10.10 31.17
N PRO A 266 -18.35 -9.14 32.12
CA PRO A 266 -17.26 -9.05 33.11
C PRO A 266 -17.05 -10.34 33.89
N ASN A 267 -18.18 -10.95 34.27
CA ASN A 267 -18.27 -12.35 34.71
C ASN A 267 -17.21 -13.27 34.08
N GLY A 268 -17.06 -13.20 32.75
CA GLY A 268 -16.23 -14.12 31.98
C GLY A 268 -17.02 -15.35 31.54
N SER A 269 -18.35 -15.27 31.60
CA SER A 269 -19.22 -16.39 31.23
C SER A 269 -19.15 -16.71 29.76
N ARG A 270 -19.11 -15.68 28.92
CA ARG A 270 -19.15 -15.85 27.48
C ARG A 270 -18.00 -15.10 26.79
N TYR A 271 -17.56 -15.66 25.67
CA TYR A 271 -16.57 -15.04 24.78
C TYR A 271 -17.05 -15.09 23.35
N LEU A 272 -16.62 -14.14 22.53
CA LEU A 272 -16.85 -14.19 21.09
C LEU A 272 -15.56 -14.66 20.45
N LEU A 273 -15.64 -15.62 19.52
CA LEU A 273 -14.47 -16.07 18.78
C LEU A 273 -14.55 -15.77 17.28
N GLY A 274 -13.37 -15.54 16.72
CA GLY A 274 -13.23 -15.02 15.39
C GLY A 274 -12.45 -16.00 14.55
N ASP A 275 -13.08 -16.40 13.48
CA ASP A 275 -12.51 -17.29 12.51
C ASP A 275 -11.71 -16.49 11.49
N MET A 276 -10.85 -17.18 10.75
CA MET A 276 -10.08 -16.61 9.64
C MET A 276 -10.90 -16.48 8.35
N GLU A 277 -12.09 -17.08 8.31
CA GLU A 277 -12.98 -17.03 7.12
C GLU A 277 -14.35 -16.40 7.39
N GLY A 278 -14.61 -15.88 8.59
CA GLY A 278 -15.90 -15.22 8.89
C GLY A 278 -16.84 -15.90 9.89
N ARG A 279 -16.53 -17.12 10.30
CA ARG A 279 -17.33 -17.71 11.36
C ARG A 279 -17.14 -16.92 12.65
N LEU A 280 -18.26 -16.66 13.31
CA LEU A 280 -18.31 -16.02 14.63
C LEU A 280 -18.97 -16.99 15.61
N PHE A 281 -18.21 -17.39 16.62
CA PHE A 281 -18.67 -18.34 17.63
C PHE A 281 -18.84 -17.65 18.98
N MET A 282 -19.71 -18.23 19.81
CA MET A 282 -19.70 -18.02 21.25
C MET A 282 -18.97 -19.18 21.89
N LEU A 283 -18.27 -18.92 22.98
CA LEU A 283 -17.71 -19.96 23.85
C LEU A 283 -18.20 -19.62 25.23
N LEU A 284 -18.96 -20.55 25.84
CA LEU A 284 -19.60 -20.32 27.15
C LEU A 284 -18.93 -21.14 28.22
N LEU A 285 -18.58 -20.51 29.33
CA LEU A 285 -17.95 -21.16 30.48
C LEU A 285 -19.03 -21.59 31.47
N GLU A 286 -19.35 -22.88 31.44
CA GLU A 286 -20.55 -23.40 32.03
C GLU A 286 -20.31 -23.72 33.50
N LYS A 287 -21.30 -23.37 34.33
CA LYS A 287 -21.22 -23.46 35.78
C LYS A 287 -22.60 -23.70 36.38
N THR A 296 -18.93 -24.94 40.53
CA THR A 296 -18.57 -23.88 39.60
C THR A 296 -18.15 -24.47 38.23
N LEU A 297 -16.93 -24.22 37.73
CA LEU A 297 -16.58 -24.47 36.31
C LEU A 297 -16.69 -25.93 35.83
N LYS A 298 -17.85 -26.26 35.25
CA LYS A 298 -18.15 -27.64 34.83
C LYS A 298 -17.54 -28.00 33.47
N ASP A 299 -17.96 -27.28 32.43
CA ASP A 299 -17.57 -27.59 31.04
C ASP A 299 -17.49 -26.32 30.18
N LEU A 300 -17.14 -26.52 28.89
CA LEU A 300 -17.10 -25.46 27.87
C LEU A 300 -17.96 -25.83 26.65
N ARG A 301 -19.07 -25.12 26.43
CA ARG A 301 -19.85 -25.24 25.19
C ARG A 301 -19.38 -24.17 24.20
N VAL A 302 -19.52 -24.46 22.91
CA VAL A 302 -19.14 -23.57 21.80
C VAL A 302 -20.26 -23.58 20.77
N GLU A 303 -20.95 -22.44 20.62
CA GLU A 303 -22.02 -22.32 19.62
C GLU A 303 -21.46 -21.60 18.40
N LEU A 304 -22.05 -21.85 17.24
CA LEU A 304 -21.71 -21.12 16.02
C LEU A 304 -22.83 -20.13 15.77
N LEU A 305 -22.51 -18.85 15.97
CA LEU A 305 -23.53 -17.80 15.91
C LEU A 305 -23.90 -17.43 14.47
N GLY A 306 -22.91 -17.22 13.61
CA GLY A 306 -23.20 -16.82 12.23
C GLY A 306 -21.98 -16.46 11.40
N GLU A 307 -22.20 -15.65 10.37
CA GLU A 307 -21.14 -15.23 9.46
C GLU A 307 -21.01 -13.71 9.50
N THR A 308 -19.78 -13.23 9.66
CA THR A 308 -19.48 -11.81 9.63
C THR A 308 -18.48 -11.55 8.53
N SER A 309 -18.15 -10.29 8.34
CA SER A 309 -16.98 -9.92 7.57
C SER A 309 -15.78 -10.50 8.30
N ILE A 310 -14.73 -10.75 7.55
CA ILE A 310 -13.59 -11.51 8.04
C ILE A 310 -12.89 -10.65 9.10
N ALA A 311 -13.02 -11.07 10.35
CA ALA A 311 -12.71 -10.20 11.49
C ALA A 311 -11.23 -10.16 11.86
N GLU A 312 -10.69 -8.95 11.97
CA GLU A 312 -9.36 -8.71 12.48
C GLU A 312 -9.42 -8.59 13.99
N CYS A 313 -10.49 -7.94 14.46
CA CYS A 313 -10.74 -7.77 15.87
C CYS A 313 -12.25 -7.72 16.08
N LEU A 314 -12.68 -7.98 17.30
CA LEU A 314 -14.11 -7.95 17.68
C LEU A 314 -14.27 -7.19 18.98
N THR A 315 -15.45 -6.60 19.19
CA THR A 315 -15.75 -5.91 20.44
C THR A 315 -17.23 -5.98 20.68
N TYR A 316 -17.61 -6.59 21.79
CA TYR A 316 -18.98 -6.58 22.27
C TYR A 316 -19.25 -5.19 22.81
N LEU A 317 -20.36 -4.60 22.38
CA LEU A 317 -20.74 -3.24 22.78
C LEU A 317 -21.87 -3.12 23.80
N ASP A 318 -22.52 -4.23 24.14
CA ASP A 318 -23.77 -4.22 24.96
C ASP A 318 -25.05 -3.93 24.15
N ASN A 319 -26.16 -4.40 24.73
CA ASN A 319 -27.46 -4.55 24.09
C ASN A 319 -27.42 -5.61 22.98
N GLY A 320 -26.50 -6.57 23.08
CA GLY A 320 -26.33 -7.62 22.06
C GLY A 320 -25.76 -7.20 20.71
N VAL A 321 -25.06 -6.06 20.70
CA VAL A 321 -24.48 -5.50 19.49
C VAL A 321 -22.99 -5.78 19.55
N VAL A 322 -22.40 -6.03 18.37
CA VAL A 322 -20.96 -6.36 18.24
C VAL A 322 -20.28 -5.56 17.14
N PHE A 323 -19.18 -4.92 17.48
CA PHE A 323 -18.34 -4.30 16.46
C PHE A 323 -17.43 -5.35 15.86
N VAL A 324 -17.48 -5.51 14.54
CA VAL A 324 -16.57 -6.37 13.80
C VAL A 324 -15.62 -5.47 13.02
N GLY A 325 -14.39 -5.37 13.50
CA GLY A 325 -13.32 -4.69 12.78
C GLY A 325 -12.72 -5.63 11.75
N SER A 326 -12.60 -5.17 10.51
CA SER A 326 -12.06 -5.98 9.44
C SER A 326 -10.92 -5.25 8.72
N ARG A 327 -9.99 -6.06 8.21
CA ARG A 327 -8.93 -5.59 7.33
C ARG A 327 -9.14 -6.00 5.89
N LEU A 328 -9.93 -7.04 5.66
CA LEU A 328 -10.10 -7.58 4.33
C LEU A 328 -11.42 -7.24 3.69
N GLY A 329 -12.36 -6.68 4.44
CA GLY A 329 -13.58 -6.18 3.87
C GLY A 329 -14.16 -5.15 4.78
N ASP A 330 -15.40 -4.78 4.50
CA ASP A 330 -16.11 -3.76 5.30
C ASP A 330 -16.22 -4.17 6.78
N SER A 331 -16.14 -3.18 7.68
CA SER A 331 -16.42 -3.39 9.10
C SER A 331 -17.92 -3.37 9.31
N GLN A 332 -18.32 -3.79 10.51
CA GLN A 332 -19.72 -4.00 10.80
C GLN A 332 -20.07 -3.78 12.25
N LEU A 333 -21.32 -3.39 12.46
CA LEU A 333 -22.06 -3.63 13.69
C LEU A 333 -23.03 -4.75 13.35
N VAL A 334 -23.09 -5.77 14.19
CA VAL A 334 -24.03 -6.88 14.03
C VAL A 334 -24.77 -7.08 15.32
N LYS A 335 -26.01 -7.55 15.22
CA LYS A 335 -26.84 -7.88 16.38
C LYS A 335 -26.83 -9.39 16.62
N LEU A 336 -26.61 -9.81 17.87
CA LEU A 336 -26.77 -11.20 18.29
C LEU A 336 -28.14 -11.44 18.90
N ASN A 337 -28.56 -12.70 18.86
CA ASN A 337 -29.76 -13.16 19.56
C ASN A 337 -29.43 -14.31 20.51
N VAL A 338 -30.10 -14.35 21.65
CA VAL A 338 -29.97 -15.47 22.61
C VAL A 338 -30.50 -16.74 21.95
N ASP A 339 -30.08 -17.90 22.47
CA ASP A 339 -30.56 -19.20 21.96
C ASP A 339 -32.09 -19.27 22.12
N SER A 340 -32.80 -18.54 21.25
CA SER A 340 -34.21 -18.21 21.44
C SER A 340 -35.07 -19.46 21.27
N ASN A 341 -36.24 -19.46 21.91
CA ASN A 341 -37.13 -20.63 21.91
C ASN A 341 -37.48 -21.14 20.50
N GLU A 342 -37.58 -20.23 19.52
CA GLU A 342 -38.01 -20.56 18.16
C GLU A 342 -36.88 -20.77 17.14
N GLN A 343 -35.76 -20.05 17.28
CA GLN A 343 -34.60 -20.21 16.36
C GLN A 343 -33.27 -20.19 17.12
N GLY A 344 -32.31 -20.95 16.58
CA GLY A 344 -30.96 -20.98 17.14
C GLY A 344 -30.30 -19.62 17.04
N SER A 345 -29.47 -19.31 18.04
CA SER A 345 -28.77 -18.02 18.12
C SER A 345 -28.11 -17.66 16.79
N TYR A 346 -28.41 -16.46 16.31
CA TYR A 346 -28.06 -16.02 14.95
C TYR A 346 -27.67 -14.53 14.92
N VAL A 347 -27.01 -14.16 13.85
CA VAL A 347 -26.37 -12.86 13.70
C VAL A 347 -27.01 -12.08 12.56
N VAL A 348 -27.21 -10.79 12.75
CA VAL A 348 -27.81 -9.92 11.74
C VAL A 348 -26.93 -8.68 11.60
N ALA A 349 -26.68 -8.28 10.36
CA ALA A 349 -25.90 -7.09 10.08
C ALA A 349 -26.79 -5.86 10.27
N MET A 350 -26.42 -5.04 11.26
CA MET A 350 -27.07 -3.76 11.51
C MET A 350 -26.54 -2.68 10.59
N GLU A 351 -25.23 -2.52 10.56
CA GLU A 351 -24.62 -1.42 9.84
C GLU A 351 -23.28 -1.81 9.22
N THR A 352 -22.95 -1.15 8.11
CA THR A 352 -21.69 -1.40 7.37
C THR A 352 -20.87 -0.13 7.27
N PHE A 353 -19.57 -0.24 7.48
CA PHE A 353 -18.65 0.86 7.23
C PHE A 353 -17.62 0.49 6.13
N THR A 354 -17.47 1.35 5.15
CA THR A 354 -16.60 1.09 4.04
C THR A 354 -15.16 0.89 4.40
N ASN A 355 -14.54 -0.06 3.73
CA ASN A 355 -13.15 -0.37 3.90
C ASN A 355 -12.63 -0.63 2.53
N LEU A 356 -11.92 0.31 1.95
CA LEU A 356 -11.40 0.14 0.62
C LEU A 356 -10.32 -0.89 0.44
N GLY A 357 -9.41 -0.92 1.39
CA GLY A 357 -8.26 -1.80 1.34
C GLY A 357 -8.58 -3.23 1.62
N PRO A 358 -7.74 -4.24 1.17
CA PRO A 358 -6.52 -3.86 0.48
C PRO A 358 -6.69 -3.40 -0.92
N ILE A 359 -6.02 -2.34 -1.34
CA ILE A 359 -6.13 -1.92 -2.70
C ILE A 359 -5.00 -2.69 -3.25
N VAL A 360 -5.34 -3.54 -4.18
CA VAL A 360 -4.43 -4.51 -4.78
C VAL A 360 -4.08 -4.06 -6.20
N ASP A 361 -5.00 -3.35 -6.81
CA ASP A 361 -4.73 -2.68 -8.06
C ASP A 361 -5.80 -1.62 -8.23
N MET A 362 -5.54 -0.65 -9.10
CA MET A 362 -6.54 0.34 -9.44
C MET A 362 -6.29 0.90 -10.81
N CYS A 363 -7.22 1.70 -11.30
CA CYS A 363 -7.01 2.48 -12.52
C CYS A 363 -7.90 3.70 -12.50
N VAL A 364 -7.49 4.73 -13.25
CA VAL A 364 -8.23 6.00 -13.30
C VAL A 364 -9.01 6.07 -14.60
N VAL A 365 -10.29 6.38 -14.52
CA VAL A 365 -11.15 6.42 -15.68
C VAL A 365 -11.93 7.68 -15.63
N ASP A 366 -11.95 8.41 -16.74
CA ASP A 366 -12.88 9.51 -16.94
C ASP A 366 -14.29 8.94 -17.32
N LEU A 367 -14.99 8.38 -16.33
CA LEU A 367 -16.21 7.58 -16.57
C LEU A 367 -17.36 8.40 -17.14
N GLU A 368 -17.68 9.51 -16.47
CA GLU A 368 -18.76 10.42 -16.91
C GLU A 368 -18.45 11.26 -18.19
N ARG A 369 -17.26 11.08 -18.76
CA ARG A 369 -16.79 11.84 -19.95
C ARG A 369 -16.52 13.34 -19.64
N GLN A 370 -16.51 13.71 -18.35
CA GLN A 370 -16.60 15.12 -17.92
C GLN A 370 -15.25 15.86 -17.85
N GLY A 371 -14.14 15.15 -18.04
CA GLY A 371 -12.79 15.66 -17.71
C GLY A 371 -12.51 15.63 -16.21
N GLN A 372 -12.89 14.52 -15.59
CA GLN A 372 -12.88 14.30 -14.14
C GLN A 372 -12.56 12.83 -13.97
N GLY A 373 -11.38 12.53 -13.48
CA GLY A 373 -10.96 11.14 -13.25
C GLY A 373 -11.67 10.50 -12.07
N GLN A 374 -11.98 9.22 -12.21
CA GLN A 374 -12.56 8.42 -11.14
C GLN A 374 -11.62 7.22 -10.95
N LEU A 375 -11.38 6.86 -9.71
CA LEU A 375 -10.49 5.77 -9.39
C LEU A 375 -11.39 4.56 -9.22
N VAL A 376 -10.97 3.43 -9.80
CA VAL A 376 -11.66 2.16 -9.62
C VAL A 376 -10.64 1.18 -9.09
N THR A 377 -10.86 0.67 -7.89
CA THR A 377 -9.88 -0.19 -7.21
C THR A 377 -10.33 -1.64 -7.20
N CYS A 378 -9.37 -2.56 -7.32
CA CYS A 378 -9.57 -3.94 -6.88
C CYS A 378 -9.33 -3.96 -5.38
N SER A 379 -10.40 -4.17 -4.63
CA SER A 379 -10.36 -4.11 -3.18
C SER A 379 -10.80 -5.42 -2.53
N GLY A 380 -10.25 -5.70 -1.35
CA GLY A 380 -10.67 -6.83 -0.53
C GLY A 380 -10.08 -8.17 -0.89
N ALA A 381 -10.53 -9.18 -0.16
CA ALA A 381 -10.13 -10.56 -0.43
C ALA A 381 -11.25 -11.56 -0.13
N PHE A 382 -11.21 -12.70 -0.82
CA PHE A 382 -11.92 -13.90 -0.39
C PHE A 382 -13.41 -13.76 -0.07
N LYS A 383 -14.16 -13.04 -0.88
CA LYS A 383 -15.64 -12.85 -0.62
C LYS A 383 -15.95 -11.41 -0.23
N GLU A 384 -15.01 -10.84 0.52
CA GLU A 384 -14.99 -9.43 0.75
C GLU A 384 -14.47 -8.69 -0.48
N GLY A 385 -13.93 -9.43 -1.44
CA GLY A 385 -13.55 -8.88 -2.73
C GLY A 385 -14.58 -7.91 -3.31
N SER A 386 -14.07 -6.91 -4.00
CA SER A 386 -14.91 -5.83 -4.49
C SER A 386 -14.18 -4.94 -5.48
N LEU A 387 -14.93 -4.36 -6.39
CA LEU A 387 -14.51 -3.15 -7.05
C LEU A 387 -15.09 -2.01 -6.23
N ARG A 388 -14.34 -0.91 -6.12
CA ARG A 388 -14.84 0.33 -5.51
C ARG A 388 -14.63 1.47 -6.49
N ILE A 389 -15.69 2.24 -6.74
CA ILE A 389 -15.62 3.38 -7.64
C ILE A 389 -15.57 4.64 -6.80
N ILE A 390 -14.40 5.28 -6.79
CA ILE A 390 -14.15 6.45 -5.96
C ILE A 390 -14.18 7.72 -6.80
N ARG A 391 -15.18 8.56 -6.58
CA ARG A 391 -15.36 9.83 -7.28
C ARG A 391 -15.31 11.04 -6.39
N ASN A 392 -14.63 12.10 -6.83
CA ASN A 392 -14.48 13.34 -6.08
C ASN A 392 -15.54 14.36 -6.41
N GLY A 393 -16.10 14.98 -5.40
CA GLY A 393 -17.16 15.98 -5.60
C GLY A 393 -18.03 16.35 -4.41
N ILE A 394 -18.93 17.31 -4.64
CA ILE A 394 -20.02 17.60 -3.73
C ILE A 394 -21.16 16.66 -4.05
N GLY A 395 -21.60 15.90 -3.05
CA GLY A 395 -22.75 15.00 -3.20
C GLY A 395 -24.08 15.63 -2.87
N ILE A 396 -25.14 15.06 -3.44
CA ILE A 396 -26.54 15.47 -3.19
C ILE A 396 -27.26 14.34 -2.47
N HIS A 397 -27.77 14.62 -1.27
CA HIS A 397 -28.62 13.67 -0.55
C HIS A 397 -30.03 13.76 -1.11
N GLU A 398 -30.48 12.73 -1.83
CA GLU A 398 -31.75 12.76 -2.55
C GLU A 398 -32.88 12.23 -1.69
N HIS A 399 -33.95 13.01 -1.56
CA HIS A 399 -35.10 12.64 -0.74
C HIS A 399 -36.39 12.32 -1.52
N ALA A 400 -36.58 12.96 -2.68
CA ALA A 400 -37.71 12.61 -3.56
C ALA A 400 -37.32 12.67 -5.04
N SER A 401 -38.00 11.86 -5.85
CA SER A 401 -37.79 11.84 -7.29
C SER A 401 -39.12 11.80 -8.03
N ILE A 402 -39.17 12.48 -9.16
CA ILE A 402 -40.37 12.58 -9.96
C ILE A 402 -39.96 12.56 -11.42
N ASP A 403 -40.45 11.55 -12.14
CA ASP A 403 -40.46 11.50 -13.60
C ASP A 403 -41.42 12.57 -14.23
N LEU A 404 -40.81 13.59 -14.84
CA LEU A 404 -41.50 14.65 -15.61
C LEU A 404 -40.54 15.15 -16.68
N PRO A 405 -40.73 14.72 -17.93
CA PRO A 405 -39.75 15.09 -18.93
C PRO A 405 -40.02 16.46 -19.55
N GLY A 406 -38.93 17.15 -19.90
CA GLY A 406 -38.99 18.41 -20.64
C GLY A 406 -39.14 19.65 -19.81
N ILE A 407 -38.59 19.62 -18.59
CA ILE A 407 -38.70 20.76 -17.69
C ILE A 407 -37.76 21.85 -18.18
N LYS A 408 -38.30 23.05 -18.33
CA LYS A 408 -37.55 24.24 -18.77
C LYS A 408 -37.29 25.27 -17.67
N GLY A 409 -37.98 25.15 -16.53
CA GLY A 409 -37.76 26.05 -15.41
C GLY A 409 -38.44 25.65 -14.11
N LEU A 410 -37.79 25.99 -13.00
CA LEU A 410 -38.23 25.72 -11.64
C LEU A 410 -38.34 27.03 -10.88
N TRP A 411 -39.41 27.16 -10.09
CA TRP A 411 -39.56 28.29 -9.18
C TRP A 411 -40.27 27.88 -7.91
N PRO A 412 -39.64 28.12 -6.74
CA PRO A 412 -40.34 27.94 -5.50
C PRO A 412 -41.20 29.14 -5.27
N LEU A 413 -42.16 28.99 -4.38
CA LEU A 413 -43.25 29.95 -4.24
C LEU A 413 -44.03 29.63 -2.97
N ARG A 414 -44.46 30.67 -2.27
CA ARG A 414 -45.23 30.55 -1.03
C ARG A 414 -46.69 30.91 -1.34
N SER A 415 -47.51 29.86 -1.48
CA SER A 415 -48.95 30.00 -1.81
C SER A 415 -49.79 30.58 -0.68
N ASP A 416 -49.34 30.41 0.57
CA ASP A 416 -50.03 30.92 1.75
C ASP A 416 -49.16 32.00 2.42
N PRO A 417 -49.63 33.26 2.41
CA PRO A 417 -48.78 34.38 2.83
C PRO A 417 -48.44 34.51 4.32
N ASN A 418 -49.20 33.86 5.20
CA ASN A 418 -48.87 33.84 6.64
C ASN A 418 -48.35 32.46 7.12
N ARG A 419 -47.67 31.74 6.22
CA ARG A 419 -46.76 30.62 6.56
C ARG A 419 -45.39 30.99 5.97
N GLU A 420 -44.32 30.68 6.71
CA GLU A 420 -42.99 31.22 6.41
C GLU A 420 -42.15 30.37 5.44
N THR A 421 -42.82 29.55 4.62
CA THR A 421 -42.20 28.36 4.03
C THR A 421 -42.83 27.98 2.69
N ASP A 422 -42.00 27.58 1.71
CA ASP A 422 -42.51 27.19 0.37
C ASP A 422 -43.48 26.01 0.43
N ASP A 423 -44.56 26.13 -0.32
CA ASP A 423 -45.52 25.04 -0.46
C ASP A 423 -45.88 24.76 -1.93
N THR A 424 -45.11 25.33 -2.84
CA THR A 424 -45.39 25.24 -4.25
C THR A 424 -44.10 25.19 -5.02
N LEU A 425 -44.10 24.36 -6.05
CA LEU A 425 -43.05 24.35 -7.04
C LEU A 425 -43.77 24.57 -8.37
N VAL A 426 -43.27 25.49 -9.18
CA VAL A 426 -43.86 25.76 -10.50
C VAL A 426 -42.89 25.29 -11.56
N LEU A 427 -43.41 24.60 -12.57
CA LEU A 427 -42.58 24.01 -13.61
C LEU A 427 -43.02 24.48 -14.98
N SER A 428 -42.09 25.00 -15.79
CA SER A 428 -42.43 25.40 -17.15
C SER A 428 -41.96 24.32 -18.11
N PHE A 429 -42.76 24.12 -19.16
CA PHE A 429 -42.45 23.21 -20.27
C PHE A 429 -42.65 23.99 -21.56
N VAL A 430 -42.35 23.38 -22.69
CA VAL A 430 -42.53 24.07 -23.97
C VAL A 430 -44.01 24.39 -24.12
N GLY A 431 -44.30 25.68 -24.28
CA GLY A 431 -45.65 26.23 -24.36
C GLY A 431 -46.65 25.80 -23.29
N GLN A 432 -46.21 25.65 -22.06
CA GLN A 432 -47.01 25.00 -21.05
C GLN A 432 -46.44 25.22 -19.65
N THR A 433 -47.31 25.57 -18.70
CA THR A 433 -46.92 25.77 -17.28
C THR A 433 -47.71 24.79 -16.39
N ARG A 434 -47.04 24.29 -15.34
CA ARG A 434 -47.61 23.33 -14.39
C ARG A 434 -47.27 23.71 -12.97
N VAL A 435 -48.15 23.36 -12.03
CA VAL A 435 -47.96 23.76 -10.64
C VAL A 435 -48.11 22.55 -9.73
N LEU A 436 -47.05 22.28 -8.97
CA LEU A 436 -47.02 21.20 -7.98
C LEU A 436 -47.13 21.83 -6.61
N MET A 437 -48.14 21.41 -5.84
CA MET A 437 -48.25 21.80 -4.43
C MET A 437 -47.55 20.77 -3.54
N LEU A 438 -47.06 21.22 -2.39
CA LEU A 438 -46.35 20.35 -1.44
C LEU A 438 -46.97 20.38 -0.04
N ASN A 439 -47.24 19.19 0.49
CA ASN A 439 -47.66 19.00 1.88
C ASN A 439 -46.83 17.89 2.51
N GLY A 440 -45.82 18.32 3.27
CA GLY A 440 -44.84 17.40 3.80
C GLY A 440 -44.08 16.83 2.63
N GLU A 441 -44.21 15.51 2.43
CA GLU A 441 -43.54 14.81 1.35
C GLU A 441 -44.52 14.38 0.24
N GLU A 442 -45.76 14.85 0.29
CA GLU A 442 -46.80 14.54 -0.73
C GLU A 442 -46.90 15.64 -1.78
N VAL A 443 -46.46 15.33 -3.00
CA VAL A 443 -46.55 16.23 -4.14
C VAL A 443 -47.78 15.90 -4.98
N GLU A 444 -48.53 16.94 -5.37
CA GLU A 444 -49.73 16.80 -6.18
C GLU A 444 -49.77 17.96 -7.17
N GLU A 445 -49.87 17.65 -8.46
CA GLU A 445 -50.06 18.70 -9.48
C GLU A 445 -51.43 19.30 -9.26
N THR A 446 -51.52 20.62 -9.41
CA THR A 446 -52.76 21.35 -9.15
C THR A 446 -52.82 22.63 -9.98
N GLU A 447 -53.98 23.29 -9.93
CA GLU A 447 -54.16 24.59 -10.57
C GLU A 447 -53.67 25.67 -9.60
N LEU A 448 -53.20 26.79 -10.13
CA LEU A 448 -53.02 28.00 -9.31
C LEU A 448 -53.85 29.09 -9.97
N MET A 449 -54.98 29.45 -9.35
CA MET A 449 -55.94 30.39 -9.95
C MET A 449 -55.29 31.75 -10.16
N GLY A 450 -55.36 32.24 -11.40
CA GLY A 450 -54.73 33.49 -11.79
C GLY A 450 -53.50 33.25 -12.63
N PHE A 451 -52.81 32.13 -12.39
CA PHE A 451 -51.69 31.70 -13.23
C PHE A 451 -52.23 30.93 -14.43
N VAL A 452 -51.93 31.43 -15.61
CA VAL A 452 -52.18 30.72 -16.84
C VAL A 452 -51.30 29.45 -16.94
N ASP A 453 -51.82 28.42 -17.63
CA ASP A 453 -51.21 27.08 -17.77
C ASP A 453 -50.89 26.61 -19.21
N ASP A 454 -51.47 27.29 -20.20
CA ASP A 454 -51.24 27.02 -21.63
C ASP A 454 -50.10 27.85 -22.27
N GLN A 455 -49.33 28.56 -21.44
CA GLN A 455 -48.19 29.38 -21.86
C GLN A 455 -46.95 29.01 -21.05
N GLN A 456 -45.78 29.06 -21.72
CA GLN A 456 -44.47 28.78 -21.08
C GLN A 456 -44.03 29.90 -20.15
N THR A 457 -43.90 29.60 -18.87
CA THR A 457 -43.41 30.55 -17.87
C THR A 457 -41.87 30.73 -18.00
N PHE A 458 -41.44 32.00 -17.90
CA PHE A 458 -40.03 32.41 -17.80
C PHE A 458 -39.59 32.86 -16.39
N PHE A 459 -40.55 33.22 -15.56
CA PHE A 459 -40.31 33.47 -14.15
C PHE A 459 -41.65 33.49 -13.40
N CYS A 460 -41.66 32.99 -12.18
CA CYS A 460 -42.70 33.31 -11.23
C CYS A 460 -42.17 33.27 -9.81
N GLY A 461 -42.96 33.77 -8.89
CA GLY A 461 -42.60 33.78 -7.48
C GLY A 461 -43.32 34.84 -6.69
N ASN A 462 -42.94 34.97 -5.43
CA ASN A 462 -43.48 36.03 -4.58
C ASN A 462 -42.87 37.36 -4.97
N VAL A 463 -43.64 38.40 -4.73
CA VAL A 463 -43.24 39.77 -4.99
C VAL A 463 -43.86 40.65 -3.91
N ALA A 464 -43.42 41.90 -3.84
CA ALA A 464 -43.83 42.83 -2.77
C ALA A 464 -45.34 43.11 -2.74
N HIS A 465 -45.79 43.67 -1.63
CA HIS A 465 -47.20 43.98 -1.39
C HIS A 465 -48.11 42.74 -1.47
N GLN A 466 -47.69 41.63 -0.86
CA GLN A 466 -48.53 40.41 -0.73
C GLN A 466 -49.09 39.86 -2.06
N GLN A 467 -48.18 39.61 -3.01
CA GLN A 467 -48.55 39.18 -4.37
C GLN A 467 -47.63 38.11 -4.96
N LEU A 468 -48.18 37.44 -5.98
CA LEU A 468 -47.47 36.49 -6.82
C LEU A 468 -47.42 37.08 -8.21
N ILE A 469 -46.33 36.85 -8.92
CA ILE A 469 -46.18 37.26 -10.31
C ILE A 469 -45.82 36.04 -11.14
N GLN A 470 -46.29 36.00 -12.38
CA GLN A 470 -45.95 34.98 -13.34
C GLN A 470 -45.63 35.71 -14.62
N ILE A 471 -44.53 35.39 -15.25
CA ILE A 471 -44.12 36.06 -16.48
C ILE A 471 -44.06 35.02 -17.60
N THR A 472 -45.05 35.06 -18.48
CA THR A 472 -45.14 34.16 -19.61
C THR A 472 -44.49 34.79 -20.84
N SER A 473 -44.37 33.98 -21.89
CA SER A 473 -44.01 34.45 -23.25
C SER A 473 -45.08 35.38 -23.79
N ALA A 474 -46.33 35.12 -23.42
CA ALA A 474 -47.45 35.94 -23.84
C ALA A 474 -47.60 37.25 -23.07
N SER A 475 -47.32 37.25 -21.77
CA SER A 475 -47.67 38.38 -20.93
C SER A 475 -46.99 38.31 -19.58
N VAL A 476 -47.20 39.37 -18.79
CA VAL A 476 -46.76 39.47 -17.40
C VAL A 476 -48.00 39.55 -16.48
N ARG A 477 -48.43 38.41 -15.98
CA ARG A 477 -49.58 38.34 -15.07
C ARG A 477 -49.14 38.65 -13.63
N LEU A 478 -50.04 39.22 -12.84
CA LEU A 478 -49.77 39.61 -11.45
C LEU A 478 -50.98 39.28 -10.60
N VAL A 479 -50.77 38.54 -9.52
CA VAL A 479 -51.83 37.82 -8.82
C VAL A 479 -51.81 38.12 -7.32
N SER A 480 -53.01 38.16 -6.75
CA SER A 480 -53.22 38.44 -5.36
C SER A 480 -52.98 37.26 -4.48
N GLN A 481 -52.24 37.47 -3.40
CA GLN A 481 -51.98 36.42 -2.45
C GLN A 481 -53.27 35.98 -1.84
N GLU A 482 -54.10 36.95 -1.50
CA GLU A 482 -55.38 36.68 -0.90
C GLU A 482 -56.39 36.52 -1.99
N PRO A 483 -57.34 35.52 -1.79
CA PRO A 483 -58.31 35.34 -2.85
C PRO A 483 -57.77 35.45 -4.24
N LYS A 484 -56.88 34.55 -4.61
CA LYS A 484 -56.23 34.69 -5.88
C LYS A 484 -57.08 34.79 -7.10
N ALA A 485 -56.74 35.84 -7.83
CA ALA A 485 -57.16 36.22 -9.17
C ALA A 485 -56.19 37.24 -9.76
N LEU A 486 -56.24 37.35 -11.09
CA LEU A 486 -55.47 38.34 -11.83
C LEU A 486 -55.86 39.72 -11.29
N VAL A 487 -54.89 40.51 -10.84
CA VAL A 487 -55.12 41.93 -10.49
C VAL A 487 -54.42 42.90 -11.45
N SER A 488 -53.77 42.37 -12.47
CA SER A 488 -52.98 43.17 -13.41
C SER A 488 -52.44 42.31 -14.53
N GLU A 489 -52.24 42.91 -15.69
CA GLU A 489 -51.57 42.25 -16.80
C GLU A 489 -50.92 43.30 -17.70
N TRP A 490 -49.76 42.93 -18.23
CA TRP A 490 -48.99 43.78 -19.11
C TRP A 490 -48.75 42.98 -20.38
N LYS A 491 -49.14 43.52 -21.52
CA LYS A 491 -48.91 42.87 -22.81
C LYS A 491 -48.01 43.77 -23.66
N GLU A 492 -47.30 43.15 -24.59
CA GLU A 492 -46.45 43.87 -25.55
C GLU A 492 -47.34 44.63 -26.55
N PRO A 493 -47.05 45.92 -26.84
CA PRO A 493 -47.86 46.78 -27.71
C PRO A 493 -48.48 46.11 -28.96
N GLN A 494 -47.66 45.49 -29.80
CA GLN A 494 -48.15 44.80 -31.01
C GLN A 494 -48.28 43.26 -30.82
N ALA A 495 -48.56 42.84 -29.58
CA ALA A 495 -48.77 41.44 -29.17
C ALA A 495 -47.60 40.45 -29.42
N LYS A 496 -46.36 40.98 -29.41
CA LYS A 496 -45.17 40.14 -29.69
C LYS A 496 -44.75 39.40 -28.41
N ASN A 497 -44.12 38.24 -28.57
CA ASN A 497 -43.69 37.43 -27.43
C ASN A 497 -42.56 38.05 -26.61
N ILE A 498 -42.74 38.06 -25.29
CA ILE A 498 -41.63 38.27 -24.34
C ILE A 498 -40.60 37.16 -24.58
N SER A 499 -39.36 37.54 -24.90
CA SER A 499 -38.30 36.55 -25.24
C SER A 499 -37.39 36.19 -24.05
N VAL A 500 -37.09 37.18 -23.19
CA VAL A 500 -36.29 36.98 -21.96
C VAL A 500 -36.96 37.70 -20.81
N ALA A 501 -36.88 37.11 -19.62
CA ALA A 501 -37.48 37.70 -18.41
C ALA A 501 -36.55 37.65 -17.22
N SER A 502 -36.77 38.59 -16.30
CA SER A 502 -36.00 38.69 -15.06
C SER A 502 -36.73 39.58 -14.07
N CYS A 503 -37.09 39.02 -12.93
CA CYS A 503 -37.84 39.73 -11.90
C CYS A 503 -37.16 39.55 -10.54
N ASN A 504 -37.38 40.52 -9.65
CA ASN A 504 -36.94 40.45 -8.24
C ASN A 504 -38.11 40.80 -7.30
N SER A 505 -37.85 41.17 -6.05
CA SER A 505 -38.89 41.57 -5.10
C SER A 505 -39.96 42.53 -5.64
N SER A 506 -39.52 43.52 -6.41
CA SER A 506 -40.29 44.73 -6.72
C SER A 506 -40.01 45.33 -8.12
N GLN A 507 -39.51 44.53 -9.06
CA GLN A 507 -38.87 45.06 -10.27
C GLN A 507 -38.73 44.07 -11.42
N VAL A 508 -39.60 44.18 -12.43
CA VAL A 508 -39.54 43.33 -13.63
C VAL A 508 -38.69 44.00 -14.69
N VAL A 509 -37.94 43.22 -15.45
CA VAL A 509 -37.25 43.69 -16.66
C VAL A 509 -37.37 42.60 -17.71
N VAL A 510 -38.46 42.63 -18.46
CA VAL A 510 -38.62 41.76 -19.64
C VAL A 510 -37.81 42.33 -20.80
N ALA A 511 -37.71 41.54 -21.87
CA ALA A 511 -37.07 41.96 -23.09
C ALA A 511 -37.73 41.25 -24.27
N VAL A 512 -38.05 42.03 -25.31
CA VAL A 512 -38.73 41.52 -26.50
C VAL A 512 -37.79 41.69 -27.69
N GLY A 513 -37.28 40.56 -28.21
CA GLY A 513 -36.40 40.52 -29.38
C GLY A 513 -35.11 41.31 -29.23
N ARG A 514 -35.08 42.52 -29.80
CA ARG A 514 -34.01 43.50 -29.62
C ARG A 514 -34.35 44.57 -28.57
N ALA A 515 -35.65 44.84 -28.39
CA ALA A 515 -36.15 45.82 -27.41
C ALA A 515 -36.23 45.24 -26.01
N LEU A 516 -36.22 46.12 -25.01
CA LEU A 516 -36.48 45.73 -23.61
C LEU A 516 -37.18 46.82 -22.82
N TYR A 517 -38.21 46.43 -22.07
CA TYR A 517 -38.98 47.32 -21.22
C TYR A 517 -38.60 47.06 -19.76
N TYR A 518 -39.01 47.96 -18.89
CA TYR A 518 -38.69 47.88 -17.46
C TYR A 518 -39.90 48.29 -16.61
N LEU A 519 -40.59 47.31 -16.04
CA LEU A 519 -41.78 47.55 -15.21
C LEU A 519 -41.44 47.52 -13.73
N GLN A 520 -42.29 48.13 -12.92
CA GLN A 520 -42.20 48.05 -11.46
C GLN A 520 -43.50 47.54 -10.86
N ILE A 521 -43.39 46.86 -9.72
CA ILE A 521 -44.51 46.23 -9.03
C ILE A 521 -44.96 47.13 -7.87
N HIS A 522 -46.22 47.53 -7.92
CA HIS A 522 -46.88 48.30 -6.86
C HIS A 522 -48.24 47.63 -6.62
N PRO A 523 -48.97 48.00 -5.54
CA PRO A 523 -50.17 47.23 -5.25
C PRO A 523 -51.18 47.26 -6.39
N GLN A 524 -51.77 46.10 -6.67
CA GLN A 524 -52.72 45.87 -7.78
C GLN A 524 -52.44 46.58 -9.11
N GLU A 525 -51.16 46.82 -9.43
CA GLU A 525 -50.77 47.50 -10.66
C GLU A 525 -49.29 47.27 -10.96
N LEU A 526 -48.98 46.97 -12.21
CA LEU A 526 -47.59 46.93 -12.70
C LEU A 526 -47.43 48.01 -13.75
N ARG A 527 -46.63 49.02 -13.41
CA ARG A 527 -46.50 50.24 -14.20
C ARG A 527 -45.24 50.20 -15.05
N GLN A 528 -45.41 50.55 -16.32
CA GLN A 528 -44.32 50.65 -17.27
C GLN A 528 -43.55 51.94 -16.98
N ILE A 529 -42.23 51.84 -16.82
CA ILE A 529 -41.39 52.99 -16.48
C ILE A 529 -40.45 53.37 -17.63
N SER A 530 -39.68 52.42 -18.13
CA SER A 530 -38.74 52.67 -19.24
C SER A 530 -39.10 51.89 -20.48
N HIS A 531 -38.45 52.29 -21.56
CA HIS A 531 -38.35 51.52 -22.79
C HIS A 531 -36.98 51.81 -23.37
N THR A 532 -36.51 50.93 -24.23
CA THR A 532 -35.23 51.13 -24.93
C THR A 532 -35.07 50.14 -26.10
N GLU A 533 -34.02 50.38 -26.88
CA GLU A 533 -33.61 49.51 -27.96
C GLU A 533 -32.23 48.96 -27.62
N MET A 534 -31.71 48.06 -28.45
CA MET A 534 -30.40 47.46 -28.18
C MET A 534 -29.70 47.04 -29.49
N GLU A 535 -28.39 47.29 -29.54
CA GLU A 535 -27.57 47.15 -30.77
C GLU A 535 -27.51 45.73 -31.40
N HIS A 536 -27.92 44.72 -30.65
CA HIS A 536 -28.19 43.39 -31.21
C HIS A 536 -29.29 42.73 -30.35
N GLU A 537 -29.76 41.54 -30.75
CA GLU A 537 -30.86 40.85 -30.03
C GLU A 537 -30.45 40.46 -28.61
N VAL A 538 -31.40 40.53 -27.66
CA VAL A 538 -31.07 40.34 -26.23
C VAL A 538 -31.16 38.85 -25.84
N ALA A 539 -30.17 38.42 -25.04
CA ALA A 539 -29.94 37.01 -24.75
C ALA A 539 -30.24 36.63 -23.30
N CYS A 540 -29.81 37.45 -22.34
CA CYS A 540 -30.04 37.15 -20.92
C CYS A 540 -29.95 38.37 -20.02
N LEU A 541 -30.71 38.33 -18.93
CA LEU A 541 -30.87 39.45 -18.03
C LEU A 541 -30.71 39.04 -16.58
N ASP A 542 -30.27 39.99 -15.75
CA ASP A 542 -30.32 39.84 -14.29
C ASP A 542 -30.57 41.18 -13.63
N ILE A 543 -31.17 41.12 -12.46
CA ILE A 543 -31.72 42.28 -11.79
C ILE A 543 -31.66 42.12 -10.26
N THR A 544 -30.63 41.41 -9.77
CA THR A 544 -30.53 41.01 -8.36
C THR A 544 -30.15 42.20 -7.46
N PRO A 545 -30.93 42.46 -6.38
CA PRO A 545 -30.52 43.42 -5.33
C PRO A 545 -29.24 43.03 -4.57
N LEU A 546 -28.43 44.02 -4.22
CA LEU A 546 -27.14 43.82 -3.57
C LEU A 546 -26.83 44.97 -2.61
N GLY A 551 -33.92 47.78 -0.89
CA GLY A 551 -35.02 47.14 -1.62
C GLY A 551 -34.79 46.86 -3.10
N LEU A 552 -34.90 47.91 -3.93
CA LEU A 552 -34.85 47.81 -5.41
C LEU A 552 -33.43 48.02 -6.00
N SER A 553 -33.05 47.16 -6.95
CA SER A 553 -31.72 47.21 -7.58
C SER A 553 -31.52 48.43 -8.49
N PRO A 554 -30.41 49.17 -8.32
CA PRO A 554 -30.22 50.38 -9.11
C PRO A 554 -29.64 50.15 -10.52
N LEU A 555 -29.40 48.90 -10.89
CA LEU A 555 -28.85 48.56 -12.21
C LEU A 555 -29.43 47.23 -12.73
N CYS A 556 -29.00 46.82 -13.92
CA CYS A 556 -29.51 45.65 -14.60
C CYS A 556 -28.45 45.09 -15.57
N ALA A 557 -28.05 43.83 -15.41
CA ALA A 557 -27.05 43.22 -16.31
C ALA A 557 -27.71 42.68 -17.57
N ILE A 558 -26.99 42.75 -18.71
CA ILE A 558 -27.44 42.20 -20.01
C ILE A 558 -26.32 41.43 -20.70
N GLY A 559 -26.71 40.48 -21.53
CA GLY A 559 -25.81 39.83 -22.48
C GLY A 559 -26.54 39.83 -23.81
N LEU A 560 -25.81 40.07 -24.91
CA LEU A 560 -26.42 40.27 -26.25
C LEU A 560 -25.89 39.36 -27.36
N TRP A 561 -26.65 39.27 -28.45
CA TRP A 561 -26.56 38.17 -29.46
C TRP A 561 -25.47 38.22 -30.55
N THR A 562 -24.97 39.41 -30.88
CA THR A 562 -24.10 39.53 -32.04
C THR A 562 -22.74 40.10 -31.67
N ASP A 563 -22.74 41.18 -30.90
CA ASP A 563 -21.55 41.66 -30.21
C ASP A 563 -21.06 40.71 -29.10
N ILE A 564 -21.78 39.61 -28.87
CA ILE A 564 -21.43 38.51 -27.92
C ILE A 564 -20.93 39.04 -26.58
N SER A 565 -21.59 40.07 -26.09
CA SER A 565 -21.02 40.91 -25.04
C SER A 565 -21.85 41.02 -23.77
N ALA A 566 -21.19 40.90 -22.62
CA ALA A 566 -21.77 41.23 -21.31
C ALA A 566 -21.74 42.75 -21.09
N ARG A 567 -22.79 43.28 -20.45
CA ARG A 567 -23.01 44.74 -20.29
C ARG A 567 -23.78 45.04 -18.99
N ILE A 568 -23.51 46.19 -18.36
CA ILE A 568 -24.28 46.73 -17.21
C ILE A 568 -25.11 47.95 -17.65
N LEU A 569 -26.28 48.16 -17.03
CA LEU A 569 -27.15 49.34 -17.29
C LEU A 569 -27.57 50.05 -15.98
N LYS A 570 -28.17 51.23 -16.19
CA LYS A 570 -28.68 52.17 -15.19
C LYS A 570 -30.02 51.81 -14.58
N LEU A 571 -30.39 52.49 -13.51
CA LEU A 571 -31.64 52.14 -12.84
C LEU A 571 -32.91 52.26 -13.66
N PRO A 572 -33.18 53.45 -14.32
CA PRO A 572 -34.40 53.44 -15.13
C PRO A 572 -34.13 53.76 -16.59
N SER A 573 -33.11 54.57 -16.78
CA SER A 573 -32.70 55.07 -18.06
C SER A 573 -32.30 54.02 -19.02
N PHE A 574 -31.60 53.04 -18.50
CA PHE A 574 -31.07 51.95 -19.36
C PHE A 574 -29.85 52.42 -20.20
N GLU A 575 -28.93 53.14 -19.55
CA GLU A 575 -27.73 53.74 -20.20
C GLU A 575 -26.45 53.02 -19.78
N LEU A 576 -25.61 52.65 -20.76
CA LEU A 576 -24.43 51.77 -20.56
C LEU A 576 -23.45 52.28 -19.50
N LEU A 577 -23.01 51.39 -18.61
CA LEU A 577 -22.14 51.73 -17.47
C LEU A 577 -20.78 51.01 -17.50
N HIS A 578 -20.76 49.74 -17.92
CA HIS A 578 -19.53 49.06 -18.42
C HIS A 578 -19.99 48.11 -19.52
N LYS A 579 -19.12 47.81 -20.48
CA LYS A 579 -19.55 47.10 -21.69
C LYS A 579 -18.45 46.24 -22.30
N GLU A 580 -18.26 45.05 -21.72
CA GLU A 580 -17.12 44.19 -22.05
C GLU A 580 -17.42 43.14 -23.12
N MET A 581 -16.55 43.07 -24.13
CA MET A 581 -16.66 42.11 -25.23
C MET A 581 -16.06 40.77 -24.83
N LEU A 582 -16.82 39.71 -25.11
CA LEU A 582 -16.57 38.37 -24.57
C LEU A 582 -15.93 37.39 -25.57
N GLY A 583 -16.05 37.67 -26.86
CA GLY A 583 -15.29 36.97 -27.89
C GLY A 583 -15.97 35.73 -28.47
N GLY A 584 -15.59 35.41 -29.70
CA GLY A 584 -16.00 34.18 -30.37
C GLY A 584 -17.35 34.29 -31.01
N GLU A 585 -17.86 33.16 -31.52
CA GLU A 585 -19.12 33.12 -32.26
C GLU A 585 -20.34 32.65 -31.45
N ILE A 586 -20.14 32.08 -30.27
CA ILE A 586 -21.27 31.57 -29.44
C ILE A 586 -21.85 32.66 -28.50
N ILE A 587 -23.17 32.64 -28.36
CA ILE A 587 -23.93 33.63 -27.58
C ILE A 587 -23.81 33.45 -26.06
N PRO A 588 -24.18 34.48 -25.27
CA PRO A 588 -24.47 34.28 -23.85
C PRO A 588 -25.71 33.43 -23.60
N ARG A 589 -25.71 32.65 -22.52
CA ARG A 589 -26.87 31.83 -22.08
C ARG A 589 -27.45 32.24 -20.71
N SER A 590 -26.62 32.72 -19.80
CA SER A 590 -27.10 33.26 -18.53
C SER A 590 -26.08 34.23 -17.97
N ILE A 591 -26.57 35.15 -17.17
CA ILE A 591 -25.76 36.21 -16.59
C ILE A 591 -26.27 36.44 -15.18
N LEU A 592 -25.36 36.69 -14.25
CA LEU A 592 -25.74 36.78 -12.83
C LEU A 592 -24.87 37.77 -12.06
N MET A 593 -25.52 38.82 -11.55
CA MET A 593 -24.92 39.75 -10.58
C MET A 593 -25.10 39.09 -9.24
N THR A 594 -23.98 38.76 -8.58
CA THR A 594 -24.05 38.11 -7.27
C THR A 594 -23.06 38.73 -6.29
N THR A 595 -23.16 38.31 -5.04
CA THR A 595 -22.29 38.78 -3.94
C THR A 595 -21.69 37.59 -3.16
N PHE A 596 -20.38 37.37 -3.33
CA PHE A 596 -19.64 36.39 -2.56
C PHE A 596 -18.70 37.06 -1.58
N GLU A 597 -18.42 36.33 -0.50
CA GLU A 597 -17.55 36.78 0.58
C GLU A 597 -18.16 38.01 1.28
N SER A 598 -17.62 39.19 1.06
CA SER A 598 -18.38 40.42 1.27
C SER A 598 -18.26 41.37 0.07
N SER A 599 -17.71 40.88 -1.05
CA SER A 599 -17.52 41.69 -2.26
C SER A 599 -18.72 41.46 -3.18
N HIS A 600 -18.67 42.06 -4.37
CA HIS A 600 -19.70 41.89 -5.40
C HIS A 600 -19.04 41.42 -6.70
N TYR A 601 -19.67 40.47 -7.39
CA TYR A 601 -19.17 40.01 -8.68
C TYR A 601 -20.30 39.97 -9.73
N LEU A 602 -19.89 39.91 -11.00
CA LEU A 602 -20.77 39.57 -12.12
C LEU A 602 -20.23 38.33 -12.79
N LEU A 603 -21.10 37.34 -12.95
CA LEU A 603 -20.81 36.11 -13.66
C LEU A 603 -21.61 36.13 -14.96
N CYS A 604 -21.06 35.49 -15.99
CA CYS A 604 -21.71 35.37 -17.30
C CYS A 604 -21.27 34.10 -18.00
N ALA A 605 -22.23 33.33 -18.50
CA ALA A 605 -21.98 32.01 -19.08
C ALA A 605 -22.29 31.95 -20.59
N LEU A 606 -21.42 31.26 -21.34
CA LEU A 606 -21.57 31.06 -22.78
C LEU A 606 -22.12 29.68 -23.10
N GLY A 607 -22.70 29.57 -24.30
CA GLY A 607 -23.30 28.32 -24.80
C GLY A 607 -22.34 27.16 -24.96
N ASP A 608 -21.06 27.47 -25.21
CA ASP A 608 -20.00 26.44 -25.27
C ASP A 608 -19.46 25.97 -23.91
N GLY A 609 -19.96 26.52 -22.79
CA GLY A 609 -19.53 26.12 -21.44
C GLY A 609 -18.66 27.12 -20.67
N ALA A 610 -18.08 28.09 -21.38
CA ALA A 610 -17.23 29.12 -20.78
C ALA A 610 -17.97 30.02 -19.79
N LEU A 611 -17.33 30.26 -18.66
CA LEU A 611 -17.86 31.13 -17.62
C LEU A 611 -16.82 32.20 -17.34
N PHE A 612 -17.21 33.46 -17.54
CA PHE A 612 -16.36 34.64 -17.27
C PHE A 612 -16.89 35.28 -16.00
N TYR A 613 -16.00 35.64 -15.07
CA TYR A 613 -16.39 36.45 -13.91
C TYR A 613 -15.61 37.77 -13.77
N PHE A 614 -16.32 38.78 -13.23
CA PHE A 614 -15.79 40.13 -13.06
C PHE A 614 -16.13 40.60 -11.65
N GLY A 615 -15.24 41.37 -11.03
CA GLY A 615 -15.56 42.09 -9.79
C GLY A 615 -16.52 43.20 -10.12
N LEU A 616 -17.47 43.49 -9.22
CA LEU A 616 -18.50 44.48 -9.53
C LEU A 616 -18.47 45.65 -8.56
N ASN A 617 -18.83 46.82 -9.09
CA ASN A 617 -18.93 48.07 -8.35
C ASN A 617 -20.40 48.52 -8.41
N ILE A 618 -21.16 48.32 -7.34
CA ILE A 618 -22.60 48.67 -7.37
C ILE A 618 -22.92 50.16 -7.61
N GLU A 619 -22.11 51.07 -7.07
CA GLU A 619 -22.30 52.52 -7.27
C GLU A 619 -22.04 52.94 -8.72
N THR A 620 -20.80 52.77 -9.18
CA THR A 620 -20.37 53.15 -10.54
C THR A 620 -20.81 52.18 -11.63
N GLY A 621 -20.60 50.89 -11.41
CA GLY A 621 -20.83 49.83 -12.44
C GLY A 621 -19.57 49.19 -13.03
N LEU A 622 -18.40 49.63 -12.57
CA LEU A 622 -17.11 49.16 -13.09
C LEU A 622 -16.90 47.65 -12.90
N LEU A 623 -16.92 46.93 -14.02
CA LEU A 623 -16.49 45.54 -14.09
C LEU A 623 -14.96 45.50 -14.20
N SER A 624 -14.31 44.72 -13.32
CA SER A 624 -12.84 44.61 -13.26
C SER A 624 -12.34 43.16 -13.20
N ASP A 625 -11.08 42.97 -13.56
CA ASP A 625 -10.36 41.68 -13.46
C ASP A 625 -11.09 40.49 -14.10
N ARG A 626 -11.04 40.41 -15.41
CA ARG A 626 -11.66 39.31 -16.14
C ARG A 626 -10.81 38.06 -15.95
N LYS A 627 -11.46 36.98 -15.55
CA LYS A 627 -10.87 35.65 -15.58
C LYS A 627 -11.90 34.73 -16.25
N LYS A 628 -11.40 33.68 -16.90
CA LYS A 628 -12.22 32.71 -17.64
C LYS A 628 -12.04 31.34 -17.04
N VAL A 629 -13.04 30.51 -17.22
CA VAL A 629 -12.93 29.09 -16.92
C VAL A 629 -14.01 28.37 -17.73
N THR A 630 -13.74 27.12 -18.11
CA THR A 630 -14.63 26.33 -18.98
C THR A 630 -15.27 25.17 -18.17
N LEU A 631 -16.59 25.17 -18.08
CA LEU A 631 -17.36 24.20 -17.27
C LEU A 631 -18.39 23.42 -18.11
N GLY A 632 -17.93 22.37 -18.79
CA GLY A 632 -18.84 21.40 -19.43
C GLY A 632 -19.60 21.92 -20.65
N THR A 633 -19.28 21.36 -21.82
CA THR A 633 -19.49 22.06 -23.10
C THR A 633 -20.93 22.43 -23.52
N GLN A 634 -21.96 21.87 -22.88
CA GLN A 634 -23.33 22.35 -23.12
C GLN A 634 -23.54 23.75 -22.45
N PRO A 635 -24.57 24.51 -22.87
CA PRO A 635 -24.82 25.84 -22.27
C PRO A 635 -25.11 25.78 -20.77
N THR A 636 -24.82 26.88 -20.06
CA THR A 636 -24.79 26.90 -18.60
C THR A 636 -25.71 27.96 -17.95
N VAL A 637 -26.77 27.49 -17.27
CA VAL A 637 -27.68 28.34 -16.48
C VAL A 637 -27.14 28.51 -15.05
N LEU A 638 -26.97 29.75 -14.62
CA LEU A 638 -26.51 30.08 -13.27
C LEU A 638 -27.67 30.43 -12.37
N ARG A 639 -27.53 30.15 -11.08
CA ARG A 639 -28.65 30.18 -10.13
C ARG A 639 -28.17 30.27 -8.67
N THR A 640 -28.72 31.22 -7.94
CA THR A 640 -28.30 31.51 -6.58
C THR A 640 -29.01 30.58 -5.58
N PHE A 641 -28.25 30.10 -4.59
CA PHE A 641 -28.81 29.42 -3.39
C PHE A 641 -28.07 29.76 -2.10
N ARG A 642 -28.71 29.50 -0.96
CA ARG A 642 -28.09 29.68 0.37
C ARG A 642 -27.50 28.36 0.89
N SER A 643 -26.24 28.38 1.36
CA SER A 643 -25.58 27.20 1.97
C SER A 643 -24.86 27.58 3.28
N LEU A 644 -25.61 27.51 4.39
CA LEU A 644 -25.10 27.83 5.75
C LEU A 644 -24.76 29.34 5.91
N SER A 645 -25.81 30.16 6.01
CA SER A 645 -25.72 31.62 6.28
C SER A 645 -24.87 32.42 5.28
N THR A 646 -24.85 31.96 4.03
CA THR A 646 -24.03 32.55 2.96
C THR A 646 -24.54 32.05 1.59
N THR A 647 -24.33 32.85 0.54
CA THR A 647 -24.80 32.49 -0.82
C THR A 647 -23.74 31.83 -1.70
N ASN A 648 -24.14 30.78 -2.40
CA ASN A 648 -23.36 30.15 -3.46
C ASN A 648 -24.09 30.28 -4.79
N VAL A 649 -23.45 29.83 -5.86
CA VAL A 649 -24.05 29.78 -7.19
C VAL A 649 -23.99 28.35 -7.67
N PHE A 650 -25.08 27.88 -8.29
CA PHE A 650 -25.14 26.54 -8.84
C PHE A 650 -25.16 26.66 -10.35
N ALA A 651 -24.16 26.12 -11.00
CA ALA A 651 -24.04 26.22 -12.45
C ALA A 651 -24.57 24.95 -13.06
N CYS A 652 -25.83 24.98 -13.50
CA CYS A 652 -26.46 23.83 -14.15
C CYS A 652 -25.88 23.63 -15.55
N SER A 653 -25.31 22.46 -15.82
CA SER A 653 -24.68 22.15 -17.13
C SER A 653 -24.41 20.64 -17.32
N ASP A 654 -23.75 20.31 -18.42
CA ASP A 654 -23.03 19.04 -18.64
C ASP A 654 -22.31 18.59 -17.34
N ARG A 655 -21.49 19.48 -16.78
CA ARG A 655 -20.73 19.22 -15.55
C ARG A 655 -21.19 20.22 -14.47
N PRO A 656 -22.26 19.88 -13.72
CA PRO A 656 -22.77 20.83 -12.73
C PRO A 656 -21.75 21.14 -11.65
N THR A 657 -21.83 22.35 -11.11
CA THR A 657 -20.75 22.99 -10.38
C THR A 657 -21.35 23.95 -9.36
N VAL A 658 -20.85 23.91 -8.12
CA VAL A 658 -21.15 24.96 -7.11
C VAL A 658 -20.02 25.98 -7.14
N ILE A 659 -20.34 27.23 -6.87
CA ILE A 659 -19.38 28.32 -6.90
C ILE A 659 -19.42 29.06 -5.56
N TYR A 660 -18.44 28.79 -4.70
CA TYR A 660 -18.22 29.59 -3.46
C TYR A 660 -16.97 30.46 -3.57
N SER A 661 -16.75 31.33 -2.56
CA SER A 661 -15.53 32.14 -2.44
C SER A 661 -14.78 31.87 -1.12
N SER A 662 -13.63 31.21 -1.23
CA SER A 662 -12.69 31.01 -0.13
C SER A 662 -11.60 32.10 -0.18
N ASN A 663 -11.57 32.92 0.87
CA ASN A 663 -10.71 34.16 0.99
C ASN A 663 -10.52 34.98 -0.29
N HIS A 664 -11.64 35.51 -0.79
CA HIS A 664 -11.65 36.53 -1.85
C HIS A 664 -11.03 36.08 -3.21
N LYS A 665 -10.98 34.77 -3.44
CA LYS A 665 -10.67 34.17 -4.75
C LYS A 665 -11.68 33.02 -4.91
N LEU A 666 -12.37 32.97 -6.05
CA LEU A 666 -13.49 32.03 -6.25
C LEU A 666 -13.04 30.59 -6.50
N VAL A 667 -13.93 29.65 -6.17
CA VAL A 667 -13.66 28.21 -6.26
C VAL A 667 -14.81 27.53 -6.96
N PHE A 668 -14.49 26.47 -7.69
CA PHE A 668 -15.43 25.77 -8.56
C PHE A 668 -15.48 24.31 -8.19
N SER A 669 -15.99 24.02 -7.01
CA SER A 669 -16.21 22.63 -6.59
C SER A 669 -17.28 22.03 -7.52
N ASN A 670 -16.95 20.90 -8.16
CA ASN A 670 -17.88 20.28 -9.08
C ASN A 670 -18.89 19.46 -8.29
N VAL A 671 -20.10 19.34 -8.83
CA VAL A 671 -21.23 18.64 -8.19
C VAL A 671 -21.33 17.26 -8.77
N ASN A 672 -21.56 16.29 -7.90
CA ASN A 672 -21.42 14.88 -8.21
C ASN A 672 -22.73 14.31 -8.77
N LEU A 673 -23.07 14.75 -9.97
CA LEU A 673 -24.29 14.33 -10.68
C LEU A 673 -24.07 14.33 -12.21
N LYS A 674 -24.85 13.50 -12.91
CA LYS A 674 -24.97 13.62 -14.38
C LYS A 674 -25.81 14.87 -14.61
N GLU A 675 -25.81 15.41 -15.82
CA GLU A 675 -26.23 16.81 -16.05
C GLU A 675 -27.52 17.26 -15.35
N VAL A 676 -27.45 18.43 -14.71
CA VAL A 676 -28.59 19.17 -14.21
C VAL A 676 -28.81 20.34 -15.16
N ASN A 677 -30.05 20.55 -15.58
CA ASN A 677 -30.41 21.57 -16.56
C ASN A 677 -30.91 22.85 -15.90
N TYR A 678 -31.81 22.69 -14.93
CA TYR A 678 -32.29 23.80 -14.10
C TYR A 678 -32.38 23.34 -12.64
N MET A 679 -32.24 24.31 -11.75
CA MET A 679 -32.37 24.08 -10.33
C MET A 679 -32.99 25.30 -9.72
N CYS A 680 -33.55 25.11 -8.53
CA CYS A 680 -33.99 26.21 -7.70
C CYS A 680 -33.89 25.73 -6.27
N PRO A 681 -33.73 26.67 -5.31
CA PRO A 681 -33.77 26.26 -3.90
C PRO A 681 -35.20 26.02 -3.48
N LEU A 682 -35.40 25.07 -2.58
CA LEU A 682 -36.73 24.75 -2.04
C LEU A 682 -36.67 24.62 -0.53
N ASN A 683 -37.53 25.39 0.14
CA ASN A 683 -37.66 25.33 1.59
C ASN A 683 -39.11 25.04 1.97
N SER A 684 -39.43 23.76 2.02
CA SER A 684 -40.73 23.27 2.46
C SER A 684 -40.60 22.71 3.86
N ASP A 685 -41.74 22.37 4.42
CA ASP A 685 -41.79 21.76 5.76
C ASP A 685 -41.23 20.34 5.70
N GLY A 686 -41.60 19.59 4.65
CA GLY A 686 -41.07 18.25 4.40
C GLY A 686 -39.71 18.19 3.74
N TYR A 687 -39.34 19.24 3.02
CA TYR A 687 -38.01 19.35 2.41
C TYR A 687 -37.40 20.72 2.82
N PRO A 688 -37.02 20.90 4.11
CA PRO A 688 -36.41 22.16 4.55
C PRO A 688 -34.95 22.31 4.13
N ASP A 689 -34.56 23.53 3.77
CA ASP A 689 -33.20 23.86 3.35
C ASP A 689 -32.69 22.96 2.24
N SER A 690 -33.52 22.82 1.20
CA SER A 690 -33.30 21.83 0.17
C SER A 690 -33.16 22.49 -1.18
N LEU A 691 -32.85 21.65 -2.18
CA LEU A 691 -32.74 22.03 -3.59
C LEU A 691 -33.75 21.26 -4.40
N ALA A 692 -34.31 21.87 -5.44
CA ALA A 692 -35.03 21.12 -6.50
C ALA A 692 -34.23 21.11 -7.79
N LEU A 693 -33.69 19.96 -8.21
CA LEU A 693 -32.94 19.86 -9.47
C LEU A 693 -33.81 19.19 -10.51
N ALA A 694 -33.82 19.73 -11.73
CA ALA A 694 -34.42 19.04 -12.89
C ALA A 694 -33.40 18.75 -13.97
N ASN A 695 -33.63 17.67 -14.70
CA ASN A 695 -32.90 17.38 -15.93
C ASN A 695 -33.89 17.02 -17.03
N ASN A 696 -33.40 16.47 -18.14
CA ASN A 696 -34.26 16.19 -19.29
C ASN A 696 -35.44 15.26 -19.00
N SER A 697 -35.25 14.32 -18.05
CA SER A 697 -36.26 13.32 -17.69
C SER A 697 -36.82 13.35 -16.25
N THR A 698 -36.14 14.02 -15.31
CA THR A 698 -36.48 13.88 -13.89
C THR A 698 -36.37 15.15 -13.05
N LEU A 699 -37.31 15.30 -12.11
CA LEU A 699 -37.22 16.28 -11.03
C LEU A 699 -36.74 15.53 -9.78
N THR A 700 -35.70 16.07 -9.14
CA THR A 700 -35.11 15.52 -7.92
C THR A 700 -35.23 16.59 -6.84
N ILE A 701 -35.47 16.16 -5.61
CA ILE A 701 -35.45 17.05 -4.44
C ILE A 701 -34.44 16.50 -3.46
N GLY A 702 -33.50 17.35 -3.04
CA GLY A 702 -32.45 16.93 -2.10
C GLY A 702 -31.76 18.01 -1.28
N THR A 703 -31.14 17.58 -0.17
CA THR A 703 -30.17 18.36 0.62
C THR A 703 -28.81 18.26 -0.12
N ILE A 704 -27.83 19.04 0.34
CA ILE A 704 -26.52 19.17 -0.33
C ILE A 704 -25.41 19.32 0.71
N ASP A 705 -24.28 18.66 0.48
CA ASP A 705 -23.15 18.71 1.41
C ASP A 705 -22.41 20.02 1.23
N GLU A 706 -21.76 20.50 2.31
CA GLU A 706 -21.27 21.90 2.37
C GLU A 706 -19.95 22.11 1.58
N ILE A 707 -19.02 21.21 1.95
CA ILE A 707 -17.68 20.98 1.39
C ILE A 707 -17.59 19.69 0.57
N GLN A 708 -16.56 19.57 -0.28
CA GLN A 708 -16.29 18.41 -1.14
C GLN A 708 -15.82 17.21 -0.35
N LYS A 709 -16.00 16.02 -0.91
CA LYS A 709 -15.58 14.80 -0.25
C LYS A 709 -15.39 13.71 -1.28
N LEU A 710 -14.86 12.57 -0.88
CA LEU A 710 -14.65 11.44 -1.77
C LEU A 710 -15.81 10.50 -1.55
N HIS A 711 -16.40 10.02 -2.65
CA HIS A 711 -17.61 9.21 -2.63
C HIS A 711 -17.35 7.86 -3.26
N ILE A 712 -17.81 6.80 -2.58
CA ILE A 712 -17.43 5.42 -2.87
C ILE A 712 -18.61 4.51 -3.20
N ARG A 713 -18.73 4.15 -4.48
CA ARG A 713 -19.71 3.16 -4.98
C ARG A 713 -19.05 1.77 -4.84
N THR A 714 -19.78 0.83 -4.24
CA THR A 714 -19.26 -0.54 -4.02
C THR A 714 -19.96 -1.58 -4.92
N VAL A 715 -19.16 -2.50 -5.44
CA VAL A 715 -19.59 -3.58 -6.33
C VAL A 715 -19.01 -4.87 -5.74
N PRO A 716 -19.82 -5.62 -4.99
CA PRO A 716 -19.36 -6.89 -4.47
C PRO A 716 -19.18 -7.92 -5.55
N LEU A 717 -18.05 -8.61 -5.50
CA LEU A 717 -17.73 -9.75 -6.34
C LEU A 717 -17.83 -11.10 -5.63
N TYR A 718 -17.63 -11.10 -4.30
CA TYR A 718 -17.65 -12.34 -3.51
C TYR A 718 -16.50 -13.32 -3.90
N GLU A 719 -15.47 -12.80 -4.56
CA GLU A 719 -14.20 -13.49 -4.82
C GLU A 719 -13.10 -12.43 -4.88
N SER A 720 -11.84 -12.85 -4.93
CA SER A 720 -10.71 -11.91 -4.95
C SER A 720 -10.48 -11.27 -6.32
N PRO A 721 -10.64 -9.92 -6.44
CA PRO A 721 -10.16 -9.28 -7.65
C PRO A 721 -8.68 -8.97 -7.50
N ARG A 722 -7.97 -8.94 -8.61
CA ARG A 722 -6.49 -8.96 -8.61
C ARG A 722 -5.81 -7.96 -9.58
N LYS A 723 -6.30 -7.85 -10.81
CA LYS A 723 -5.91 -6.77 -11.71
C LYS A 723 -7.15 -6.22 -12.39
N ILE A 724 -7.06 -4.99 -12.87
CA ILE A 724 -8.17 -4.32 -13.53
C ILE A 724 -7.63 -3.39 -14.60
N CYS A 725 -8.32 -3.31 -15.74
CA CYS A 725 -8.03 -2.28 -16.73
C CYS A 725 -9.29 -1.96 -17.52
N TYR A 726 -9.28 -0.84 -18.23
CA TYR A 726 -10.48 -0.30 -18.84
C TYR A 726 -10.29 -0.18 -20.33
N GLN A 727 -11.25 -0.73 -21.07
CA GLN A 727 -11.23 -0.72 -22.53
C GLN A 727 -12.38 0.20 -22.94
N GLU A 728 -12.03 1.46 -23.21
CA GLU A 728 -13.00 2.52 -23.51
C GLU A 728 -13.97 2.18 -24.64
N VAL A 729 -13.44 1.65 -25.73
CA VAL A 729 -14.25 1.26 -26.91
C VAL A 729 -15.35 0.26 -26.56
N SER A 730 -15.03 -0.74 -25.76
CA SER A 730 -16.00 -1.75 -25.35
C SER A 730 -16.94 -1.26 -24.27
N GLN A 731 -16.63 -0.10 -23.69
CA GLN A 731 -17.38 0.51 -22.58
C GLN A 731 -17.43 -0.45 -21.40
N CYS A 732 -16.28 -1.02 -21.06
CA CYS A 732 -16.23 -2.07 -20.05
C CYS A 732 -14.83 -2.22 -19.43
N PHE A 733 -14.79 -3.01 -18.34
CA PHE A 733 -13.59 -3.25 -17.56
C PHE A 733 -13.18 -4.71 -17.66
N GLY A 734 -11.90 -4.93 -17.90
CA GLY A 734 -11.28 -6.23 -17.67
C GLY A 734 -10.85 -6.33 -16.22
N VAL A 735 -11.14 -7.46 -15.57
CA VAL A 735 -10.71 -7.71 -14.21
C VAL A 735 -10.26 -9.16 -14.02
N LEU A 736 -8.97 -9.37 -13.79
CA LEU A 736 -8.49 -10.68 -13.34
C LEU A 736 -8.97 -10.94 -11.92
N SER A 737 -9.54 -12.12 -11.70
CA SER A 737 -10.08 -12.48 -10.39
C SER A 737 -9.71 -13.91 -10.04
N SER A 738 -10.01 -14.30 -8.81
CA SER A 738 -9.52 -15.55 -8.25
C SER A 738 -10.46 -16.04 -7.16
N ARG A 739 -11.18 -17.13 -7.44
CA ARG A 739 -12.05 -17.76 -6.45
C ARG A 739 -11.48 -19.07 -5.91
N ILE A 740 -11.83 -19.41 -4.67
CA ILE A 740 -11.37 -20.63 -4.01
C ILE A 740 -12.44 -21.71 -4.12
N GLU A 741 -12.09 -22.82 -4.77
CA GLU A 741 -12.90 -24.04 -4.70
C GLU A 741 -12.18 -25.10 -3.85
N VAL A 742 -12.95 -26.08 -3.39
CA VAL A 742 -12.43 -27.19 -2.57
C VAL A 742 -12.69 -28.50 -3.33
N GLN A 743 -11.76 -29.45 -3.20
CA GLN A 743 -11.69 -30.65 -4.07
C GLN A 743 -12.87 -31.64 -3.86
N ASP A 744 -13.38 -32.18 -4.97
CA ASP A 744 -14.50 -33.14 -4.98
C ASP A 744 -13.93 -34.53 -5.30
N THR A 749 -13.89 -30.34 -8.38
CA THR A 749 -13.70 -29.22 -7.45
C THR A 749 -14.92 -28.27 -7.44
N THR A 750 -15.42 -27.92 -6.24
CA THR A 750 -16.65 -27.11 -6.09
C THR A 750 -16.48 -25.81 -5.30
N ALA A 751 -17.32 -24.83 -5.64
CA ALA A 751 -17.32 -23.51 -4.99
C ALA A 751 -17.82 -23.55 -3.55
N LEU A 752 -17.43 -22.54 -2.78
CA LEU A 752 -17.92 -22.34 -1.40
C LEU A 752 -19.11 -21.35 -1.35
N ARG A 753 -19.30 -20.60 -2.43
CA ARG A 753 -20.36 -19.59 -2.53
C ARG A 753 -20.46 -19.11 -3.98
N PRO A 754 -21.63 -18.60 -4.40
CA PRO A 754 -21.67 -17.90 -5.70
C PRO A 754 -20.83 -16.60 -5.71
N SER A 755 -20.11 -16.41 -6.82
CA SER A 755 -19.10 -15.36 -6.98
C SER A 755 -19.34 -14.68 -8.30
N ALA A 756 -18.63 -13.59 -8.54
CA ALA A 756 -18.71 -12.87 -9.82
C ALA A 756 -18.51 -13.77 -11.05
N SER A 757 -17.53 -14.67 -10.96
CA SER A 757 -17.13 -15.49 -12.10
C SER A 757 -18.10 -16.62 -12.37
N THR A 758 -18.87 -17.02 -11.37
CA THR A 758 -19.89 -18.07 -11.51
C THR A 758 -21.29 -17.50 -11.74
N GLN A 759 -21.43 -16.17 -11.76
CA GLN A 759 -22.72 -15.49 -11.89
C GLN A 759 -22.76 -14.59 -13.13
N ALA A 760 -21.92 -14.85 -14.12
CA ALA A 760 -21.84 -13.95 -15.26
C ALA A 760 -22.97 -14.23 -16.26
N LEU A 761 -23.39 -13.20 -17.01
CA LEU A 761 -24.32 -13.39 -18.15
C LEU A 761 -23.82 -14.47 -19.10
N SER A 762 -22.84 -14.15 -19.92
CA SER A 762 -22.21 -15.11 -20.80
C SER A 762 -21.06 -15.75 -20.00
N SER A 763 -20.41 -16.77 -20.55
CA SER A 763 -19.35 -17.50 -19.84
C SER A 763 -18.56 -18.44 -20.78
N SER A 764 -17.38 -18.88 -20.33
CA SER A 764 -16.46 -19.72 -21.14
C SER A 764 -15.36 -20.41 -20.32
N VAL A 765 -14.55 -21.23 -21.00
CA VAL A 765 -13.38 -21.88 -20.42
C VAL A 765 -12.30 -22.11 -21.50
N SER A 766 -11.03 -21.94 -21.13
CA SER A 766 -9.93 -21.97 -22.10
C SER A 766 -9.82 -23.35 -22.69
N SER A 767 -9.92 -23.43 -24.02
CA SER A 767 -9.56 -24.65 -24.74
C SER A 767 -8.03 -24.78 -24.70
N SER A 768 -7.57 -25.98 -24.35
CA SER A 768 -6.17 -26.28 -23.98
C SER A 768 -5.08 -25.87 -25.00
N LYS A 769 -3.82 -26.07 -24.63
CA LYS A 769 -2.66 -25.89 -25.54
C LYS A 769 -2.65 -26.95 -26.64
N GLU A 784 -9.38 -30.35 0.18
CA GLU A 784 -8.16 -29.55 -0.07
C GLU A 784 -8.43 -28.44 -1.09
N GLU A 785 -7.77 -27.30 -0.90
CA GLU A 785 -8.15 -26.04 -1.56
C GLU A 785 -7.45 -25.80 -2.89
N VAL A 786 -8.15 -25.15 -3.82
CA VAL A 786 -7.58 -24.79 -5.11
C VAL A 786 -8.06 -23.41 -5.63
N GLU A 787 -7.16 -22.69 -6.30
CA GLU A 787 -7.43 -21.36 -6.80
C GLU A 787 -7.84 -21.49 -8.24
N VAL A 788 -8.85 -20.72 -8.68
CA VAL A 788 -9.32 -20.77 -10.08
C VAL A 788 -9.44 -19.35 -10.64
N HIS A 789 -8.67 -19.08 -11.69
CA HIS A 789 -8.55 -17.74 -12.22
C HIS A 789 -9.50 -17.48 -13.36
N ASN A 790 -10.00 -16.24 -13.41
CA ASN A 790 -10.86 -15.80 -14.47
C ASN A 790 -10.50 -14.41 -14.93
N LEU A 791 -10.87 -14.10 -16.16
CA LEU A 791 -10.92 -12.75 -16.65
C LEU A 791 -12.38 -12.34 -16.73
N LEU A 792 -12.82 -11.53 -15.77
CA LEU A 792 -14.15 -10.94 -15.80
C LEU A 792 -14.21 -9.78 -16.81
N ILE A 793 -15.39 -9.56 -17.38
CA ILE A 793 -15.66 -8.41 -18.22
C ILE A 793 -16.86 -7.74 -17.61
N ILE A 794 -16.68 -6.52 -17.14
CA ILE A 794 -17.66 -5.85 -16.30
C ILE A 794 -18.11 -4.54 -16.93
N ASP A 795 -19.41 -4.30 -16.90
CA ASP A 795 -19.99 -3.14 -17.58
C ASP A 795 -19.55 -1.85 -16.90
N GLN A 796 -19.21 -0.87 -17.69
CA GLN A 796 -18.78 0.40 -17.18
C GLN A 796 -19.81 1.15 -16.37
N HIS A 797 -21.04 1.15 -16.83
CA HIS A 797 -22.13 1.91 -16.19
C HIS A 797 -22.84 1.17 -15.06
N THR A 798 -23.15 -0.09 -15.31
CA THR A 798 -23.94 -0.91 -14.39
C THR A 798 -23.09 -1.85 -13.52
N PHE A 799 -21.85 -2.13 -13.92
CA PHE A 799 -20.96 -3.10 -13.25
C PHE A 799 -21.56 -4.50 -13.12
N GLU A 800 -22.38 -4.87 -14.11
CA GLU A 800 -22.81 -6.25 -14.27
C GLU A 800 -21.64 -7.04 -14.83
N VAL A 801 -21.47 -8.26 -14.34
CA VAL A 801 -20.49 -9.16 -14.90
C VAL A 801 -21.14 -9.69 -16.18
N LEU A 802 -20.62 -9.26 -17.33
CA LEU A 802 -21.15 -9.65 -18.64
C LEU A 802 -20.61 -11.00 -19.08
N HIS A 803 -19.34 -11.26 -18.81
CA HIS A 803 -18.68 -12.53 -19.20
C HIS A 803 -17.58 -12.92 -18.21
N ALA A 804 -17.39 -14.21 -18.02
CA ALA A 804 -16.32 -14.75 -17.17
C ALA A 804 -15.56 -15.85 -17.89
N HIS A 805 -14.34 -15.55 -18.34
CA HIS A 805 -13.50 -16.54 -19.01
C HIS A 805 -12.59 -17.19 -18.00
N GLN A 806 -12.69 -18.52 -17.88
CA GLN A 806 -11.88 -19.31 -16.95
C GLN A 806 -10.61 -19.79 -17.63
N PHE A 807 -9.46 -19.52 -17.03
CA PHE A 807 -8.18 -20.01 -17.56
C PHE A 807 -8.01 -21.52 -17.28
N LEU A 808 -6.88 -22.10 -17.66
CA LEU A 808 -6.67 -23.57 -17.57
C LEU A 808 -6.61 -24.06 -16.13
N GLN A 809 -6.64 -25.38 -15.95
CA GLN A 809 -6.39 -25.99 -14.65
C GLN A 809 -4.89 -25.76 -14.41
N ASN A 810 -4.53 -25.37 -13.18
CA ASN A 810 -3.16 -24.94 -12.79
C ASN A 810 -2.63 -23.61 -13.36
N GLU A 811 -3.39 -22.92 -14.21
CA GLU A 811 -2.91 -21.66 -14.81
C GLU A 811 -3.21 -20.49 -13.87
N TYR A 812 -2.18 -19.66 -13.66
CA TYR A 812 -2.23 -18.53 -12.74
C TYR A 812 -2.11 -17.25 -13.57
N ALA A 813 -3.20 -16.48 -13.62
CA ALA A 813 -3.20 -15.20 -14.32
C ALA A 813 -2.41 -14.19 -13.53
N LEU A 814 -1.44 -13.57 -14.18
CA LEU A 814 -0.56 -12.62 -13.51
C LEU A 814 -0.76 -11.19 -13.97
N SER A 815 -0.78 -10.97 -15.29
CA SER A 815 -0.80 -9.60 -15.84
C SER A 815 -1.97 -9.36 -16.78
N LEU A 816 -2.37 -8.11 -16.92
CA LEU A 816 -3.49 -7.76 -17.80
C LEU A 816 -3.26 -6.39 -18.38
N VAL A 817 -3.58 -6.23 -19.67
CA VAL A 817 -3.54 -4.93 -20.34
C VAL A 817 -4.66 -4.90 -21.41
N SER A 818 -5.12 -3.69 -21.75
CA SER A 818 -6.09 -3.49 -22.83
C SER A 818 -5.56 -2.47 -23.82
N CYS A 819 -5.14 -2.93 -24.99
CA CYS A 819 -4.46 -2.07 -25.96
C CYS A 819 -4.68 -2.47 -27.43
N LYS A 820 -4.26 -1.55 -28.28
CA LYS A 820 -4.20 -1.73 -29.74
C LYS A 820 -2.74 -2.01 -30.12
N LEU A 821 -2.53 -2.99 -30.99
CA LEU A 821 -1.18 -3.33 -31.49
C LEU A 821 -1.09 -3.18 -32.99
N GLY A 822 0.07 -2.70 -33.45
CA GLY A 822 0.39 -2.58 -34.87
C GLY A 822 -0.68 -1.90 -35.72
N LYS A 823 -0.78 -2.34 -36.98
CA LYS A 823 -1.78 -1.79 -37.91
C LYS A 823 -3.23 -2.20 -37.61
N ASP A 824 -3.42 -3.14 -36.69
CA ASP A 824 -4.76 -3.60 -36.30
C ASP A 824 -5.58 -2.50 -35.64
N PRO A 825 -6.82 -2.28 -36.11
CA PRO A 825 -7.73 -1.30 -35.46
C PRO A 825 -8.45 -1.84 -34.23
N ASN A 826 -8.67 -3.15 -34.18
CA ASN A 826 -9.32 -3.79 -33.03
C ASN A 826 -8.52 -3.61 -31.74
N THR A 827 -9.24 -3.54 -30.63
CA THR A 827 -8.69 -3.42 -29.29
C THR A 827 -8.85 -4.74 -28.53
N TYR A 828 -7.80 -5.19 -27.85
CA TYR A 828 -7.80 -6.51 -27.22
C TYR A 828 -7.51 -6.42 -25.73
N PHE A 829 -8.06 -7.34 -24.95
CA PHE A 829 -7.62 -7.56 -23.58
C PHE A 829 -6.53 -8.61 -23.72
N ILE A 830 -5.35 -8.34 -23.19
CA ILE A 830 -4.23 -9.31 -23.22
C ILE A 830 -3.91 -9.72 -21.79
N VAL A 831 -3.66 -11.01 -21.58
CA VAL A 831 -3.35 -11.55 -20.25
C VAL A 831 -2.06 -12.37 -20.29
N GLY A 832 -1.15 -12.09 -19.36
CA GLY A 832 0.04 -12.92 -19.13
C GLY A 832 -0.24 -13.93 -18.03
N THR A 833 0.34 -15.11 -18.12
CA THR A 833 0.03 -16.20 -17.19
C THR A 833 1.27 -16.99 -16.82
N ALA A 834 1.13 -17.91 -15.88
CA ALA A 834 2.20 -18.83 -15.52
C ALA A 834 1.58 -20.15 -15.15
N MET A 835 2.33 -21.23 -15.32
CA MET A 835 1.89 -22.56 -14.95
C MET A 835 2.50 -22.98 -13.62
N VAL A 836 1.64 -23.05 -12.62
CA VAL A 836 2.03 -23.32 -11.25
C VAL A 836 1.70 -24.74 -10.91
N TYR A 837 2.74 -25.52 -10.59
CA TYR A 837 2.55 -26.86 -10.04
C TYR A 837 3.23 -26.90 -8.68
N PRO A 838 2.61 -27.55 -7.68
CA PRO A 838 3.25 -27.66 -6.36
C PRO A 838 4.63 -28.39 -6.32
N GLU A 839 4.93 -29.22 -7.32
CA GLU A 839 6.28 -29.82 -7.46
C GLU A 839 7.33 -28.79 -7.89
N GLU A 840 6.89 -27.81 -8.69
CA GLU A 840 7.76 -26.90 -9.44
C GLU A 840 7.91 -25.56 -8.73
N ALA A 841 9.16 -25.19 -8.42
CA ALA A 841 9.45 -23.94 -7.70
C ALA A 841 9.35 -22.73 -8.63
N GLU A 842 10.26 -22.62 -9.59
CA GLU A 842 10.26 -21.54 -10.60
C GLU A 842 9.47 -22.03 -11.80
N PRO A 843 8.42 -21.29 -12.18
CA PRO A 843 7.61 -21.76 -13.29
C PRO A 843 8.36 -21.78 -14.62
N LYS A 844 8.25 -22.92 -15.30
CA LYS A 844 8.96 -23.19 -16.54
C LYS A 844 8.15 -22.79 -17.76
N GLN A 845 6.83 -22.60 -17.60
CA GLN A 845 5.95 -22.34 -18.74
C GLN A 845 4.78 -21.42 -18.40
N GLY A 846 4.29 -20.70 -19.39
CA GLY A 846 3.19 -19.74 -19.27
C GLY A 846 2.60 -19.37 -20.63
N ARG A 847 1.70 -18.40 -20.65
CA ARG A 847 1.03 -17.96 -21.89
C ARG A 847 0.85 -16.47 -21.98
N ILE A 848 0.75 -15.97 -23.20
CA ILE A 848 0.31 -14.63 -23.47
C ILE A 848 -0.92 -14.81 -24.35
N VAL A 849 -2.09 -14.64 -23.76
CA VAL A 849 -3.36 -14.81 -24.47
C VAL A 849 -3.90 -13.44 -24.86
N VAL A 850 -4.17 -13.26 -26.16
CA VAL A 850 -4.84 -12.07 -26.69
C VAL A 850 -6.32 -12.38 -26.83
N PHE A 851 -7.18 -11.57 -26.23
CA PHE A 851 -8.63 -11.76 -26.29
C PHE A 851 -9.28 -10.59 -27.01
N GLN A 852 -10.46 -10.83 -27.60
CA GLN A 852 -11.32 -9.77 -28.15
C GLN A 852 -12.71 -9.89 -27.54
N TYR A 853 -13.21 -8.78 -27.02
CA TYR A 853 -14.59 -8.69 -26.54
C TYR A 853 -15.40 -7.94 -27.60
N SER A 854 -16.22 -8.68 -28.37
CA SER A 854 -16.95 -8.13 -29.53
C SER A 854 -18.47 -8.42 -29.50
N ASP A 855 -18.83 -9.70 -29.39
CA ASP A 855 -20.20 -10.10 -29.08
C ASP A 855 -20.32 -9.99 -27.56
N GLY A 856 -21.43 -10.43 -26.99
CA GLY A 856 -21.52 -10.56 -25.53
C GLY A 856 -20.43 -11.45 -24.92
N LYS A 857 -19.81 -12.30 -25.76
CA LYS A 857 -18.73 -13.21 -25.37
C LYS A 857 -17.31 -12.69 -25.71
N LEU A 858 -16.34 -13.51 -25.29
CA LEU A 858 -14.91 -13.22 -25.38
C LEU A 858 -14.24 -14.24 -26.33
N GLN A 859 -13.57 -13.76 -27.39
CA GLN A 859 -12.91 -14.67 -28.38
C GLN A 859 -11.43 -14.73 -28.06
N THR A 860 -10.85 -15.93 -27.97
CA THR A 860 -9.39 -16.07 -27.92
C THR A 860 -8.86 -15.82 -29.33
N VAL A 861 -8.23 -14.68 -29.53
CA VAL A 861 -7.67 -14.28 -30.83
C VAL A 861 -6.27 -14.85 -31.07
N ALA A 862 -5.51 -15.13 -30.01
CA ALA A 862 -4.17 -15.70 -30.17
C ALA A 862 -3.59 -16.16 -28.85
N GLU A 863 -2.97 -17.33 -28.84
CA GLU A 863 -2.14 -17.77 -27.74
C GLU A 863 -0.70 -17.41 -28.06
N LYS A 864 0.20 -17.76 -27.14
CA LYS A 864 1.64 -17.72 -27.34
C LYS A 864 2.23 -18.44 -26.15
N GLU A 865 2.77 -19.64 -26.36
CA GLU A 865 3.40 -20.40 -25.28
C GLU A 865 4.74 -19.77 -25.03
N VAL A 866 5.19 -19.81 -23.78
CA VAL A 866 6.37 -19.10 -23.35
C VAL A 866 7.05 -19.85 -22.21
N LYS A 867 8.38 -19.92 -22.23
CA LYS A 867 9.14 -20.77 -21.30
C LYS A 867 9.40 -20.03 -19.94
N GLY A 868 8.31 -19.62 -19.29
CA GLY A 868 8.32 -18.88 -18.01
C GLY A 868 7.03 -18.10 -17.68
N ALA A 869 7.00 -17.58 -16.45
CA ALA A 869 5.88 -16.75 -15.94
C ALA A 869 5.89 -15.32 -16.47
N VAL A 870 4.76 -14.88 -17.03
CA VAL A 870 4.61 -13.52 -17.50
C VAL A 870 4.16 -12.62 -16.33
N TYR A 871 5.12 -12.07 -15.60
CA TYR A 871 4.85 -11.23 -14.43
C TYR A 871 4.20 -9.90 -14.80
N SER A 872 4.65 -9.29 -15.91
CA SER A 872 4.13 -7.98 -16.35
C SER A 872 4.06 -7.84 -17.84
N MET A 873 3.29 -6.84 -18.28
CA MET A 873 3.18 -6.47 -19.69
C MET A 873 2.87 -5.00 -19.80
N VAL A 874 3.16 -4.41 -20.96
CA VAL A 874 2.85 -3.00 -21.21
C VAL A 874 2.81 -2.72 -22.71
N GLU A 875 1.81 -1.98 -23.19
CA GLU A 875 1.82 -1.48 -24.56
C GLU A 875 2.97 -0.51 -24.77
N PHE A 876 3.81 -0.83 -25.74
CA PHE A 876 5.08 -0.16 -26.00
C PHE A 876 5.19 0.28 -27.46
N ASN A 877 4.77 1.52 -27.73
CA ASN A 877 4.82 2.13 -29.06
C ASN A 877 4.13 1.30 -30.16
N GLY A 878 3.00 0.71 -29.79
CA GLY A 878 2.21 -0.14 -30.68
C GLY A 878 2.66 -1.59 -30.75
N LYS A 879 3.57 -1.97 -29.86
CA LYS A 879 4.09 -3.33 -29.74
C LYS A 879 3.81 -3.80 -28.31
N LEU A 880 4.04 -5.07 -28.02
CA LEU A 880 3.76 -5.63 -26.68
C LEU A 880 5.05 -6.00 -25.98
N LEU A 881 5.39 -5.26 -24.93
CA LEU A 881 6.51 -5.57 -24.06
C LEU A 881 6.00 -6.47 -22.97
N ALA A 882 6.84 -7.38 -22.50
CA ALA A 882 6.38 -8.42 -21.57
C ALA A 882 7.53 -9.09 -20.89
N SER A 883 7.46 -9.19 -19.57
CA SER A 883 8.49 -9.87 -18.80
C SER A 883 8.14 -11.34 -18.73
N ILE A 884 9.16 -12.18 -18.90
CA ILE A 884 9.04 -13.62 -18.73
C ILE A 884 10.24 -14.03 -17.88
N ASN A 885 9.98 -14.38 -16.62
CA ASN A 885 11.07 -14.62 -15.67
C ASN A 885 12.13 -13.50 -15.72
N SER A 886 13.40 -13.83 -15.95
CA SER A 886 14.43 -12.80 -16.08
C SER A 886 14.45 -12.07 -17.43
N THR A 887 13.71 -12.57 -18.42
CA THR A 887 13.71 -11.97 -19.77
C THR A 887 12.65 -10.88 -19.95
N VAL A 888 13.08 -9.74 -20.47
CA VAL A 888 12.19 -8.76 -21.06
C VAL A 888 12.16 -9.05 -22.55
N ARG A 889 10.96 -9.12 -23.13
CA ARG A 889 10.77 -9.53 -24.53
C ARG A 889 9.77 -8.62 -25.24
N LEU A 890 10.13 -8.17 -26.43
CA LEU A 890 9.27 -7.31 -27.24
C LEU A 890 8.66 -8.11 -28.38
N TYR A 891 7.34 -8.01 -28.56
CA TYR A 891 6.59 -8.73 -29.59
C TYR A 891 5.94 -7.70 -30.52
N GLU A 892 5.87 -8.01 -31.82
CA GLU A 892 5.08 -7.24 -32.79
C GLU A 892 3.83 -8.02 -33.16
N TRP A 893 2.81 -7.31 -33.62
CA TRP A 893 1.48 -7.90 -33.99
C TRP A 893 1.33 -8.00 -35.52
N THR A 894 1.33 -9.22 -36.04
CA THR A 894 1.33 -9.45 -37.50
C THR A 894 -0.08 -9.24 -38.06
N THR A 895 -0.15 -9.05 -39.39
CA THR A 895 -1.45 -9.02 -40.12
C THR A 895 -2.10 -10.40 -40.15
N GLU A 896 -1.28 -11.46 -40.11
CA GLU A 896 -1.74 -12.84 -39.83
C GLU A 896 -2.38 -12.99 -38.44
N LYS A 897 -2.24 -11.95 -37.61
CA LYS A 897 -2.92 -11.76 -36.32
C LYS A 897 -2.29 -12.64 -35.22
N GLU A 898 -0.96 -12.68 -35.24
CA GLU A 898 -0.11 -13.49 -34.36
C GLU A 898 0.93 -12.58 -33.71
N LEU A 899 1.47 -13.04 -32.59
CA LEU A 899 2.54 -12.33 -31.89
C LEU A 899 3.87 -12.88 -32.36
N ARG A 900 4.72 -11.99 -32.89
CA ARG A 900 6.07 -12.34 -33.34
C ARG A 900 7.08 -11.54 -32.55
N THR A 901 8.06 -12.24 -31.98
CA THR A 901 9.16 -11.59 -31.27
C THR A 901 9.96 -10.64 -32.16
N GLU A 902 10.32 -9.49 -31.61
CA GLU A 902 11.36 -8.65 -32.19
C GLU A 902 12.65 -8.97 -31.44
N CYS A 903 12.80 -8.49 -30.22
CA CYS A 903 14.03 -8.66 -29.47
C CYS A 903 13.81 -9.20 -28.06
N ASN A 904 14.90 -9.35 -27.35
CA ASN A 904 14.93 -9.94 -26.04
C ASN A 904 15.92 -9.17 -25.19
N HIS A 905 15.84 -9.35 -23.88
CA HIS A 905 16.89 -8.87 -22.99
C HIS A 905 16.94 -9.67 -21.71
N TYR A 906 18.00 -10.44 -21.57
CA TYR A 906 18.18 -11.33 -20.43
C TYR A 906 18.77 -10.47 -19.37
N ASN A 907 18.25 -10.61 -18.15
CA ASN A 907 18.72 -9.83 -17.02
C ASN A 907 19.29 -10.76 -15.97
N ASN A 908 20.02 -10.16 -15.03
CA ASN A 908 20.51 -10.85 -13.83
C ASN A 908 19.57 -10.62 -12.63
N ILE A 909 18.39 -10.08 -12.92
CA ILE A 909 17.28 -10.01 -11.98
C ILE A 909 16.02 -10.55 -12.65
N MET A 910 14.98 -10.72 -11.85
CA MET A 910 13.70 -11.23 -12.32
C MET A 910 12.86 -10.01 -12.62
N ALA A 911 12.34 -9.89 -13.82
CA ALA A 911 11.58 -8.69 -14.20
C ALA A 911 10.13 -8.69 -13.65
N LEU A 912 9.96 -8.46 -12.37
CA LEU A 912 8.61 -8.34 -11.81
C LEU A 912 7.90 -7.08 -12.20
N TYR A 913 8.61 -5.96 -12.14
CA TYR A 913 8.04 -4.68 -12.48
C TYR A 913 8.47 -4.28 -13.89
N LEU A 914 7.57 -3.61 -14.60
CA LEU A 914 7.81 -3.10 -15.94
C LEU A 914 7.01 -1.83 -16.07
N LYS A 915 7.70 -0.72 -16.26
CA LYS A 915 7.03 0.52 -16.57
C LYS A 915 7.80 1.16 -17.70
N THR A 916 7.11 1.91 -18.57
CA THR A 916 7.78 2.62 -19.66
C THR A 916 7.37 4.09 -19.73
N LYS A 917 8.23 4.88 -20.37
CA LYS A 917 7.93 6.23 -20.81
C LYS A 917 8.61 6.43 -22.15
N GLY A 918 7.82 6.52 -23.22
CA GLY A 918 8.36 6.66 -24.56
C GLY A 918 9.10 5.38 -24.93
N ASP A 919 10.36 5.53 -25.34
CA ASP A 919 11.25 4.38 -25.59
C ASP A 919 12.03 3.90 -24.33
N PHE A 920 11.94 4.63 -23.21
CA PHE A 920 12.62 4.23 -21.95
C PHE A 920 11.81 3.14 -21.23
N ILE A 921 12.52 2.16 -20.65
CA ILE A 921 11.91 1.01 -19.99
C ILE A 921 12.52 0.86 -18.61
N LEU A 922 11.67 0.73 -17.60
CA LEU A 922 12.09 0.53 -16.20
C LEU A 922 11.72 -0.88 -15.77
N VAL A 923 12.71 -1.64 -15.32
CA VAL A 923 12.53 -3.00 -14.81
C VAL A 923 12.89 -3.03 -13.35
N GLY A 924 12.15 -3.80 -12.57
CA GLY A 924 12.47 -4.01 -11.15
C GLY A 924 12.17 -5.43 -10.73
N ASP A 925 12.97 -5.94 -9.78
CA ASP A 925 12.65 -7.18 -9.05
C ASP A 925 12.12 -6.84 -7.64
N LEU A 926 11.71 -7.89 -6.93
CA LEU A 926 11.14 -7.75 -5.56
C LEU A 926 12.13 -7.24 -4.53
N MET A 927 13.40 -7.28 -4.87
CA MET A 927 14.44 -6.92 -3.96
C MET A 927 15.05 -5.53 -4.24
N ARG A 928 14.27 -4.64 -4.86
CA ARG A 928 14.62 -3.22 -5.04
C ARG A 928 15.81 -3.00 -6.00
N SER A 929 16.27 -4.06 -6.68
CA SER A 929 17.16 -3.91 -7.84
C SER A 929 16.32 -3.29 -8.91
N VAL A 930 16.80 -2.20 -9.51
CA VAL A 930 16.10 -1.60 -10.65
C VAL A 930 17.10 -1.41 -11.78
N LEU A 931 16.58 -1.58 -13.00
CA LEU A 931 17.30 -1.39 -14.25
C LEU A 931 16.65 -0.28 -15.07
N LEU A 932 17.37 0.18 -16.07
CA LEU A 932 16.86 1.18 -16.97
C LEU A 932 17.29 0.83 -18.37
N LEU A 933 16.45 0.06 -19.06
CA LEU A 933 16.68 -0.35 -20.44
C LEU A 933 16.10 0.69 -21.40
N ALA A 934 16.68 0.76 -22.60
CA ALA A 934 16.16 1.58 -23.68
C ALA A 934 16.08 0.76 -24.97
N TYR A 935 15.00 0.97 -25.71
CA TYR A 935 14.85 0.39 -27.03
C TYR A 935 15.55 1.32 -27.99
N LYS A 936 16.18 0.71 -28.98
CA LYS A 936 16.95 1.42 -29.98
C LYS A 936 16.39 0.96 -31.30
N PRO A 937 15.57 1.80 -31.97
CA PRO A 937 14.96 1.36 -33.23
C PRO A 937 15.96 1.11 -34.34
N MET A 938 16.98 1.96 -34.44
CA MET A 938 18.07 1.80 -35.41
C MET A 938 18.92 0.54 -35.20
N GLU A 939 18.97 0.02 -33.97
CA GLU A 939 19.78 -1.15 -33.62
C GLU A 939 18.98 -2.46 -33.51
N GLY A 940 17.66 -2.37 -33.41
CA GLY A 940 16.79 -3.55 -33.29
C GLY A 940 16.65 -4.21 -31.92
N ASN A 941 17.54 -3.91 -30.99
CA ASN A 941 17.63 -4.56 -29.67
C ASN A 941 17.50 -3.54 -28.53
N PHE A 942 17.49 -4.02 -27.28
CA PHE A 942 17.59 -3.17 -26.07
C PHE A 942 19.03 -2.91 -25.59
N GLU A 943 19.26 -1.72 -25.01
CA GLU A 943 20.54 -1.34 -24.36
C GLU A 943 20.32 -0.99 -22.88
N GLU A 944 21.25 -1.36 -21.99
CA GLU A 944 21.22 -0.86 -20.60
C GLU A 944 21.64 0.59 -20.53
N ILE A 945 20.89 1.40 -19.81
CA ILE A 945 21.21 2.82 -19.60
C ILE A 945 21.79 3.07 -18.21
N ALA A 946 21.22 2.41 -17.21
CA ALA A 946 21.59 2.65 -15.82
C ALA A 946 21.03 1.55 -14.92
N ARG A 947 21.47 1.54 -13.68
CA ARG A 947 21.07 0.51 -12.72
C ARG A 947 21.39 0.92 -11.27
N ASP A 948 20.66 0.30 -10.35
CA ASP A 948 20.88 0.46 -8.91
C ASP A 948 20.41 -0.83 -8.27
N PHE A 949 21.28 -1.42 -7.45
CA PHE A 949 20.96 -2.61 -6.67
C PHE A 949 21.16 -2.21 -5.24
N ASN A 950 20.10 -2.25 -4.44
CA ASN A 950 20.19 -1.96 -3.00
C ASN A 950 19.19 -2.82 -2.20
N PRO A 951 19.64 -3.97 -1.67
CA PRO A 951 18.78 -4.96 -1.05
C PRO A 951 17.70 -4.44 -0.11
N ASN A 952 16.47 -4.43 -0.57
CA ASN A 952 15.30 -4.23 0.29
C ASN A 952 14.04 -4.70 -0.41
N TRP A 953 12.99 -4.91 0.35
CA TRP A 953 11.78 -5.40 -0.26
C TRP A 953 11.03 -4.27 -0.97
N MET A 954 10.76 -4.44 -2.26
CA MET A 954 10.06 -3.46 -3.06
C MET A 954 8.69 -4.01 -3.48
N SER A 955 7.66 -3.18 -3.30
CA SER A 955 6.25 -3.56 -3.52
C SER A 955 5.62 -2.88 -4.72
N ALA A 956 6.17 -1.73 -5.12
CA ALA A 956 5.69 -1.00 -6.31
C ALA A 956 6.71 0.02 -6.83
N VAL A 957 6.70 0.28 -8.15
CA VAL A 957 7.51 1.33 -8.77
C VAL A 957 6.78 2.08 -9.86
N GLU A 958 7.19 3.32 -10.07
CA GLU A 958 6.60 4.17 -11.09
C GLU A 958 7.62 5.10 -11.72
N ILE A 959 7.38 5.46 -12.98
CA ILE A 959 8.21 6.44 -13.69
C ILE A 959 7.61 7.84 -13.50
N LEU A 960 8.27 8.67 -12.70
CA LEU A 960 7.82 10.04 -12.50
C LEU A 960 8.06 10.91 -13.73
N ASP A 961 9.23 10.73 -14.36
CA ASP A 961 9.57 11.34 -15.67
C ASP A 961 10.87 10.68 -16.21
N ASP A 962 11.36 11.13 -17.37
CA ASP A 962 12.50 10.47 -18.07
C ASP A 962 13.71 10.23 -17.17
N ASP A 963 13.88 11.10 -16.16
CA ASP A 963 14.99 11.07 -15.19
C ASP A 963 14.69 10.47 -13.80
N ASN A 964 13.43 10.49 -13.34
CA ASN A 964 13.09 10.15 -11.93
C ASN A 964 12.16 8.96 -11.75
N PHE A 965 12.44 8.12 -10.77
CA PHE A 965 11.71 6.87 -10.57
C PHE A 965 11.27 6.76 -9.14
N LEU A 966 9.95 6.76 -8.92
CA LEU A 966 9.36 6.60 -7.59
C LEU A 966 9.25 5.10 -7.28
N GLY A 967 9.53 4.73 -6.04
CA GLY A 967 9.31 3.36 -5.59
C GLY A 967 8.86 3.28 -4.15
N ALA A 968 8.29 2.12 -3.78
CA ALA A 968 7.84 1.85 -2.41
C ALA A 968 8.62 0.66 -1.86
N GLU A 969 9.08 0.76 -0.62
CA GLU A 969 10.05 -0.20 -0.10
C GLU A 969 9.95 -0.41 1.39
N ASN A 970 10.60 -1.48 1.85
CA ASN A 970 10.29 -2.13 3.13
C ASN A 970 10.33 -1.23 4.36
N ALA A 971 9.39 -1.58 5.27
CA ALA A 971 8.89 -0.78 6.38
C ALA A 971 8.24 0.49 5.83
N PHE A 972 7.25 0.30 4.97
CA PHE A 972 6.31 1.36 4.62
C PHE A 972 6.97 2.66 4.16
N ASN A 973 8.03 2.54 3.36
CA ASN A 973 8.75 3.70 2.88
C ASN A 973 8.54 3.98 1.39
N LEU A 974 8.64 5.26 1.02
CA LEU A 974 8.79 5.66 -0.37
C LEU A 974 10.22 6.12 -0.58
N PHE A 975 10.71 5.96 -1.81
CA PHE A 975 12.08 6.31 -2.20
C PHE A 975 12.09 6.75 -3.66
N VAL A 976 13.04 7.63 -4.00
CA VAL A 976 13.18 8.14 -5.35
C VAL A 976 14.62 8.05 -5.84
N CYS A 977 14.81 7.29 -6.91
CA CYS A 977 16.06 7.23 -7.65
C CYS A 977 15.99 8.19 -8.81
N GLN A 978 17.07 8.96 -9.01
CA GLN A 978 17.21 9.90 -10.12
C GLN A 978 18.29 9.41 -11.09
N LYS A 979 18.17 9.78 -12.37
CA LYS A 979 19.06 9.30 -13.42
C LYS A 979 20.48 9.83 -13.28
N ASP A 980 20.64 11.15 -13.22
CA ASP A 980 21.96 11.75 -13.35
C ASP A 980 22.82 11.62 -12.09
N GLU A 987 30.92 7.39 -20.19
CA GLU A 987 30.94 7.91 -18.84
C GLU A 987 30.37 6.87 -17.86
N GLU A 988 30.76 7.00 -16.59
CA GLU A 988 30.36 6.08 -15.53
C GLU A 988 29.12 6.59 -14.72
N ARG A 989 28.22 7.31 -15.40
CA ARG A 989 26.94 7.73 -14.82
C ARG A 989 25.80 6.88 -15.40
N GLN A 990 25.94 5.58 -15.15
CA GLN A 990 24.89 4.59 -15.25
C GLN A 990 24.54 4.05 -13.85
N HIS A 991 25.01 4.74 -12.81
CA HIS A 991 24.52 4.55 -11.45
C HIS A 991 23.36 5.54 -11.28
N LEU A 992 22.42 5.20 -10.41
CA LEU A 992 21.23 6.00 -10.16
C LEU A 992 21.34 6.60 -8.76
N GLN A 993 21.32 7.93 -8.69
CA GLN A 993 21.42 8.66 -7.42
C GLN A 993 20.15 8.53 -6.60
N GLU A 994 20.28 8.35 -5.29
CA GLU A 994 19.15 8.24 -4.38
C GLU A 994 18.73 9.64 -3.91
N VAL A 995 17.73 10.26 -4.55
CA VAL A 995 17.34 11.64 -4.19
C VAL A 995 16.19 11.78 -3.19
N GLY A 996 15.44 10.71 -2.93
CA GLY A 996 14.23 10.79 -2.11
C GLY A 996 14.13 9.65 -1.10
N LEU A 997 13.71 10.00 0.12
CA LEU A 997 13.45 9.04 1.18
C LEU A 997 12.35 9.56 2.08
N PHE A 998 11.43 8.68 2.48
CA PHE A 998 10.26 9.11 3.24
C PHE A 998 9.57 7.90 3.83
N HIS A 999 9.30 7.94 5.13
CA HIS A 999 8.41 6.94 5.77
C HIS A 999 6.93 7.35 5.60
N LEU A 1000 6.23 6.61 4.74
CA LEU A 1000 4.81 6.87 4.47
C LEU A 1000 3.93 6.37 5.59
N GLY A 1001 4.27 5.21 6.13
CA GLY A 1001 3.43 4.53 7.12
C GLY A 1001 2.35 3.64 6.51
N GLU A 1002 2.40 3.50 5.18
CA GLU A 1002 1.50 2.62 4.44
C GLU A 1002 2.27 1.72 3.48
N PHE A 1003 1.65 0.60 3.11
CA PHE A 1003 2.23 -0.40 2.19
C PHE A 1003 1.58 -0.21 0.82
N VAL A 1004 2.36 0.31 -0.11
CA VAL A 1004 1.87 0.63 -1.45
C VAL A 1004 1.90 -0.60 -2.35
N ASN A 1005 0.75 -0.96 -2.89
CA ASN A 1005 0.65 -2.02 -3.89
C ASN A 1005 0.76 -1.54 -5.32
N VAL A 1006 0.14 -0.39 -5.59
CA VAL A 1006 0.01 0.07 -6.95
C VAL A 1006 0.27 1.55 -6.96
N PHE A 1007 1.01 1.99 -7.97
CA PHE A 1007 1.07 3.40 -8.34
C PHE A 1007 0.34 3.47 -9.64
N CYS A 1008 -0.28 4.61 -9.91
CA CYS A 1008 -0.78 4.90 -11.26
C CYS A 1008 -1.04 6.38 -11.52
N HIS A 1009 -0.59 6.83 -12.68
CA HIS A 1009 -0.67 8.23 -13.08
C HIS A 1009 -2.12 8.58 -13.31
N GLY A 1010 -2.54 9.68 -12.71
CA GLY A 1010 -3.88 10.19 -12.92
C GLY A 1010 -4.21 11.15 -11.82
N SER A 1011 -5.39 11.75 -11.94
CA SER A 1011 -5.84 12.75 -11.00
C SER A 1011 -7.36 12.78 -10.97
N LEU A 1012 -7.90 13.00 -9.76
CA LEU A 1012 -9.35 13.08 -9.52
C LEU A 1012 -9.86 14.51 -9.41
N VAL A 1013 -9.15 15.49 -9.98
CA VAL A 1013 -9.67 16.86 -10.08
C VAL A 1013 -9.76 17.30 -11.54
N MET A 1014 -10.54 18.35 -11.77
CA MET A 1014 -10.79 18.87 -13.11
C MET A 1014 -9.82 19.99 -13.40
N THR A 1024 2.79 22.76 -8.61
CA THR A 1024 2.88 21.29 -8.70
C THR A 1024 2.88 20.75 -10.14
N GLN A 1025 3.71 19.74 -10.37
CA GLN A 1025 3.91 19.13 -11.69
C GLN A 1025 3.78 17.60 -11.61
N GLY A 1026 2.85 17.05 -12.38
CA GLY A 1026 2.56 15.63 -12.38
C GLY A 1026 1.57 15.25 -11.30
N SER A 1027 1.05 14.03 -11.43
CA SER A 1027 0.14 13.44 -10.45
C SER A 1027 0.26 11.92 -10.55
N VAL A 1028 0.72 11.30 -9.47
CA VAL A 1028 0.76 9.83 -9.37
C VAL A 1028 -0.03 9.41 -8.15
N LEU A 1029 -1.09 8.66 -8.38
CA LEU A 1029 -1.93 8.16 -7.30
C LEU A 1029 -1.37 6.83 -6.88
N PHE A 1030 -1.52 6.51 -5.60
CA PHE A 1030 -1.19 5.18 -5.14
C PHE A 1030 -2.23 4.65 -4.18
N GLY A 1031 -2.41 3.34 -4.26
CA GLY A 1031 -3.33 2.60 -3.43
C GLY A 1031 -2.51 1.75 -2.49
N THR A 1032 -3.14 1.36 -1.40
CA THR A 1032 -2.41 0.86 -0.27
C THR A 1032 -3.20 -0.28 0.35
N VAL A 1033 -2.50 -1.09 1.16
CA VAL A 1033 -3.10 -2.25 1.88
C VAL A 1033 -4.20 -1.89 2.91
N ASN A 1034 -4.04 -0.80 3.64
CA ASN A 1034 -5.10 -0.31 4.55
C ASN A 1034 -6.17 0.52 3.88
N GLY A 1035 -6.14 0.60 2.55
CA GLY A 1035 -7.15 1.36 1.84
C GLY A 1035 -6.96 2.86 1.89
N MET A 1036 -5.85 3.31 2.45
CA MET A 1036 -5.41 4.69 2.24
C MET A 1036 -5.02 4.83 0.77
N ILE A 1037 -5.35 6.00 0.23
CA ILE A 1037 -4.99 6.42 -1.13
C ILE A 1037 -4.17 7.68 -0.93
N GLY A 1038 -3.07 7.77 -1.66
CA GLY A 1038 -2.22 8.95 -1.64
C GLY A 1038 -1.91 9.42 -3.04
N LEU A 1039 -1.48 10.67 -3.11
CA LEU A 1039 -1.08 11.32 -4.33
C LEU A 1039 0.35 11.80 -4.18
N VAL A 1040 1.15 11.63 -5.21
CA VAL A 1040 2.48 12.24 -5.28
C VAL A 1040 2.52 13.20 -6.45
N THR A 1041 3.09 14.37 -6.19
CA THR A 1041 3.34 15.36 -7.24
C THR A 1041 4.74 15.91 -7.06
N SER A 1042 5.20 16.69 -8.04
CA SER A 1042 6.57 17.25 -8.03
C SER A 1042 6.54 18.77 -7.93
N LEU A 1043 7.58 19.33 -7.33
CA LEU A 1043 7.66 20.77 -7.06
C LEU A 1043 8.90 21.39 -7.66
N SER A 1044 8.85 22.70 -7.86
CA SER A 1044 10.05 23.48 -8.16
C SER A 1044 10.84 23.65 -6.88
N GLU A 1045 12.15 23.60 -7.00
CA GLU A 1045 13.09 23.79 -5.86
C GLU A 1045 12.73 24.97 -4.95
N SER A 1046 12.42 26.11 -5.56
CA SER A 1046 11.92 27.26 -4.82
C SER A 1046 10.81 26.84 -3.84
N TRP A 1047 9.77 26.20 -4.36
CA TRP A 1047 8.60 25.77 -3.57
C TRP A 1047 8.96 24.69 -2.57
N TYR A 1048 9.81 23.77 -2.97
CA TYR A 1048 10.31 22.77 -2.05
C TYR A 1048 10.97 23.44 -0.85
N ASN A 1049 11.84 24.40 -1.10
CA ASN A 1049 12.57 25.05 -0.02
C ASN A 1049 11.68 25.81 0.95
N LEU A 1050 10.73 26.57 0.39
CA LEU A 1050 9.75 27.27 1.19
C LEU A 1050 8.98 26.32 2.10
N LEU A 1051 8.34 25.32 1.50
CA LEU A 1051 7.51 24.37 2.22
C LEU A 1051 8.28 23.54 3.25
N LEU A 1052 9.56 23.27 2.99
CA LEU A 1052 10.43 22.58 3.98
C LEU A 1052 10.64 23.44 5.22
N ASP A 1053 10.92 24.72 5.00
CA ASP A 1053 11.06 25.67 6.11
C ASP A 1053 9.75 25.63 6.89
N MET A 1054 8.65 25.70 6.15
CA MET A 1054 7.36 25.79 6.78
C MET A 1054 6.93 24.54 7.55
N GLN A 1055 7.37 23.38 7.11
CA GLN A 1055 7.20 22.17 7.92
C GLN A 1055 7.77 22.36 9.31
N ASN A 1056 9.02 22.84 9.35
CA ASN A 1056 9.74 23.06 10.60
C ASN A 1056 9.07 24.09 11.48
N ARG A 1057 8.60 25.17 10.86
CA ARG A 1057 7.82 26.16 11.60
C ARG A 1057 6.54 25.53 12.12
N LEU A 1058 5.89 24.72 11.29
CA LEU A 1058 4.69 24.00 11.71
C LEU A 1058 4.92 23.05 12.87
N ASN A 1059 5.99 22.27 12.81
CA ASN A 1059 6.30 21.31 13.86
C ASN A 1059 6.58 21.94 15.22
N LYS A 1060 7.03 23.18 15.24
CA LYS A 1060 7.16 23.95 16.50
C LYS A 1060 5.78 24.21 17.12
N VAL A 1061 4.78 24.42 16.28
CA VAL A 1061 3.50 24.99 16.68
C VAL A 1061 2.37 23.97 16.94
N ILE A 1062 2.39 22.82 16.25
CA ILE A 1062 1.28 21.83 16.28
C ILE A 1062 1.49 20.79 17.36
N LYS A 1063 0.48 20.57 18.20
CA LYS A 1063 0.52 19.51 19.21
C LYS A 1063 0.46 18.13 18.51
N SER A 1064 1.34 17.22 18.91
CA SER A 1064 1.41 15.86 18.39
C SER A 1064 1.05 14.88 19.51
N VAL A 1065 0.19 13.90 19.19
CA VAL A 1065 -0.50 13.08 20.18
C VAL A 1065 0.43 12.41 21.18
N GLY A 1066 1.16 11.38 20.79
CA GLY A 1066 2.08 10.76 21.77
C GLY A 1066 3.35 11.56 22.11
N LYS A 1067 3.33 12.88 21.86
CA LYS A 1067 4.53 13.73 21.76
C LYS A 1067 5.63 13.16 20.86
N ILE A 1068 5.21 12.61 19.74
CA ILE A 1068 6.14 12.03 18.79
C ILE A 1068 6.60 13.12 17.83
N GLU A 1069 7.91 13.25 17.67
CA GLU A 1069 8.47 14.21 16.73
C GLU A 1069 8.13 13.78 15.29
N HIS A 1070 7.59 14.71 14.51
CA HIS A 1070 7.29 14.50 13.08
C HIS A 1070 8.50 14.00 12.29
N SER A 1071 9.69 14.48 12.64
CA SER A 1071 10.95 14.05 11.96
C SER A 1071 11.30 12.58 12.22
N PHE A 1072 11.16 12.16 13.47
CA PHE A 1072 11.30 10.77 13.81
C PHE A 1072 10.34 9.91 12.97
N TRP A 1073 9.09 10.37 12.89
CA TRP A 1073 8.00 9.63 12.24
C TRP A 1073 8.27 9.46 10.75
N ARG A 1074 8.60 10.55 10.08
CA ARG A 1074 8.86 10.49 8.64
C ARG A 1074 10.26 9.97 8.26
N SER A 1075 11.10 9.66 9.24
CA SER A 1075 12.40 9.10 8.96
C SER A 1075 12.31 7.73 8.32
N PHE A 1076 12.95 7.62 7.14
CA PHE A 1076 13.14 6.37 6.44
C PHE A 1076 13.71 5.40 7.45
N HIS A 1077 12.98 4.31 7.68
CA HIS A 1077 13.25 3.39 8.78
C HIS A 1077 13.19 1.93 8.32
N THR A 1078 14.02 1.07 8.91
CA THR A 1078 13.98 -0.39 8.71
C THR A 1078 13.94 -1.17 10.04
N LYS A 1081 19.20 0.47 9.35
CA LYS A 1081 19.20 1.87 8.91
C LYS A 1081 18.02 2.64 9.51
N THR A 1082 18.27 3.90 9.87
CA THR A 1082 17.21 4.91 10.11
C THR A 1082 17.77 6.30 9.79
N GLU A 1083 17.30 6.90 8.70
CA GLU A 1083 17.81 8.19 8.21
C GLU A 1083 16.68 9.23 8.09
N PRO A 1084 16.99 10.52 8.32
CA PRO A 1084 16.04 11.58 8.00
C PRO A 1084 15.48 11.50 6.58
N ALA A 1085 14.21 11.87 6.44
CA ALA A 1085 13.54 11.91 5.14
C ALA A 1085 14.03 13.10 4.37
N THR A 1086 14.00 12.96 3.06
CA THR A 1086 14.61 13.91 2.13
C THR A 1086 13.87 13.93 0.78
N GLY A 1087 13.68 15.14 0.27
CA GLY A 1087 13.10 15.34 -1.08
C GLY A 1087 11.65 14.97 -1.17
N PHE A 1088 10.96 15.10 -0.03
CA PHE A 1088 9.57 14.74 0.14
C PHE A 1088 8.94 15.69 1.12
N ILE A 1089 7.89 16.38 0.69
CA ILE A 1089 7.14 17.26 1.58
C ILE A 1089 5.84 16.58 1.98
N ASP A 1090 5.75 16.29 3.27
CA ASP A 1090 4.50 15.89 3.92
C ASP A 1090 3.40 16.91 3.70
N GLY A 1091 2.66 16.75 2.61
CA GLY A 1091 1.50 17.60 2.31
C GLY A 1091 0.40 17.58 3.38
N ASP A 1092 0.26 16.44 4.07
CA ASP A 1092 -0.64 16.38 5.21
C ASP A 1092 -0.24 17.37 6.31
N LEU A 1093 1.05 17.46 6.56
CA LEU A 1093 1.58 18.41 7.54
C LEU A 1093 1.28 19.82 7.09
N ILE A 1094 1.66 20.10 5.84
CA ILE A 1094 1.48 21.43 5.25
C ILE A 1094 0.01 21.84 5.30
N GLU A 1095 -0.87 20.96 4.82
CA GLU A 1095 -2.32 21.22 4.83
C GLU A 1095 -2.85 21.56 6.24
N SER A 1096 -2.29 20.96 7.29
CA SER A 1096 -2.72 21.22 8.68
C SER A 1096 -2.57 22.67 9.12
N PHE A 1097 -1.69 23.43 8.46
CA PHE A 1097 -1.64 24.90 8.66
C PHE A 1097 -3.01 25.56 8.77
N LEU A 1098 -3.93 25.19 7.88
CA LEU A 1098 -5.29 25.79 7.80
C LEU A 1098 -6.14 25.54 9.06
N ASP A 1099 -5.83 24.46 9.77
CA ASP A 1099 -6.54 24.10 11.00
C ASP A 1099 -5.99 24.76 12.29
N ILE A 1100 -4.86 25.46 12.23
CA ILE A 1100 -4.29 26.09 13.43
C ILE A 1100 -4.98 27.45 13.69
N SER A 1101 -5.00 27.90 14.95
CA SER A 1101 -5.55 29.21 15.30
C SER A 1101 -4.81 30.38 14.63
N ARG A 1102 -5.53 31.48 14.44
CA ARG A 1102 -5.03 32.68 13.76
C ARG A 1102 -3.67 33.18 14.29
N PRO A 1103 -3.48 33.18 15.63
CA PRO A 1103 -2.15 33.54 16.14
C PRO A 1103 -1.07 32.50 15.84
N LYS A 1104 -1.36 31.20 15.91
CA LYS A 1104 -0.35 30.16 15.58
C LYS A 1104 0.11 30.29 14.13
N MET A 1105 -0.77 30.70 13.23
CA MET A 1105 -0.38 31.04 11.86
C MET A 1105 0.65 32.14 11.89
N GLN A 1106 0.30 33.23 12.56
CA GLN A 1106 1.16 34.42 12.60
C GLN A 1106 2.55 34.08 13.12
N GLU A 1107 2.58 33.23 14.14
CA GLU A 1107 3.81 32.65 14.69
C GLU A 1107 4.57 31.85 13.63
N VAL A 1108 3.87 30.98 12.92
CA VAL A 1108 4.47 30.15 11.86
C VAL A 1108 5.14 30.97 10.75
N VAL A 1109 4.51 32.06 10.35
CA VAL A 1109 5.06 32.92 9.29
C VAL A 1109 5.98 34.07 9.77
N ALA A 1110 6.30 34.10 11.07
CA ALA A 1110 7.15 35.14 11.66
C ALA A 1110 8.53 35.26 11.00
N ASN A 1111 8.69 36.31 10.22
CA ASN A 1111 9.94 36.64 9.50
C ASN A 1111 10.31 35.59 8.44
N LEU A 1112 9.29 35.17 7.68
CA LEU A 1112 9.43 34.18 6.63
C LEU A 1112 9.58 34.90 5.30
N GLN A 1113 10.74 34.74 4.65
CA GLN A 1113 10.98 35.33 3.33
C GLN A 1113 10.09 34.65 2.27
N TYR A 1114 9.42 35.45 1.44
CA TYR A 1114 8.38 34.95 0.53
C TYR A 1114 8.32 35.77 -0.76
N ASP A 1115 8.13 35.08 -1.89
CA ASP A 1115 8.41 35.63 -3.24
C ASP A 1115 7.20 36.30 -3.90
N ASP A 1116 7.51 37.37 -4.63
CA ASP A 1116 6.57 38.21 -5.44
C ASP A 1116 7.21 39.59 -5.70
N LYS A 1121 12.04 39.29 -2.18
CA LYS A 1121 11.04 38.81 -1.20
C LYS A 1121 10.74 39.87 -0.12
N ARG A 1122 9.82 39.52 0.79
CA ARG A 1122 9.44 40.39 1.92
C ARG A 1122 8.81 39.59 3.07
N GLU A 1123 8.56 40.27 4.20
CA GLU A 1123 7.91 39.69 5.40
C GLU A 1123 6.45 39.31 5.09
N ALA A 1124 6.17 38.00 5.16
CA ALA A 1124 4.91 37.41 4.70
C ALA A 1124 3.83 37.42 5.78
N THR A 1125 2.57 37.38 5.34
CA THR A 1125 1.41 37.38 6.23
C THR A 1125 0.80 35.97 6.42
N ALA A 1126 -0.19 35.89 7.31
CA ALA A 1126 -0.97 34.68 7.50
C ALA A 1126 -1.81 34.40 6.28
N ASP A 1127 -2.50 35.44 5.83
CA ASP A 1127 -3.36 35.37 4.65
C ASP A 1127 -2.59 35.12 3.35
N ASP A 1128 -1.31 35.48 3.32
CA ASP A 1128 -0.43 35.08 2.22
C ASP A 1128 -0.31 33.56 2.14
N LEU A 1129 -0.04 32.91 3.27
CA LEU A 1129 0.10 31.45 3.29
C LEU A 1129 -1.22 30.73 3.27
N ILE A 1130 -2.29 31.32 3.81
CA ILE A 1130 -3.60 30.69 3.71
C ILE A 1130 -3.94 30.41 2.24
N LYS A 1131 -3.79 31.41 1.37
CA LYS A 1131 -4.19 31.22 -0.04
C LYS A 1131 -3.23 30.32 -0.85
N VAL A 1132 -2.02 30.09 -0.34
CA VAL A 1132 -1.08 29.10 -0.91
C VAL A 1132 -1.50 27.68 -0.57
N VAL A 1133 -1.78 27.45 0.71
CA VAL A 1133 -2.14 26.13 1.22
C VAL A 1133 -3.49 25.70 0.62
N GLU A 1134 -4.44 26.63 0.48
CA GLU A 1134 -5.71 26.32 -0.19
C GLU A 1134 -5.54 26.05 -1.69
N GLU A 1135 -4.55 26.67 -2.33
CA GLU A 1135 -4.16 26.25 -3.69
C GLU A 1135 -3.61 24.82 -3.73
N LEU A 1136 -2.94 24.40 -2.65
CA LEU A 1136 -2.43 23.04 -2.55
C LEU A 1136 -3.49 21.97 -2.22
N THR A 1137 -4.56 22.34 -1.51
CA THR A 1137 -5.66 21.38 -1.24
C THR A 1137 -6.37 20.94 -2.51
N ARG A 1138 -6.40 21.81 -3.52
CA ARG A 1138 -7.13 21.57 -4.76
C ARG A 1138 -6.33 20.82 -5.83
N ILE A 1139 -5.36 20.00 -5.42
CA ILE A 1139 -4.76 18.99 -6.32
C ILE A 1139 -5.29 17.59 -6.06
N HIS A 1140 -6.28 17.44 -5.18
CA HIS A 1140 -6.76 16.11 -4.78
C HIS A 1140 -8.18 16.10 -4.20
N ILE B 11 30.27 -45.86 -0.80
CA ILE B 11 31.26 -44.95 -0.11
C ILE B 11 31.52 -45.34 1.36
N ASN B 12 32.80 -45.55 1.71
CA ASN B 12 33.21 -45.80 3.10
C ASN B 12 34.64 -45.31 3.36
N PHE B 13 34.83 -44.04 3.07
CA PHE B 13 36.05 -43.31 3.35
C PHE B 13 35.68 -42.26 4.40
N ASP B 14 36.57 -42.06 5.37
CA ASP B 14 36.29 -41.18 6.48
C ASP B 14 36.24 -39.72 6.03
N THR B 15 35.03 -39.21 5.80
CA THR B 15 34.85 -37.89 5.20
C THR B 15 35.31 -36.68 6.04
N SER B 16 35.77 -36.92 7.27
CA SER B 16 36.42 -35.86 8.09
C SER B 16 37.96 -35.87 8.06
N LEU B 17 38.56 -36.97 7.60
CA LEU B 17 40.04 -37.05 7.45
C LEU B 17 40.56 -35.87 6.58
N PRO B 18 39.90 -35.56 5.45
CA PRO B 18 40.37 -34.46 4.58
C PRO B 18 40.36 -33.07 5.21
N THR B 19 39.27 -32.75 5.91
CA THR B 19 39.14 -31.43 6.49
C THR B 19 40.12 -31.12 7.64
N SER B 20 40.78 -32.14 8.22
CA SER B 20 41.77 -31.93 9.28
C SER B 20 43.21 -31.78 8.78
N HIS B 21 43.44 -32.01 7.49
CA HIS B 21 44.73 -31.76 6.83
C HIS B 21 45.93 -32.40 7.54
N THR B 22 45.82 -33.71 7.75
CA THR B 22 46.84 -34.48 8.48
C THR B 22 48.19 -34.46 7.80
N TYR B 23 48.20 -34.37 6.47
CA TYR B 23 49.42 -34.24 5.68
C TYR B 23 50.36 -33.08 6.09
N LEU B 24 49.86 -32.14 6.89
CA LEU B 24 50.70 -31.11 7.51
C LEU B 24 51.40 -31.57 8.79
N GLY B 25 51.07 -32.76 9.29
CA GLY B 25 51.40 -33.18 10.65
C GLY B 25 50.21 -32.92 11.59
N ALA B 26 49.92 -33.89 12.45
CA ALA B 26 48.71 -33.86 13.30
C ALA B 26 48.95 -33.49 14.79
N ASP B 27 50.04 -32.77 15.10
CA ASP B 27 50.32 -32.27 16.46
C ASP B 27 50.53 -30.74 16.44
N MET B 28 49.47 -30.02 16.10
CA MET B 28 49.45 -28.56 16.01
C MET B 28 48.81 -27.95 17.23
N GLU B 29 49.37 -26.84 17.73
CA GLU B 29 48.75 -26.08 18.84
C GLU B 29 47.51 -25.35 18.32
N GLU B 30 46.36 -25.58 18.95
CA GLU B 30 45.06 -25.06 18.50
C GLU B 30 44.67 -23.77 19.25
N PHE B 31 43.83 -22.96 18.62
CA PHE B 31 43.35 -21.68 19.20
C PHE B 31 41.82 -21.59 19.05
N HIS B 32 41.12 -21.40 20.18
CA HIS B 32 39.65 -21.33 20.22
C HIS B 32 39.08 -20.17 19.37
N GLY B 33 38.77 -20.49 18.11
CA GLY B 33 38.38 -19.52 17.07
C GLY B 33 37.17 -18.65 17.36
N ARG B 34 37.37 -17.34 17.48
CA ARG B 34 36.31 -16.41 17.91
C ARG B 34 36.42 -14.90 17.60
N THR B 35 37.52 -14.42 17.00
CA THR B 35 37.78 -12.98 16.89
C THR B 35 36.96 -12.33 15.74
N LEU B 36 36.00 -11.48 16.12
CA LEU B 36 35.10 -10.79 15.19
C LEU B 36 35.11 -9.27 15.40
N HIS B 37 35.68 -8.56 14.45
CA HIS B 37 35.67 -7.10 14.46
C HIS B 37 34.29 -6.52 14.22
N ASP B 38 34.07 -5.33 14.77
CA ASP B 38 32.77 -4.66 14.72
C ASP B 38 32.43 -4.26 13.27
N ASP B 39 31.13 -4.21 12.96
CA ASP B 39 30.66 -3.78 11.63
C ASP B 39 31.05 -2.36 11.36
N ASP B 40 31.57 -2.11 10.16
CA ASP B 40 32.02 -0.78 9.71
C ASP B 40 33.22 -0.22 10.52
N SER B 41 33.92 -1.07 11.27
CA SER B 41 35.12 -0.66 12.00
C SER B 41 36.30 -0.61 11.03
N CYS B 42 37.44 -0.13 11.51
CA CYS B 42 38.69 -0.13 10.73
C CYS B 42 39.77 -0.90 11.45
N GLN B 43 40.54 -1.67 10.67
CA GLN B 43 41.56 -2.55 11.23
C GLN B 43 42.83 -2.53 10.41
N VAL B 44 43.96 -2.65 11.11
CA VAL B 44 45.26 -2.79 10.46
C VAL B 44 45.67 -4.24 10.68
N ILE B 45 45.68 -5.00 9.59
CA ILE B 45 45.92 -6.44 9.59
C ILE B 45 47.01 -6.71 8.57
N PRO B 46 47.95 -7.62 8.86
CA PRO B 46 48.95 -7.97 7.84
C PRO B 46 48.39 -8.74 6.63
N VAL B 47 49.18 -8.83 5.57
CA VAL B 47 48.77 -9.51 4.35
C VAL B 47 49.76 -10.61 4.05
N LEU B 48 49.25 -11.83 3.82
CA LEU B 48 50.05 -12.95 3.39
C LEU B 48 50.59 -12.62 2.04
N PRO B 49 51.92 -12.56 1.91
CA PRO B 49 52.42 -12.45 0.52
C PRO B 49 52.29 -13.80 -0.16
N GLN B 50 52.51 -13.83 -1.47
CA GLN B 50 52.63 -15.10 -2.18
C GLN B 50 51.35 -15.97 -2.25
N VAL B 51 50.21 -15.46 -1.78
CA VAL B 51 48.95 -16.23 -1.84
C VAL B 51 47.93 -15.44 -2.62
N MET B 52 47.50 -16.00 -3.75
CA MET B 52 46.44 -15.42 -4.59
C MET B 52 45.23 -16.33 -4.47
N MET B 53 44.23 -15.94 -3.68
CA MET B 53 42.93 -16.59 -3.73
C MET B 53 41.84 -15.65 -3.24
N ILE B 54 40.61 -16.00 -3.59
CA ILE B 54 39.42 -15.29 -3.13
C ILE B 54 38.92 -16.16 -2.00
N LEU B 55 39.18 -15.72 -0.78
CA LEU B 55 38.79 -16.45 0.42
C LEU B 55 37.34 -16.12 0.76
N ILE B 56 36.57 -17.14 1.07
CA ILE B 56 35.16 -16.97 1.44
C ILE B 56 35.06 -17.14 2.95
N PRO B 57 34.25 -16.29 3.62
CA PRO B 57 33.93 -16.54 5.03
C PRO B 57 33.58 -18.01 5.30
N GLY B 58 34.06 -18.52 6.42
CA GLY B 58 33.86 -19.91 6.78
C GLY B 58 34.82 -20.90 6.16
N GLN B 59 35.46 -20.55 5.03
CA GLN B 59 36.32 -21.48 4.29
C GLN B 59 37.62 -21.71 5.03
N THR B 60 37.97 -22.98 5.22
CA THR B 60 39.24 -23.37 5.83
C THR B 60 40.36 -23.23 4.77
N LEU B 61 41.47 -22.61 5.20
CA LEU B 61 42.63 -22.27 4.37
C LEU B 61 43.92 -22.78 5.02
N PRO B 62 44.51 -23.86 4.47
CA PRO B 62 45.76 -24.40 4.98
C PRO B 62 46.96 -23.72 4.32
N LEU B 63 48.07 -23.63 5.05
CA LEU B 63 49.26 -22.93 4.56
C LEU B 63 50.58 -23.57 4.99
N GLN B 64 51.59 -23.33 4.15
CA GLN B 64 52.97 -23.66 4.45
C GLN B 64 53.78 -22.47 4.02
N LEU B 65 54.56 -21.96 4.97
CA LEU B 65 55.34 -20.72 4.79
C LEU B 65 56.83 -20.98 5.05
N PHE B 66 57.68 -20.44 4.18
CA PHE B 66 59.13 -20.69 4.21
C PHE B 66 59.98 -19.44 4.45
N HIS B 67 59.73 -18.38 3.66
CA HIS B 67 60.52 -17.13 3.74
C HIS B 67 60.42 -16.54 5.14
N PRO B 68 61.59 -16.30 5.80
CA PRO B 68 61.63 -15.98 7.24
C PRO B 68 60.91 -14.68 7.68
N GLN B 69 60.48 -13.84 6.73
CA GLN B 69 59.60 -12.70 7.01
C GLN B 69 58.17 -13.20 7.26
N GLU B 70 57.73 -14.16 6.44
CA GLU B 70 56.43 -14.83 6.60
C GLU B 70 56.40 -15.62 7.90
N VAL B 71 57.45 -16.40 8.13
CA VAL B 71 57.63 -17.16 9.37
C VAL B 71 57.58 -16.25 10.61
N SER B 72 58.13 -15.04 10.50
CA SER B 72 58.12 -14.10 11.61
C SER B 72 56.72 -13.60 11.93
N MET B 73 56.09 -12.95 10.95
CA MET B 73 54.85 -12.24 11.20
C MET B 73 53.66 -13.17 11.51
N VAL B 74 53.77 -14.44 11.15
CA VAL B 74 52.82 -15.45 11.63
C VAL B 74 53.06 -15.69 13.11
N ARG B 75 54.30 -16.06 13.42
CA ARG B 75 54.77 -16.25 14.81
C ARG B 75 54.32 -15.07 15.70
N ASN B 76 54.36 -13.85 15.15
CA ASN B 76 53.86 -12.64 15.81
C ASN B 76 52.35 -12.65 15.96
N LEU B 77 51.67 -13.00 14.88
CA LEU B 77 50.21 -13.13 14.88
C LEU B 77 49.67 -14.13 15.89
N ILE B 78 50.41 -15.20 16.17
CA ILE B 78 50.00 -16.16 17.20
C ILE B 78 49.91 -15.49 18.59
N GLN B 79 50.80 -14.52 18.84
CA GLN B 79 50.80 -13.71 20.08
C GLN B 79 49.72 -12.62 20.14
N LYS B 80 49.24 -12.18 18.98
CA LYS B 80 48.43 -10.97 18.91
C LYS B 80 47.31 -11.09 17.86
N ASP B 81 46.16 -11.63 18.27
CA ASP B 81 44.87 -11.59 17.49
C ASP B 81 44.64 -12.59 16.34
N ARG B 82 45.74 -13.11 15.76
CA ARG B 82 45.72 -14.26 14.84
C ARG B 82 45.05 -14.08 13.46
N THR B 83 44.42 -12.94 13.20
CA THR B 83 43.76 -12.68 11.90
C THR B 83 44.75 -12.06 10.90
N PHE B 84 44.51 -12.31 9.62
CA PHE B 84 45.27 -11.69 8.54
C PHE B 84 44.38 -11.44 7.34
N ALA B 85 44.90 -10.66 6.41
CA ALA B 85 44.16 -10.26 5.21
C ALA B 85 44.53 -11.14 4.01
N VAL B 86 43.50 -11.56 3.29
CA VAL B 86 43.65 -12.38 2.10
C VAL B 86 42.97 -11.60 1.00
N LEU B 87 43.78 -10.90 0.21
CA LEU B 87 43.27 -9.97 -0.79
C LEU B 87 42.79 -10.67 -2.05
N ALA B 88 41.65 -10.22 -2.57
CA ALA B 88 41.09 -10.67 -3.85
C ALA B 88 41.53 -9.65 -4.89
N TYR B 89 42.32 -10.11 -5.88
CA TYR B 89 43.15 -9.20 -6.67
C TYR B 89 42.49 -8.50 -7.87
N SER B 90 43.14 -7.40 -8.28
CA SER B 90 42.68 -6.42 -9.32
C SER B 90 41.45 -6.81 -10.17
N ALA B 97 44.56 -3.96 -4.42
CA ALA B 97 43.20 -4.43 -4.71
C ALA B 97 42.18 -3.77 -3.77
N GLN B 98 40.90 -3.98 -4.05
CA GLN B 98 39.81 -3.21 -3.44
C GLN B 98 39.07 -3.97 -2.33
N PHE B 99 38.88 -5.28 -2.52
CA PHE B 99 38.12 -6.14 -1.59
C PHE B 99 38.87 -7.40 -1.17
N GLY B 100 38.62 -7.86 0.06
CA GLY B 100 39.21 -9.10 0.57
C GLY B 100 38.41 -9.71 1.70
N THR B 101 39.00 -10.70 2.36
CA THR B 101 38.36 -11.43 3.46
C THR B 101 39.39 -11.75 4.52
N THR B 102 39.04 -11.53 5.78
CA THR B 102 39.93 -11.85 6.91
C THR B 102 40.04 -13.35 7.12
N ALA B 103 41.18 -13.79 7.65
CA ALA B 103 41.41 -15.20 7.92
C ALA B 103 42.06 -15.33 9.28
N GLU B 104 41.42 -16.07 10.17
CA GLU B 104 41.95 -16.30 11.51
C GLU B 104 42.68 -17.64 11.58
N ILE B 105 43.86 -17.62 12.19
CA ILE B 105 44.65 -18.82 12.42
C ILE B 105 44.03 -19.57 13.56
N TYR B 106 43.68 -20.84 13.33
CA TYR B 106 43.18 -21.72 14.41
C TYR B 106 44.10 -22.90 14.75
N ALA B 107 45.19 -23.10 14.00
CA ALA B 107 46.19 -24.14 14.32
C ALA B 107 47.60 -23.74 13.83
N TYR B 108 48.62 -23.93 14.66
CA TYR B 108 50.00 -23.51 14.38
C TYR B 108 50.93 -24.70 14.51
N ARG B 109 51.97 -24.74 13.67
CA ARG B 109 52.99 -25.79 13.71
C ARG B 109 54.34 -25.22 13.29
N GLU B 110 55.29 -25.20 14.22
CA GLU B 110 56.69 -24.88 13.90
C GLU B 110 57.38 -26.18 13.51
N GLU B 111 58.36 -26.09 12.62
CA GLU B 111 59.11 -27.26 12.19
C GLU B 111 60.50 -26.88 11.65
N GLN B 112 61.54 -27.43 12.28
CA GLN B 112 62.95 -27.22 11.88
C GLN B 112 63.64 -28.54 11.52
N ASP B 113 62.84 -29.49 10.99
CA ASP B 113 63.32 -30.82 10.57
C ASP B 113 63.85 -30.76 9.15
N PHE B 114 64.74 -31.72 8.83
CA PHE B 114 65.64 -31.65 7.67
C PHE B 114 66.55 -30.38 7.68
N GLY B 115 66.80 -29.83 8.86
CA GLY B 115 67.59 -28.58 9.02
C GLY B 115 66.90 -27.24 8.77
N ILE B 116 65.84 -27.22 7.96
CA ILE B 116 65.29 -25.99 7.34
C ILE B 116 64.00 -25.52 8.03
N GLU B 117 63.79 -24.20 8.02
CA GLU B 117 62.58 -23.55 8.61
C GLU B 117 61.28 -23.77 7.82
N ILE B 118 60.24 -24.22 8.51
CA ILE B 118 58.86 -24.29 7.98
C ILE B 118 57.88 -23.82 9.06
N VAL B 119 56.83 -23.12 8.66
CA VAL B 119 55.66 -22.86 9.52
C VAL B 119 54.41 -23.35 8.80
N LYS B 120 53.58 -24.10 9.51
CA LYS B 120 52.36 -24.63 8.94
C LYS B 120 51.18 -24.13 9.74
N VAL B 121 50.30 -23.37 9.10
CA VAL B 121 49.05 -22.94 9.77
C VAL B 121 47.78 -23.50 9.10
N LYS B 122 46.68 -23.40 9.84
CA LYS B 122 45.34 -23.62 9.32
C LYS B 122 44.49 -22.43 9.70
N ALA B 123 44.23 -21.56 8.73
CA ALA B 123 43.39 -20.41 8.97
C ALA B 123 41.95 -20.71 8.53
N ILE B 124 41.05 -19.80 8.87
CA ILE B 124 39.68 -19.91 8.45
C ILE B 124 39.20 -18.49 8.21
N GLY B 125 38.66 -18.27 7.00
CA GLY B 125 38.15 -16.98 6.62
C GLY B 125 37.03 -16.62 7.56
N ARG B 126 36.87 -15.33 7.82
CA ARG B 126 35.92 -14.84 8.81
C ARG B 126 35.06 -13.71 8.24
N GLN B 127 35.67 -12.56 7.97
CA GLN B 127 34.92 -11.36 7.57
C GLN B 127 35.37 -10.75 6.27
N ARG B 128 34.40 -10.28 5.48
CA ARG B 128 34.68 -9.56 4.25
C ARG B 128 35.13 -8.16 4.57
N PHE B 129 35.94 -7.57 3.70
CA PHE B 129 36.35 -6.18 3.86
C PHE B 129 36.58 -5.39 2.57
N LYS B 130 36.58 -4.06 2.72
CA LYS B 130 37.05 -3.09 1.73
C LYS B 130 38.44 -2.64 2.14
N VAL B 131 39.35 -2.52 1.17
CA VAL B 131 40.70 -2.02 1.44
C VAL B 131 40.67 -0.49 1.40
N LEU B 132 41.42 0.12 2.31
CA LEU B 132 41.54 1.58 2.39
C LEU B 132 42.96 2.01 2.08
N GLU B 133 43.91 1.43 2.81
CA GLU B 133 45.33 1.73 2.62
C GLU B 133 46.13 0.43 2.57
N LEU B 134 47.38 0.53 2.12
CA LEU B 134 48.28 -0.61 1.92
C LEU B 134 49.74 -0.13 2.01
N ARG B 135 50.14 0.27 3.22
CA ARG B 135 51.53 0.65 3.47
C ARG B 135 52.32 -0.64 3.63
N THR B 136 53.29 -0.88 2.75
CA THR B 136 54.08 -2.11 2.80
C THR B 136 55.31 -1.84 3.69
N GLN B 137 55.50 -2.65 4.73
CA GLN B 137 56.55 -2.43 5.74
C GLN B 137 57.96 -2.69 5.16
N SER B 138 59.00 -2.17 5.83
CA SER B 138 60.41 -2.39 5.44
C SER B 138 60.87 -3.85 5.64
N ASP B 139 60.16 -4.59 6.50
CA ASP B 139 60.28 -6.06 6.62
C ASP B 139 59.91 -6.83 5.34
N GLY B 140 59.15 -6.20 4.45
CA GLY B 140 58.71 -6.77 3.15
C GLY B 140 57.25 -7.17 3.09
N ILE B 141 56.54 -6.97 4.22
CA ILE B 141 55.18 -7.46 4.39
C ILE B 141 54.21 -6.28 4.32
N GLN B 142 53.17 -6.42 3.49
CA GLN B 142 52.11 -5.41 3.38
C GLN B 142 51.21 -5.39 4.61
N GLN B 143 50.78 -4.19 5.00
CA GLN B 143 49.91 -3.99 6.14
C GLN B 143 48.70 -3.20 5.66
N ALA B 144 47.55 -3.87 5.59
CA ALA B 144 46.32 -3.31 5.01
C ALA B 144 45.38 -2.73 6.06
N LYS B 145 45.15 -1.42 6.00
CA LYS B 145 44.04 -0.79 6.73
C LYS B 145 42.76 -1.12 5.99
N VAL B 146 41.72 -1.46 6.74
CA VAL B 146 40.66 -2.33 6.23
C VAL B 146 39.30 -1.94 6.87
N GLN B 147 38.27 -1.76 6.03
CA GLN B 147 36.89 -1.50 6.46
C GLN B 147 36.08 -2.81 6.51
N ILE B 148 35.61 -3.19 7.69
CA ILE B 148 34.86 -4.44 7.84
C ILE B 148 33.47 -4.22 7.27
N LEU B 149 33.10 -5.04 6.29
CA LEU B 149 31.80 -4.87 5.64
C LEU B 149 30.72 -5.53 6.47
N PRO B 150 29.57 -4.85 6.64
CA PRO B 150 28.48 -5.46 7.37
C PRO B 150 27.81 -6.55 6.51
N GLU B 151 27.11 -7.46 7.16
CA GLU B 151 26.48 -8.59 6.48
C GLU B 151 24.96 -8.36 6.40
N CYS B 152 24.53 -7.72 5.31
CA CYS B 152 23.12 -7.32 5.09
C CYS B 152 22.08 -8.40 5.43
N VAL B 153 21.24 -8.09 6.44
CA VAL B 153 20.14 -8.96 6.87
C VAL B 153 18.82 -8.23 6.69
N LEU B 154 17.86 -8.89 6.06
CA LEU B 154 16.52 -8.32 5.83
C LEU B 154 15.52 -9.19 6.54
N PRO B 155 14.37 -8.62 6.92
CA PRO B 155 13.34 -9.47 7.54
C PRO B 155 12.57 -10.28 6.50
N SER B 156 11.60 -11.06 6.96
CA SER B 156 10.73 -11.81 6.06
C SER B 156 10.04 -10.84 5.11
N THR B 157 9.73 -11.32 3.91
CA THR B 157 8.92 -10.56 2.95
C THR B 157 7.56 -10.19 3.53
N MET B 158 6.99 -11.08 4.35
CA MET B 158 5.68 -10.87 4.98
C MET B 158 5.67 -9.97 6.23
N SER B 159 6.82 -9.76 6.86
CA SER B 159 6.92 -9.07 8.16
C SER B 159 6.21 -7.70 8.22
N ALA B 160 6.39 -6.91 7.16
CA ALA B 160 5.75 -5.60 7.03
C ALA B 160 4.23 -5.76 6.86
N VAL B 161 3.83 -6.47 5.81
CA VAL B 161 2.43 -6.57 5.42
C VAL B 161 1.54 -7.34 6.40
N GLN B 162 2.12 -8.34 7.07
CA GLN B 162 1.43 -9.30 7.99
C GLN B 162 0.25 -8.75 8.82
N LEU B 163 -0.88 -9.47 8.76
CA LEU B 163 -2.03 -9.21 9.66
C LEU B 163 -1.62 -9.52 11.09
N GLU B 164 -2.06 -8.70 12.03
CA GLU B 164 -1.64 -8.82 13.44
C GLU B 164 -2.41 -9.92 14.18
N SER B 165 -3.60 -10.25 13.70
CA SER B 165 -4.35 -11.42 14.17
C SER B 165 -3.66 -12.72 13.77
N LEU B 166 -2.97 -12.69 12.62
CA LEU B 166 -2.20 -13.82 12.11
C LEU B 166 -0.72 -13.85 12.56
N ASN B 167 -0.30 -12.93 13.42
CA ASN B 167 1.02 -13.01 14.10
C ASN B 167 1.14 -14.31 14.88
N LYS B 168 0.08 -14.63 15.63
CA LYS B 168 0.04 -15.78 16.54
C LYS B 168 0.37 -17.12 15.86
N CYS B 169 0.14 -17.23 14.55
CA CYS B 169 0.35 -18.47 13.79
C CYS B 169 1.67 -18.57 12.98
N GLN B 170 2.62 -17.68 13.21
CA GLN B 170 3.86 -17.63 12.40
C GLN B 170 4.88 -18.73 12.72
N ILE B 171 4.99 -19.10 13.98
CA ILE B 171 5.82 -20.25 14.37
C ILE B 171 5.01 -21.53 14.12
N PHE B 172 5.68 -22.55 13.58
CA PHE B 172 5.05 -23.85 13.28
C PHE B 172 5.78 -24.99 14.00
N PRO B 173 5.17 -26.19 14.02
CA PRO B 173 5.92 -27.42 14.29
C PRO B 173 6.82 -27.78 13.10
N SER B 174 8.00 -28.34 13.37
CA SER B 174 9.02 -28.58 12.35
C SER B 174 8.73 -29.78 11.42
N SER B 184 8.51 -35.39 2.46
CA SER B 184 7.51 -34.49 3.04
C SER B 184 7.36 -33.19 2.23
N TYR B 185 6.98 -33.35 0.96
CA TYR B 185 6.75 -32.20 0.06
C TYR B 185 5.38 -31.55 0.32
N LYS B 186 4.46 -32.30 0.92
CA LYS B 186 3.17 -31.78 1.39
C LYS B 186 3.31 -30.81 2.57
N TRP B 187 4.36 -31.00 3.37
CA TRP B 187 4.71 -30.07 4.46
C TRP B 187 5.07 -28.68 3.92
N TRP B 188 5.86 -28.65 2.85
CA TRP B 188 6.27 -27.39 2.22
C TRP B 188 5.13 -26.59 1.59
N GLN B 189 4.05 -27.27 1.19
CA GLN B 189 2.84 -26.61 0.69
C GLN B 189 2.05 -25.96 1.81
N LYS B 190 1.88 -26.67 2.92
CA LYS B 190 1.24 -26.13 4.11
C LYS B 190 2.05 -24.97 4.72
N TYR B 191 3.38 -25.10 4.68
CA TYR B 191 4.31 -24.01 5.04
C TYR B 191 4.10 -22.79 4.15
N GLN B 192 4.09 -23.03 2.85
CA GLN B 192 3.89 -21.96 1.87
C GLN B 192 2.53 -21.28 2.01
N LYS B 193 1.47 -22.07 2.24
CA LYS B 193 0.12 -21.51 2.47
C LYS B 193 0.06 -20.72 3.78
N ARG B 194 0.66 -21.26 4.84
CA ARG B 194 0.64 -20.63 6.17
C ARG B 194 1.47 -19.35 6.21
N LYS B 195 2.74 -19.45 5.80
CA LYS B 195 3.69 -18.33 5.87
C LYS B 195 3.28 -17.14 5.00
N PHE B 196 2.90 -17.42 3.76
CA PHE B 196 2.58 -16.38 2.79
C PHE B 196 1.09 -16.14 2.54
N HIS B 197 0.24 -16.41 3.53
CA HIS B 197 -1.19 -16.14 3.41
C HIS B 197 -1.44 -14.65 3.12
N CYS B 198 -0.68 -13.79 3.81
CA CYS B 198 -0.82 -12.34 3.64
C CYS B 198 -0.29 -11.81 2.31
N ALA B 199 0.18 -12.69 1.44
CA ALA B 199 0.43 -12.35 0.04
C ALA B 199 -0.82 -11.85 -0.68
N ASN B 200 -2.00 -12.24 -0.19
CA ASN B 200 -3.28 -11.77 -0.74
C ASN B 200 -3.57 -10.28 -0.56
N LEU B 201 -2.86 -9.63 0.35
CA LEU B 201 -2.92 -8.18 0.54
C LEU B 201 -2.04 -7.45 -0.44
N THR B 202 -0.99 -8.12 -0.91
CA THR B 202 -0.03 -7.56 -1.85
C THR B 202 -0.52 -7.82 -3.26
N SER B 203 0.25 -7.43 -4.27
CA SER B 203 -0.11 -7.73 -5.68
C SER B 203 0.63 -8.94 -6.28
N TRP B 204 1.05 -9.90 -5.43
CA TRP B 204 1.70 -11.14 -5.90
C TRP B 204 1.35 -12.42 -5.13
N PRO B 205 1.60 -13.61 -5.75
CA PRO B 205 1.27 -14.88 -5.11
C PRO B 205 2.24 -15.38 -4.06
N ARG B 206 1.80 -16.42 -3.37
CA ARG B 206 2.59 -17.10 -2.36
C ARG B 206 3.81 -17.73 -3.02
N TRP B 207 3.61 -18.29 -4.22
CA TRP B 207 4.70 -18.94 -4.96
C TRP B 207 5.81 -18.00 -5.44
N LEU B 208 5.53 -16.70 -5.57
CA LEU B 208 6.59 -15.73 -5.87
C LEU B 208 7.35 -15.36 -4.61
N TYR B 209 6.65 -15.05 -3.53
CA TYR B 209 7.30 -14.76 -2.25
C TYR B 209 8.15 -15.93 -1.75
N SER B 210 7.76 -17.16 -2.10
CA SER B 210 8.51 -18.37 -1.73
C SER B 210 9.89 -18.41 -2.41
N LEU B 211 9.97 -17.90 -3.64
CA LEU B 211 11.24 -17.77 -4.37
C LEU B 211 12.26 -16.76 -3.79
N TYR B 212 11.83 -15.90 -2.86
CA TYR B 212 12.74 -15.04 -2.11
C TYR B 212 12.78 -15.39 -0.61
N ASP B 213 12.39 -16.62 -0.26
CA ASP B 213 12.36 -17.08 1.13
C ASP B 213 13.63 -17.85 1.45
N ALA B 214 14.45 -17.34 2.36
CA ALA B 214 15.70 -18.02 2.75
C ALA B 214 15.50 -19.52 2.93
N GLU B 215 14.55 -19.89 3.79
CA GLU B 215 14.34 -21.28 4.21
C GLU B 215 13.97 -22.21 3.06
N THR B 216 13.05 -21.76 2.22
CA THR B 216 12.71 -22.47 1.00
C THR B 216 13.94 -22.59 0.07
N LEU B 217 14.69 -21.49 -0.10
CA LEU B 217 15.89 -21.48 -0.95
C LEU B 217 17.01 -22.39 -0.43
N MET B 218 17.20 -22.42 0.89
CA MET B 218 18.21 -23.29 1.52
C MET B 218 17.84 -24.75 1.35
N ASP B 219 16.57 -25.08 1.52
CA ASP B 219 16.11 -26.45 1.31
C ASP B 219 16.31 -26.91 -0.15
N ARG B 220 16.04 -26.04 -1.11
CA ARG B 220 16.22 -26.36 -2.54
C ARG B 220 17.70 -26.63 -2.90
N ILE B 221 18.58 -25.79 -2.36
CA ILE B 221 20.03 -26.01 -2.47
C ILE B 221 20.43 -27.33 -1.80
N LYS B 222 19.84 -27.63 -0.65
CA LYS B 222 20.12 -28.89 0.07
C LYS B 222 19.83 -30.14 -0.74
N LYS B 223 18.97 -30.04 -1.73
CA LYS B 223 18.65 -31.18 -2.59
C LYS B 223 19.74 -31.48 -3.62
N GLN B 224 20.38 -30.46 -4.20
CA GLN B 224 21.59 -30.70 -5.05
C GLN B 224 22.77 -31.12 -4.16
N LEU B 225 22.81 -30.63 -2.94
CA LEU B 225 23.82 -31.07 -1.97
C LEU B 225 23.61 -32.51 -1.48
N ARG B 226 22.35 -32.95 -1.38
CA ARG B 226 22.03 -34.31 -0.94
C ARG B 226 22.43 -35.36 -1.95
N GLU B 227 22.40 -35.02 -3.24
CA GLU B 227 22.83 -35.93 -4.31
C GLU B 227 24.35 -35.99 -4.53
N TRP B 228 25.07 -34.97 -4.06
CA TRP B 228 26.55 -35.04 -3.90
C TRP B 228 26.95 -35.83 -2.63
N ASP B 229 26.18 -35.66 -1.54
CA ASP B 229 26.21 -36.48 -0.30
C ASP B 229 27.53 -36.32 0.46
N ASP B 234 23.61 -36.18 2.97
CA ASP B 234 23.37 -36.71 4.31
C ASP B 234 24.25 -36.00 5.32
N ASP B 235 23.69 -35.01 6.01
CA ASP B 235 24.43 -34.23 7.03
C ASP B 235 23.57 -33.20 7.79
N SER B 236 24.26 -32.35 8.58
CA SER B 236 23.72 -31.08 9.11
C SER B 236 24.63 -29.89 8.75
N LEU B 237 24.00 -28.82 8.26
CA LEU B 237 24.66 -27.60 7.73
C LEU B 237 24.15 -26.38 8.52
N PRO B 238 24.78 -25.20 8.36
CA PRO B 238 24.36 -24.03 9.18
C PRO B 238 22.90 -23.62 9.03
N SER B 239 22.24 -23.38 10.17
CA SER B 239 20.89 -22.80 10.21
C SER B 239 20.83 -21.42 9.54
N ASN B 240 21.86 -20.60 9.78
CA ASN B 240 21.88 -19.21 9.34
C ASN B 240 21.97 -19.08 7.82
N PRO B 241 21.06 -18.29 7.21
CA PRO B 241 21.15 -17.97 5.78
C PRO B 241 22.51 -17.41 5.31
N ILE B 242 23.15 -16.55 6.09
CA ILE B 242 24.48 -16.05 5.74
C ILE B 242 25.48 -17.22 5.67
N ASP B 243 25.58 -17.95 6.77
CA ASP B 243 26.57 -19.03 6.92
C ASP B 243 26.36 -20.09 5.86
N PHE B 244 25.11 -20.54 5.75
CA PHE B 244 24.75 -21.47 4.68
C PHE B 244 25.24 -20.93 3.33
N SER B 245 24.85 -19.72 2.99
CA SER B 245 25.20 -19.14 1.69
C SER B 245 26.71 -19.10 1.42
N TYR B 246 27.51 -18.78 2.44
CA TYR B 246 28.98 -18.78 2.28
C TYR B 246 29.57 -20.18 2.20
N ARG B 247 28.93 -21.13 2.87
CA ARG B 247 29.34 -22.52 2.79
C ARG B 247 29.15 -23.04 1.36
N VAL B 248 27.98 -22.81 0.77
CA VAL B 248 27.71 -23.41 -0.54
C VAL B 248 28.50 -22.67 -1.61
N ALA B 249 28.80 -21.40 -1.37
CA ALA B 249 29.67 -20.60 -2.26
C ALA B 249 31.00 -21.27 -2.52
N ALA B 250 31.57 -21.86 -1.47
CA ALA B 250 32.85 -22.58 -1.55
C ALA B 250 32.79 -23.92 -2.31
N CYS B 251 31.64 -24.59 -2.32
CA CYS B 251 31.44 -25.81 -3.13
C CYS B 251 31.44 -25.56 -4.64
N LEU B 252 31.17 -24.34 -5.07
CA LEU B 252 30.98 -24.10 -6.48
C LEU B 252 32.30 -23.91 -7.23
N PRO B 253 32.58 -24.82 -8.20
CA PRO B 253 33.74 -24.65 -9.07
C PRO B 253 33.39 -23.59 -10.11
N ILE B 254 33.70 -22.35 -9.76
CA ILE B 254 33.46 -21.21 -10.64
C ILE B 254 34.76 -20.42 -10.76
N ASP B 255 34.85 -19.62 -11.82
CA ASP B 255 36.04 -18.79 -12.04
C ASP B 255 36.09 -17.64 -11.04
N ASP B 256 37.30 -17.10 -10.89
CA ASP B 256 37.62 -16.05 -9.91
C ASP B 256 36.71 -14.82 -10.02
N VAL B 257 36.17 -14.55 -11.21
CA VAL B 257 35.40 -13.33 -11.43
C VAL B 257 33.96 -13.44 -10.88
N LEU B 258 33.34 -14.61 -10.99
CA LEU B 258 32.00 -14.84 -10.42
C LEU B 258 32.04 -14.98 -8.90
N ARG B 259 33.03 -15.74 -8.42
CA ARG B 259 33.35 -15.80 -6.99
C ARG B 259 33.23 -14.40 -6.38
N ILE B 260 33.86 -13.41 -7.02
CA ILE B 260 33.80 -12.01 -6.56
C ILE B 260 32.38 -11.44 -6.69
N GLN B 261 31.66 -11.77 -7.76
CA GLN B 261 30.24 -11.37 -7.87
C GLN B 261 29.44 -11.85 -6.67
N LEU B 262 29.62 -13.12 -6.29
CA LEU B 262 28.98 -13.69 -5.11
C LEU B 262 29.38 -13.00 -3.81
N LEU B 263 30.67 -12.74 -3.67
CA LEU B 263 31.20 -12.07 -2.48
C LEU B 263 30.66 -10.66 -2.29
N LYS B 264 30.57 -9.91 -3.39
CA LYS B 264 30.11 -8.54 -3.34
C LYS B 264 28.62 -8.43 -2.99
N ILE B 265 27.82 -9.38 -3.47
CA ILE B 265 26.42 -9.59 -3.02
C ILE B 265 26.40 -9.68 -1.48
N GLY B 266 25.78 -8.70 -0.85
CA GLY B 266 25.80 -8.58 0.62
C GLY B 266 24.64 -9.29 1.29
N SER B 267 23.49 -9.25 0.60
CA SER B 267 22.25 -9.95 0.99
C SER B 267 22.35 -11.46 0.77
N ALA B 268 22.14 -12.24 1.83
CA ALA B 268 22.20 -13.72 1.72
C ALA B 268 21.13 -14.33 0.80
N ILE B 269 19.98 -13.70 0.72
CA ILE B 269 18.91 -14.20 -0.13
C ILE B 269 19.33 -14.14 -1.59
N GLN B 270 19.87 -13.01 -2.03
CA GLN B 270 20.38 -12.90 -3.40
C GLN B 270 21.54 -13.88 -3.69
N ARG B 271 22.36 -14.15 -2.67
CA ARG B 271 23.47 -15.10 -2.75
C ARG B 271 22.95 -16.53 -2.97
N LEU B 272 21.93 -16.92 -2.22
CA LEU B 272 21.30 -18.25 -2.34
C LEU B 272 20.62 -18.46 -3.68
N ARG B 273 19.98 -17.42 -4.21
CA ARG B 273 19.33 -17.51 -5.51
C ARG B 273 20.33 -17.61 -6.65
N CYS B 274 21.34 -16.76 -6.55
CA CYS B 274 22.45 -16.77 -7.46
C CYS B 274 23.17 -18.13 -7.44
N GLU B 275 23.28 -18.75 -6.27
CA GLU B 275 23.90 -20.06 -6.17
C GLU B 275 23.02 -21.16 -6.77
N LEU B 276 21.72 -21.09 -6.52
CA LEU B 276 20.77 -21.98 -7.20
C LEU B 276 20.87 -21.88 -8.70
N ASP B 277 21.00 -20.67 -9.23
CA ASP B 277 21.11 -20.47 -10.66
C ASP B 277 22.34 -21.18 -11.20
N ILE B 278 23.50 -20.85 -10.64
CA ILE B 278 24.79 -21.46 -11.02
C ILE B 278 24.66 -22.98 -11.03
N MET B 279 24.15 -23.53 -9.95
CA MET B 279 23.99 -24.97 -9.82
C MET B 279 23.09 -25.63 -10.87
N ASN B 280 22.04 -24.93 -11.33
CA ASN B 280 21.13 -25.51 -12.32
C ASN B 280 21.64 -25.35 -13.75
N LYS B 281 21.99 -24.11 -14.11
CA LYS B 281 22.50 -23.78 -15.44
C LYS B 281 23.84 -24.47 -15.79
N CYS B 282 24.88 -24.25 -15.00
CA CYS B 282 26.26 -24.70 -15.30
C CYS B 282 26.37 -26.21 -15.10
N THR B 283 26.67 -26.93 -16.19
CA THR B 283 26.63 -28.42 -16.19
C THR B 283 27.86 -29.17 -16.76
N SER B 284 28.65 -28.55 -17.64
CA SER B 284 29.95 -29.08 -18.04
C SER B 284 31.05 -28.29 -17.36
N LEU B 285 32.26 -28.84 -17.39
CA LEU B 285 33.44 -28.18 -16.85
C LEU B 285 34.59 -28.48 -17.81
N CYS B 286 35.33 -27.44 -18.20
CA CYS B 286 36.37 -27.54 -19.23
C CYS B 286 37.74 -27.01 -18.82
N CYS B 287 38.72 -27.28 -19.68
CA CYS B 287 40.08 -26.82 -19.50
C CYS B 287 40.07 -25.33 -19.77
N LYS B 288 40.39 -24.53 -18.77
CA LYS B 288 40.42 -23.07 -18.88
C LYS B 288 41.33 -22.58 -19.99
N GLN B 289 42.43 -23.28 -20.26
CA GLN B 289 43.39 -22.84 -21.27
C GLN B 289 42.90 -23.09 -22.70
N CYS B 290 42.56 -24.32 -23.06
CA CYS B 290 42.20 -24.64 -24.45
C CYS B 290 40.89 -24.02 -24.84
N GLN B 291 39.99 -24.01 -23.87
CA GLN B 291 38.62 -23.51 -23.97
C GLN B 291 37.61 -24.53 -24.57
N GLU B 292 38.07 -25.62 -25.18
CA GLU B 292 37.15 -26.62 -25.74
C GLU B 292 37.72 -28.04 -25.58
N THR B 293 37.54 -28.56 -24.37
CA THR B 293 37.90 -29.93 -24.01
C THR B 293 37.15 -30.24 -22.75
N GLU B 294 36.12 -31.08 -22.84
CA GLU B 294 35.23 -31.30 -21.71
C GLU B 294 35.85 -32.26 -20.70
N ILE B 295 36.26 -31.73 -19.55
CA ILE B 295 36.92 -32.56 -18.52
C ILE B 295 35.91 -33.38 -17.71
N THR B 296 34.81 -32.77 -17.29
CA THR B 296 33.74 -33.51 -16.57
C THR B 296 32.39 -32.79 -16.56
N THR B 297 31.42 -33.41 -15.87
CA THR B 297 30.07 -32.87 -15.75
C THR B 297 29.59 -32.79 -14.29
N LYS B 298 28.54 -32.00 -14.07
CA LYS B 298 27.84 -31.87 -12.79
C LYS B 298 27.41 -33.23 -12.23
N ASN B 299 26.98 -34.14 -13.12
CA ASN B 299 26.58 -35.50 -12.72
C ASN B 299 27.63 -36.24 -11.91
N GLU B 300 28.89 -35.92 -12.19
CA GLU B 300 30.03 -36.62 -11.61
C GLU B 300 30.51 -36.02 -10.31
N ILE B 301 30.17 -34.76 -10.02
CA ILE B 301 30.60 -34.12 -8.78
C ILE B 301 30.11 -34.89 -7.57
N PHE B 302 30.97 -35.04 -6.56
CA PHE B 302 30.58 -35.70 -5.32
C PHE B 302 31.51 -35.30 -4.17
N SER B 303 31.03 -35.53 -2.95
CA SER B 303 31.73 -35.07 -1.74
C SER B 303 32.43 -36.17 -0.95
N LEU B 304 33.76 -36.05 -0.86
CA LEU B 304 34.59 -36.79 0.10
C LEU B 304 34.99 -35.97 1.31
N SER B 305 34.82 -34.65 1.26
CA SER B 305 35.06 -33.78 2.42
C SER B 305 33.73 -33.43 3.05
N LEU B 306 33.75 -33.34 4.37
CA LEU B 306 32.61 -32.80 5.10
C LEU B 306 32.29 -31.37 4.69
N CYS B 307 33.34 -30.63 4.35
CA CYS B 307 33.22 -29.28 3.76
C CYS B 307 32.35 -29.25 2.49
N GLY B 308 32.56 -30.22 1.60
CA GLY B 308 31.79 -30.33 0.36
C GLY B 308 32.56 -30.99 -0.79
N PRO B 309 32.07 -30.83 -2.03
CA PRO B 309 32.77 -31.42 -3.17
C PRO B 309 34.07 -30.71 -3.53
N MET B 310 34.25 -29.47 -3.07
CA MET B 310 35.49 -28.73 -3.32
C MET B 310 36.03 -28.09 -2.05
N ALA B 311 37.36 -28.00 -1.97
CA ALA B 311 38.06 -27.50 -0.79
C ALA B 311 39.52 -27.17 -1.11
N ALA B 312 40.07 -26.29 -0.28
CA ALA B 312 41.43 -25.77 -0.43
C ALA B 312 42.41 -26.69 0.31
N TYR B 313 43.48 -27.10 -0.38
CA TYR B 313 44.56 -27.89 0.22
C TYR B 313 45.88 -27.26 -0.21
N VAL B 314 46.90 -27.33 0.65
CA VAL B 314 48.24 -26.84 0.25
C VAL B 314 49.09 -28.00 -0.18
N ASN B 315 49.94 -27.74 -1.18
CA ASN B 315 50.89 -28.74 -1.63
C ASN B 315 52.19 -28.57 -0.84
N PRO B 316 53.21 -29.40 -1.11
CA PRO B 316 54.43 -29.33 -0.32
C PRO B 316 55.16 -27.99 -0.34
N HIS B 317 55.02 -27.26 -1.45
CA HIS B 317 55.70 -25.99 -1.65
C HIS B 317 54.91 -24.76 -1.20
N GLY B 318 53.69 -24.98 -0.69
CA GLY B 318 52.85 -23.92 -0.18
C GLY B 318 51.93 -23.28 -1.21
N TYR B 319 51.78 -23.92 -2.36
CA TYR B 319 50.78 -23.55 -3.35
C TYR B 319 49.46 -24.13 -2.87
N VAL B 320 48.44 -23.27 -2.76
CA VAL B 320 47.10 -23.72 -2.38
C VAL B 320 46.33 -24.12 -3.64
N HIS B 321 45.62 -25.24 -3.57
CA HIS B 321 44.77 -25.72 -4.67
C HIS B 321 43.39 -25.99 -4.14
N GLU B 322 42.38 -25.43 -4.80
CA GLU B 322 41.00 -25.73 -4.47
C GLU B 322 40.56 -26.88 -5.37
N THR B 323 40.35 -28.05 -4.77
CA THR B 323 40.24 -29.25 -5.57
C THR B 323 38.85 -29.88 -5.43
N LEU B 324 38.14 -29.89 -6.57
CA LEU B 324 36.83 -30.46 -6.70
C LEU B 324 36.98 -31.95 -6.98
N THR B 325 36.40 -32.77 -6.11
CA THR B 325 36.37 -34.22 -6.29
C THR B 325 35.21 -34.68 -7.19
N VAL B 326 35.50 -35.44 -8.25
CA VAL B 326 34.48 -36.03 -9.14
C VAL B 326 34.74 -37.51 -9.35
N TYR B 327 33.70 -38.26 -9.73
CA TYR B 327 33.83 -39.71 -9.94
C TYR B 327 34.55 -40.08 -11.21
N LYS B 328 34.25 -39.35 -12.29
CA LYS B 328 34.82 -39.59 -13.62
C LYS B 328 35.34 -38.31 -14.27
N ALA B 329 36.45 -38.45 -14.98
CA ALA B 329 36.98 -37.36 -15.79
C ALA B 329 37.42 -37.93 -17.12
N CYS B 330 37.53 -37.04 -18.09
CA CYS B 330 37.85 -37.41 -19.46
C CYS B 330 38.91 -36.51 -20.03
N ASN B 331 39.52 -36.97 -21.12
CA ASN B 331 40.55 -36.25 -21.86
C ASN B 331 41.70 -35.77 -20.99
N LEU B 332 42.05 -36.60 -20.02
CA LEU B 332 43.19 -36.34 -19.17
C LEU B 332 44.22 -37.40 -19.48
N ASN B 333 45.49 -37.00 -19.47
CA ASN B 333 46.59 -37.92 -19.60
C ASN B 333 47.26 -37.94 -18.24
N LEU B 334 47.68 -39.13 -17.82
CA LEU B 334 48.27 -39.36 -16.51
C LEU B 334 49.77 -39.52 -16.68
N ILE B 335 50.55 -38.66 -16.04
CA ILE B 335 51.99 -38.77 -16.20
C ILE B 335 52.60 -38.99 -14.83
N GLY B 336 53.76 -39.62 -14.81
CA GLY B 336 54.37 -40.08 -13.56
C GLY B 336 53.65 -41.27 -12.95
N ARG B 337 54.13 -41.74 -11.80
CA ARG B 337 53.55 -42.91 -11.15
C ARG B 337 52.93 -42.62 -9.77
N PRO B 338 51.90 -43.42 -9.39
CA PRO B 338 51.12 -43.09 -8.21
C PRO B 338 51.97 -42.94 -6.97
N SER B 339 51.62 -41.98 -6.13
CA SER B 339 52.37 -41.67 -4.92
C SER B 339 51.39 -41.30 -3.86
N THR B 340 51.71 -41.68 -2.63
CA THR B 340 50.94 -41.35 -1.44
C THR B 340 51.62 -40.22 -0.66
N GLU B 341 52.70 -39.66 -1.22
CA GLU B 341 53.51 -38.67 -0.54
C GLU B 341 52.71 -37.39 -0.47
N HIS B 342 52.47 -36.94 0.76
CA HIS B 342 51.80 -35.65 1.00
C HIS B 342 50.35 -35.64 0.54
N SER B 343 49.75 -36.82 0.40
CA SER B 343 48.42 -36.92 -0.15
C SER B 343 47.40 -36.27 0.79
N TRP B 344 46.51 -35.51 0.19
CA TRP B 344 45.50 -34.74 0.88
C TRP B 344 44.31 -35.58 1.32
N PHE B 345 44.19 -36.75 0.70
CA PHE B 345 43.15 -37.71 1.02
C PHE B 345 43.86 -38.99 1.44
N PRO B 346 44.11 -39.18 2.75
CA PRO B 346 44.81 -40.37 3.21
C PRO B 346 44.15 -41.67 2.81
N GLY B 347 44.97 -42.64 2.42
CA GLY B 347 44.49 -43.88 1.86
C GLY B 347 44.59 -43.91 0.35
N TYR B 348 44.44 -42.75 -0.28
CA TYR B 348 44.57 -42.61 -1.71
C TYR B 348 45.96 -42.10 -2.12
N ALA B 349 46.41 -42.57 -3.28
CA ALA B 349 47.60 -42.10 -3.95
C ALA B 349 47.19 -41.23 -5.11
N TRP B 350 48.05 -40.29 -5.45
CA TRP B 350 47.77 -39.31 -6.49
C TRP B 350 48.66 -39.49 -7.71
N THR B 351 48.08 -39.28 -8.88
CA THR B 351 48.82 -39.26 -10.15
C THR B 351 48.48 -37.97 -10.84
N VAL B 352 49.47 -37.27 -11.38
CA VAL B 352 49.25 -36.00 -12.06
C VAL B 352 48.44 -36.21 -13.34
N ALA B 353 47.39 -35.40 -13.54
CA ALA B 353 46.55 -35.43 -14.73
C ALA B 353 46.66 -34.11 -15.49
N GLN B 354 46.86 -34.18 -16.82
CA GLN B 354 46.85 -32.97 -17.67
C GLN B 354 45.91 -33.05 -18.88
N CYS B 355 45.54 -31.88 -19.42
CA CYS B 355 44.68 -31.74 -20.60
C CYS B 355 45.41 -32.38 -21.77
N LYS B 356 44.86 -33.51 -22.21
CA LYS B 356 45.15 -34.17 -23.47
C LYS B 356 45.60 -33.24 -24.63
N ILE B 357 44.94 -32.09 -24.76
CA ILE B 357 45.19 -31.16 -25.86
C ILE B 357 46.36 -30.21 -25.62
N CYS B 358 46.28 -29.44 -24.54
CA CYS B 358 47.22 -28.34 -24.26
C CYS B 358 48.24 -28.59 -23.15
N ALA B 359 48.17 -29.74 -22.50
CA ALA B 359 49.14 -30.11 -21.46
C ALA B 359 48.91 -29.45 -20.10
N SER B 360 47.85 -28.69 -19.94
CA SER B 360 47.62 -27.95 -18.69
C SER B 360 47.40 -28.90 -17.54
N HIS B 361 48.11 -28.69 -16.44
CA HIS B 361 47.82 -29.39 -15.21
C HIS B 361 46.40 -29.10 -14.70
N ILE B 362 45.49 -30.03 -15.01
CA ILE B 362 44.08 -29.96 -14.60
C ILE B 362 43.87 -30.43 -13.15
N GLY B 363 44.74 -31.29 -12.64
CA GLY B 363 44.57 -31.89 -11.30
C GLY B 363 45.26 -33.25 -11.14
N TRP B 364 44.57 -34.17 -10.45
CA TRP B 364 45.15 -35.46 -10.12
C TRP B 364 44.09 -36.55 -10.12
N LYS B 365 44.46 -37.71 -10.63
CA LYS B 365 43.69 -38.94 -10.44
C LYS B 365 44.09 -39.55 -9.10
N PHE B 366 43.11 -39.80 -8.23
CA PHE B 366 43.34 -40.50 -6.94
C PHE B 366 42.92 -41.96 -7.05
N THR B 367 43.75 -42.84 -6.46
CA THR B 367 43.62 -44.30 -6.58
C THR B 367 43.86 -44.97 -5.21
N ALA B 368 42.99 -45.92 -4.85
CA ALA B 368 43.05 -46.62 -3.55
C ALA B 368 44.33 -47.42 -3.36
N THR B 369 44.80 -47.50 -2.11
CA THR B 369 45.99 -48.30 -1.76
C THR B 369 45.60 -49.65 -1.14
N LYS B 370 44.50 -49.68 -0.40
CA LYS B 370 43.89 -50.93 0.12
C LYS B 370 42.71 -51.32 -0.78
N LYS B 371 42.55 -52.62 -1.03
CA LYS B 371 41.63 -53.12 -2.05
C LYS B 371 40.15 -53.23 -1.62
N ASP B 372 39.84 -52.74 -0.44
CA ASP B 372 38.48 -52.80 0.07
C ASP B 372 37.84 -51.44 0.17
N MET B 373 38.63 -50.39 0.03
CA MET B 373 38.16 -49.04 0.13
C MET B 373 37.21 -48.73 -0.96
N SER B 374 36.26 -47.86 -0.70
CA SER B 374 35.35 -47.42 -1.73
C SER B 374 35.18 -45.94 -1.49
N PRO B 375 35.18 -45.05 -2.55
CA PRO B 375 35.40 -45.58 -3.89
C PRO B 375 36.85 -45.89 -4.19
N GLN B 376 37.08 -46.78 -5.14
CA GLN B 376 38.41 -47.20 -5.57
C GLN B 376 39.21 -46.12 -6.25
N LYS B 377 38.55 -45.32 -7.06
CA LYS B 377 39.25 -44.24 -7.72
C LYS B 377 38.35 -43.06 -7.96
N PHE B 378 38.98 -41.91 -8.11
CA PHE B 378 38.28 -40.65 -8.36
C PHE B 378 39.29 -39.61 -8.79
N TRP B 379 38.79 -38.52 -9.35
CA TRP B 379 39.64 -37.44 -9.83
C TRP B 379 39.43 -36.23 -8.93
N GLY B 380 40.54 -35.56 -8.58
CA GLY B 380 40.53 -34.28 -7.84
C GLY B 380 41.08 -33.24 -8.79
N LEU B 381 40.21 -32.32 -9.22
CA LEU B 381 40.51 -31.35 -10.29
C LEU B 381 40.63 -29.95 -9.71
N THR B 382 41.69 -29.26 -10.08
CA THR B 382 42.05 -28.01 -9.45
C THR B 382 41.26 -26.86 -10.09
N ARG B 383 40.52 -26.12 -9.26
CA ARG B 383 39.58 -25.05 -9.68
C ARG B 383 40.14 -24.08 -10.71
N SER B 384 41.32 -23.54 -10.47
CA SER B 384 41.91 -22.55 -11.40
C SER B 384 42.06 -23.01 -12.86
N ALA B 385 42.22 -24.32 -13.04
CA ALA B 385 42.38 -24.96 -14.36
C ALA B 385 41.08 -25.26 -15.07
N LEU B 386 39.97 -25.11 -14.37
CA LEU B 386 38.64 -25.45 -14.88
C LEU B 386 37.89 -24.24 -15.39
N LEU B 387 36.76 -24.47 -16.06
CA LEU B 387 35.93 -23.40 -16.60
C LEU B 387 34.50 -23.90 -16.80
N PRO B 388 33.56 -23.50 -15.89
CA PRO B 388 32.20 -24.01 -16.03
C PRO B 388 31.49 -23.38 -17.20
N THR B 389 30.66 -24.17 -17.87
CA THR B 389 29.99 -23.78 -19.10
C THR B 389 28.51 -24.17 -19.04
N ILE B 390 27.68 -23.42 -19.77
CA ILE B 390 26.28 -23.81 -20.05
C ILE B 390 26.24 -24.24 -21.53
N PRO B 391 25.62 -25.42 -21.83
CA PRO B 391 25.76 -26.08 -23.16
C PRO B 391 25.15 -25.31 -24.35
N ASP B 392 25.23 -25.93 -25.53
CA ASP B 392 24.83 -25.32 -26.81
C ASP B 392 25.90 -24.32 -27.25
#